data_9H8V
#
_entry.id   9H8V
#
_cell.length_a   1.00
_cell.length_b   1.00
_cell.length_c   1.00
_cell.angle_alpha   90.00
_cell.angle_beta   90.00
_cell.angle_gamma   90.00
#
_symmetry.space_group_name_H-M   'P 1'
#
_entity_poly.entity_id   1
_entity_poly.type   'polypeptide(L)'
_entity_poly.pdbx_seq_one_letter_code
;ETFVMDDYGKKSTFASFLPGIAGIRGIPIWCYYVNRGQCVVSFGVDNKDHAIMEFYPAHQAYQNVKTTGFRTFLKKNGTV
FEPFSDENITHRMQIHMNGLAIEEQNRSSGMDTKVVYYTLPGENVGALVRVVSVTNQSGEPIELELIDGMPAVIPYGVSM
DSMKNMGQTAKAWMQVEDLSEGLPYYRVRASMDDTAAVRRIDGGNFSACCEADGRRLQPIVDPSLIFSYDLSLKRPVGFE
ERPLKELLLEEQMTQNLLPCSFYGITRTLAPGGSVTLYELIGQVENKQLLKEYFAEKKDAAYFEAKKREADELAEALTDG
IRTRTASAAFDAYCRYTYMDNVLRGGYPMQLGNNKIFYVYSRKHGDLERDYNYFSMLPEFYSQGNGNFRDVNQNRRCDTF
FAPFVGRKNIQEFYSLIQLDGYNPLGVEKLTYRLSKERAKKLLTDVKEEQRSALIDFATKPFTPGALCRKFGEVFGDTWD
ETLFIRVIDFAEEMVNGSFGEGYWSDHWTYNLDLILDYLSVFPEQEKEMLYEEVYTTFLSRINVNRRFRRYVETENGLRQ
YRALNEASRRAAAAEKLVRTEYGSGDVLTMTLMEKLILLGAVKFATLDAYGMGIEMEGGKPGWYDALNGMPGLFGSSMAE
TYELARMLSYTIEALKQYPGEVALIEELGCFLDELNLITRLEHDNIMRDEELLSFWNRINDAKEIYRDKTYQGVSGKKMV
YHTEQLAAILEGFLEIVTCGIKKARRISGEICPTYFTYEVPEYEKLKDGGIRPLKFVPQNMPYFLEGPVRYLKLPVEQGE
KRALYEAVKESDLYDGELSMYKVNASLADSSFELGRARAFTPGWLENESIWLHMEYKYLLELLRSGLYEEFFADFKKAAI
PFQNPEIYGRSIYENSSFIASSRNPNPSCRGRGFVARLSGSTIEFISMWKEMMFGAHPFRTEQEELVFSLAPAIPAYLIP
EDGRLSAAFMSKTTVCYEFGGHRDYVPGTYRIRHMVFFYENGSQATVEGEKVSGKLAEDIRAGRVRKMEVAVDLEHHHH
;
_entity_poly.pdbx_strand_id   A,B
#
# COMPACT_ATOMS: atom_id res chain seq x y z
N GLU A 1 27.84 29.01 -8.86
CA GLU A 1 27.37 27.82 -9.56
C GLU A 1 26.73 26.84 -8.58
N THR A 2 27.06 26.97 -7.31
CA THR A 2 26.56 26.10 -6.26
C THR A 2 25.81 26.91 -5.22
N PHE A 3 24.73 26.35 -4.69
CA PHE A 3 23.95 26.99 -3.65
C PHE A 3 24.36 26.44 -2.30
N VAL A 4 24.64 27.34 -1.36
CA VAL A 4 25.11 26.98 -0.03
C VAL A 4 24.07 27.42 1.00
N MET A 5 23.62 26.49 1.81
CA MET A 5 22.64 26.76 2.86
C MET A 5 23.26 26.39 4.20
N ASP A 6 23.46 27.38 5.05
CA ASP A 6 24.05 27.17 6.36
C ASP A 6 22.97 26.83 7.38
N ASP A 7 23.29 25.90 8.27
CA ASP A 7 22.37 25.45 9.32
C ASP A 7 21.03 25.03 8.72
N TYR A 8 21.11 24.21 7.67
CA TYR A 8 19.91 23.77 6.97
C TYR A 8 18.99 22.95 7.87
N GLY A 9 19.52 22.36 8.93
CA GLY A 9 18.67 21.59 9.83
C GLY A 9 17.64 22.43 10.55
N LYS A 10 17.92 23.71 10.73
CA LYS A 10 16.97 24.63 11.37
C LYS A 10 16.10 25.38 10.38
N LYS A 11 16.38 25.26 9.08
CA LYS A 11 15.62 26.00 8.08
C LYS A 11 14.34 25.25 7.75
N SER A 12 13.50 25.88 6.92
CA SER A 12 12.28 25.23 6.46
C SER A 12 12.63 24.01 5.61
N THR A 13 11.81 22.97 5.74
CA THR A 13 12.07 21.73 5.02
C THR A 13 11.81 21.91 3.53
N PHE A 14 12.63 21.25 2.72
CA PHE A 14 12.37 21.16 1.29
C PHE A 14 12.88 19.80 0.81
N ALA A 15 12.22 19.27 -0.21
CA ALA A 15 12.62 18.02 -0.83
C ALA A 15 13.25 18.29 -2.19
N SER A 16 14.22 17.47 -2.56
CA SER A 16 14.91 17.61 -3.81
C SER A 16 15.44 16.24 -4.22
N PHE A 17 16.23 16.22 -5.29
CA PHE A 17 16.74 14.95 -5.80
C PHE A 17 17.97 15.21 -6.67
N LEU A 18 18.84 14.22 -6.71
CA LEU A 18 19.89 14.24 -7.72
C LEU A 18 19.28 13.98 -9.09
N PRO A 19 19.81 14.58 -10.15
CA PRO A 19 19.17 14.46 -11.47
C PRO A 19 19.13 13.04 -11.99
N GLY A 20 19.95 12.14 -11.47
CA GLY A 20 19.98 10.78 -11.97
C GLY A 20 20.53 10.69 -13.38
N ILE A 21 21.63 11.38 -13.63
CA ILE A 21 22.31 11.34 -14.92
C ILE A 21 23.57 10.50 -14.75
N ALA A 22 23.62 9.37 -15.46
CA ALA A 22 24.78 8.49 -15.43
C ALA A 22 25.57 8.54 -16.72
N GLY A 23 25.25 9.46 -17.61
CA GLY A 23 25.91 9.54 -18.90
C GLY A 23 25.23 8.68 -19.94
N ILE A 24 25.73 8.79 -21.18
CA ILE A 24 25.13 8.06 -22.28
C ILE A 24 25.37 6.57 -22.14
N ARG A 25 26.46 6.18 -21.47
CA ARG A 25 26.81 4.78 -21.28
C ARG A 25 26.88 4.44 -19.79
N GLY A 26 25.89 4.90 -19.04
CA GLY A 26 25.81 4.61 -17.62
C GLY A 26 24.42 4.16 -17.23
N ILE A 27 24.30 3.71 -15.99
CA ILE A 27 23.04 3.21 -15.44
C ILE A 27 22.52 4.25 -14.46
N PRO A 28 21.48 5.00 -14.80
CA PRO A 28 20.96 6.01 -13.88
C PRO A 28 20.23 5.40 -12.71
N ILE A 29 20.25 6.11 -11.58
CA ILE A 29 19.50 5.73 -10.40
C ILE A 29 18.73 6.94 -9.90
N TRP A 30 17.66 6.68 -9.15
CA TRP A 30 16.88 7.74 -8.53
C TRP A 30 17.31 7.89 -7.08
N CYS A 31 17.55 9.13 -6.66
CA CYS A 31 18.00 9.42 -5.31
C CYS A 31 17.37 10.74 -4.87
N TYR A 32 16.49 10.68 -3.88
CA TYR A 32 15.82 11.86 -3.35
C TYR A 32 16.44 12.27 -2.03
N TYR A 33 16.53 13.57 -1.80
CA TYR A 33 17.16 14.06 -0.59
C TYR A 33 16.39 15.25 -0.02
N VAL A 34 16.48 15.41 1.30
CA VAL A 34 15.87 16.51 2.03
C VAL A 34 16.95 17.21 2.84
N ASN A 35 16.59 18.33 3.44
CA ASN A 35 17.56 19.12 4.21
C ASN A 35 17.46 18.80 5.70
N ARG A 36 17.64 17.53 6.03
CA ARG A 36 17.66 17.09 7.42
C ARG A 36 18.62 15.92 7.54
N GLY A 37 19.35 15.86 8.66
CA GLY A 37 20.29 14.77 8.87
C GLY A 37 21.38 14.77 7.81
N GLN A 38 21.78 13.56 7.40
CA GLN A 38 22.73 13.40 6.32
C GLN A 38 22.08 13.52 4.94
N CYS A 39 20.84 13.98 4.91
CA CYS A 39 20.11 14.55 3.79
C CYS A 39 19.57 13.54 2.79
N VAL A 40 20.03 12.30 2.77
CA VAL A 40 19.59 11.34 1.76
C VAL A 40 18.63 10.36 2.41
N VAL A 41 17.42 10.28 1.86
CA VAL A 41 16.35 9.53 2.51
C VAL A 41 15.84 8.36 1.69
N SER A 42 16.00 8.37 0.35
CA SER A 42 15.52 7.26 -0.45
C SER A 42 16.29 7.22 -1.75
N PHE A 43 16.72 6.02 -2.16
CA PHE A 43 17.35 5.86 -3.46
C PHE A 43 17.26 4.39 -3.87
N GLY A 44 17.06 4.18 -5.16
CA GLY A 44 16.96 2.83 -5.72
C GLY A 44 17.49 2.85 -7.13
N VAL A 45 16.91 2.01 -7.99
CA VAL A 45 17.43 1.87 -9.35
C VAL A 45 16.34 2.13 -10.38
N ASP A 46 15.25 1.38 -10.32
CA ASP A 46 14.23 1.42 -11.35
C ASP A 46 12.97 2.14 -10.93
N ASN A 47 12.38 1.75 -9.81
CA ASN A 47 11.15 2.36 -9.32
C ASN A 47 11.07 2.12 -7.82
N LYS A 48 9.90 2.39 -7.24
CA LYS A 48 9.74 2.24 -5.80
C LYS A 48 9.88 0.78 -5.36
N ASP A 49 9.69 -0.16 -6.26
CA ASP A 49 9.79 -1.58 -5.93
C ASP A 49 11.22 -2.10 -5.99
N HIS A 50 12.17 -1.29 -6.44
CA HIS A 50 13.58 -1.67 -6.47
C HIS A 50 14.41 -0.67 -5.69
N ALA A 51 13.92 -0.25 -4.54
CA ALA A 51 14.62 0.71 -3.71
C ALA A 51 15.69 0.04 -2.88
N ILE A 52 16.83 0.72 -2.74
CA ILE A 52 17.85 0.28 -1.81
C ILE A 52 17.60 0.86 -0.43
N MET A 53 17.30 2.15 -0.37
CA MET A 53 16.80 2.79 0.83
C MET A 53 15.32 3.06 0.64
N GLU A 54 14.51 2.69 1.63
CA GLU A 54 13.07 2.68 1.45
C GLU A 54 12.53 4.06 1.07
N PHE A 55 11.63 4.07 0.09
CA PHE A 55 11.01 5.31 -0.35
C PHE A 55 9.97 5.77 0.66
N TYR A 56 10.00 7.06 0.97
CA TYR A 56 9.01 7.67 1.85
C TYR A 56 8.44 8.91 1.19
N PRO A 57 7.18 9.24 1.42
CA PRO A 57 6.66 10.56 1.04
C PRO A 57 7.38 11.65 1.82
N ALA A 58 7.13 12.89 1.41
CA ALA A 58 7.89 14.01 1.94
C ALA A 58 7.75 14.13 3.45
N HIS A 59 6.53 13.96 3.97
CA HIS A 59 6.32 14.05 5.41
C HIS A 59 7.11 12.97 6.15
N GLN A 60 6.95 11.72 5.71
CA GLN A 60 7.69 10.63 6.33
C GLN A 60 9.18 10.76 6.08
N ALA A 61 9.57 11.32 4.93
CA ALA A 61 10.99 11.54 4.67
C ALA A 61 11.59 12.52 5.67
N TYR A 62 10.88 13.62 5.94
CA TYR A 62 11.35 14.55 6.96
C TYR A 62 11.40 13.88 8.32
N GLN A 63 10.40 13.06 8.63
CA GLN A 63 10.32 12.47 9.96
C GLN A 63 11.32 11.33 10.18
N ASN A 64 11.80 10.68 9.11
CA ASN A 64 12.59 9.47 9.25
C ASN A 64 14.04 9.60 8.79
N VAL A 65 14.42 10.69 8.13
CA VAL A 65 15.75 10.76 7.54
C VAL A 65 16.83 10.68 8.62
N LYS A 66 16.58 11.27 9.78
CA LYS A 66 17.55 11.20 10.87
C LYS A 66 17.69 9.80 11.45
N THR A 67 16.80 8.87 11.09
CA THR A 67 16.87 7.49 11.58
C THR A 67 17.17 6.49 10.48
N THR A 68 16.39 6.48 9.40
CA THR A 68 16.56 5.51 8.33
C THR A 68 17.53 5.98 7.26
N GLY A 69 18.02 7.21 7.34
CA GLY A 69 19.01 7.70 6.41
C GLY A 69 20.40 7.27 6.82
N PHE A 70 21.39 7.81 6.10
CA PHE A 70 22.78 7.48 6.40
C PHE A 70 23.17 7.98 7.78
N ARG A 71 23.96 7.18 8.49
CA ARG A 71 24.39 7.50 9.84
C ARG A 71 25.90 7.48 9.92
N THR A 72 26.43 8.22 10.89
CA THR A 72 27.87 8.25 11.12
C THR A 72 28.11 8.42 12.61
N PHE A 73 28.96 7.57 13.18
CA PHE A 73 29.24 7.60 14.60
C PHE A 73 30.75 7.69 14.80
N LEU A 74 31.18 8.71 15.53
CA LEU A 74 32.59 8.93 15.81
C LEU A 74 32.84 8.69 17.30
N LYS A 75 33.80 7.81 17.60
CA LYS A 75 34.19 7.55 18.98
C LYS A 75 35.53 8.24 19.21
N LYS A 76 35.52 9.31 19.99
CA LYS A 76 36.72 10.09 20.29
C LYS A 76 37.08 9.85 21.75
N ASN A 77 38.12 9.04 21.96
CA ASN A 77 38.63 8.76 23.30
C ASN A 77 37.54 8.21 24.22
N GLY A 78 36.64 7.40 23.67
CA GLY A 78 35.65 6.73 24.47
C GLY A 78 34.22 7.18 24.26
N THR A 79 34.01 8.49 24.12
CA THR A 79 32.67 9.02 23.93
C THR A 79 32.30 9.02 22.45
N VAL A 80 31.01 8.90 22.16
CA VAL A 80 30.50 8.75 20.82
C VAL A 80 29.78 10.02 20.40
N PHE A 81 30.13 10.55 19.24
CA PHE A 81 29.48 11.70 18.65
C PHE A 81 28.81 11.30 17.35
N GLU A 82 27.65 11.86 17.08
CA GLU A 82 26.94 11.60 15.82
C GLU A 82 26.84 12.89 15.02
N PRO A 83 27.62 13.04 13.95
CA PRO A 83 27.50 14.24 13.12
C PRO A 83 26.13 14.33 12.47
N PHE A 84 25.71 15.56 12.19
CA PHE A 84 24.46 15.85 11.51
C PHE A 84 23.24 15.35 12.28
N SER A 85 23.36 15.29 13.60
CA SER A 85 22.23 14.93 14.45
C SER A 85 21.78 16.05 15.36
N ASP A 86 22.66 16.99 15.69
CA ASP A 86 22.33 18.15 16.52
C ASP A 86 22.37 19.39 15.63
N GLU A 87 21.24 20.09 15.54
CA GLU A 87 21.19 21.27 14.69
C GLU A 87 21.94 22.45 15.28
N ASN A 88 22.23 22.43 16.59
CA ASN A 88 23.00 23.51 17.19
C ASN A 88 24.46 23.49 16.75
N ILE A 89 24.93 22.38 16.22
CA ILE A 89 26.28 22.29 15.69
C ILE A 89 26.31 22.90 14.29
N THR A 90 27.34 23.69 14.02
CA THR A 90 27.44 24.36 12.72
C THR A 90 27.55 23.34 11.61
N HIS A 91 26.55 23.34 10.72
CA HIS A 91 26.55 22.46 9.57
C HIS A 91 26.22 23.26 8.32
N ARG A 92 26.44 22.64 7.16
CA ARG A 92 26.36 23.34 5.90
C ARG A 92 26.02 22.35 4.79
N MET A 93 25.32 22.83 3.78
CA MET A 93 24.95 22.01 2.63
C MET A 93 25.29 22.75 1.36
N GLN A 94 26.00 22.08 0.45
CA GLN A 94 26.33 22.63 -0.86
C GLN A 94 25.63 21.79 -1.92
N ILE A 95 24.88 22.44 -2.79
CA ILE A 95 24.08 21.78 -3.81
C ILE A 95 24.69 22.07 -5.17
N HIS A 96 25.09 21.03 -5.88
CA HIS A 96 25.51 21.13 -7.27
C HIS A 96 24.39 20.67 -8.18
N MET A 97 24.57 20.88 -9.48
CA MET A 97 23.58 20.41 -10.44
C MET A 97 23.47 18.89 -10.41
N ASN A 98 24.60 18.21 -10.26
CA ASN A 98 24.64 16.75 -10.23
C ASN A 98 25.49 16.26 -9.07
N GLY A 99 25.25 16.83 -7.88
CA GLY A 99 25.99 16.42 -6.71
C GLY A 99 25.44 17.11 -5.48
N LEU A 100 25.89 16.61 -4.32
CA LEU A 100 25.46 17.14 -3.03
C LEU A 100 26.56 16.90 -2.01
N ALA A 101 26.92 17.96 -1.28
CA ALA A 101 27.94 17.87 -0.25
C ALA A 101 27.44 18.54 1.02
N ILE A 102 27.69 17.90 2.16
CA ILE A 102 27.34 18.45 3.46
C ILE A 102 28.57 18.45 4.35
N GLU A 103 28.60 19.39 5.29
CA GLU A 103 29.72 19.53 6.20
C GLU A 103 29.19 19.80 7.61
N GLU A 104 29.99 19.43 8.60
CA GLU A 104 29.71 19.76 9.98
C GLU A 104 31.01 20.11 10.67
N GLN A 105 31.03 21.21 11.41
CA GLN A 105 32.22 21.69 12.11
C GLN A 105 31.89 21.73 13.60
N ASN A 106 32.12 20.62 14.28
CA ASN A 106 31.84 20.50 15.71
C ASN A 106 33.08 20.99 16.47
N ARG A 107 32.99 22.19 17.03
CA ARG A 107 34.10 22.73 17.80
C ARG A 107 34.29 22.00 19.12
N SER A 108 33.20 21.49 19.70
CA SER A 108 33.30 20.79 20.98
C SER A 108 34.14 19.53 20.85
N SER A 109 33.82 18.69 19.86
CA SER A 109 34.58 17.47 19.65
C SER A 109 35.85 17.69 18.84
N GLY A 110 36.00 18.85 18.20
CA GLY A 110 37.19 19.12 17.42
C GLY A 110 37.32 18.30 16.17
N MET A 111 36.21 17.78 15.64
CA MET A 111 36.22 16.96 14.45
C MET A 111 35.29 17.54 13.40
N ASP A 112 35.72 17.51 12.15
CA ASP A 112 34.92 17.99 11.03
C ASP A 112 34.55 16.81 10.14
N THR A 113 33.27 16.72 9.80
CA THR A 113 32.75 15.64 8.98
C THR A 113 32.26 16.22 7.66
N LYS A 114 32.63 15.58 6.56
CA LYS A 114 32.20 16.00 5.23
C LYS A 114 31.71 14.79 4.47
N VAL A 115 30.52 14.89 3.88
CA VAL A 115 29.92 13.81 3.12
C VAL A 115 29.60 14.34 1.73
N VAL A 116 30.00 13.60 0.70
CA VAL A 116 29.79 13.97 -0.69
C VAL A 116 29.00 12.86 -1.36
N TYR A 117 27.92 13.23 -2.03
CA TYR A 117 27.10 12.30 -2.78
C TYR A 117 27.17 12.60 -4.27
N TYR A 118 27.12 11.55 -5.08
CA TYR A 118 26.91 11.69 -6.52
C TYR A 118 26.61 10.31 -7.10
N THR A 119 25.73 10.29 -8.10
CA THR A 119 25.42 9.06 -8.80
C THR A 119 26.62 8.60 -9.61
N LEU A 120 26.87 7.31 -9.60
CA LEU A 120 28.03 6.76 -10.31
C LEU A 120 27.83 6.88 -11.82
N PRO A 121 28.69 7.60 -12.53
CA PRO A 121 28.48 7.78 -13.97
C PRO A 121 29.25 6.79 -14.84
N GLY A 122 28.72 6.52 -16.02
CA GLY A 122 29.46 5.81 -17.05
C GLY A 122 29.88 4.40 -16.70
N GLU A 123 29.00 3.64 -16.07
CA GLU A 123 29.28 2.26 -15.73
C GLU A 123 28.03 1.43 -15.98
N ASN A 124 28.24 0.13 -16.20
CA ASN A 124 27.13 -0.79 -16.38
C ASN A 124 26.48 -1.20 -15.07
N VAL A 125 26.86 -0.59 -13.97
CA VAL A 125 26.26 -0.83 -12.67
C VAL A 125 25.76 0.50 -12.12
N GLY A 126 24.48 0.56 -11.77
CA GLY A 126 23.92 1.75 -11.17
C GLY A 126 24.16 1.75 -9.68
N ALA A 127 24.75 2.83 -9.18
CA ALA A 127 25.11 2.89 -7.77
C ALA A 127 25.20 4.34 -7.33
N LEU A 128 25.14 4.53 -6.01
CA LEU A 128 25.33 5.82 -5.38
C LEU A 128 26.68 5.85 -4.69
N VAL A 129 27.46 6.88 -4.94
CA VAL A 129 28.78 7.03 -4.34
C VAL A 129 28.68 7.97 -3.16
N ARG A 130 29.16 7.51 -2.00
CA ARG A 130 29.13 8.29 -0.77
C ARG A 130 30.54 8.34 -0.22
N VAL A 131 31.09 9.54 -0.11
CA VAL A 131 32.45 9.76 0.38
C VAL A 131 32.36 10.50 1.70
N VAL A 132 32.91 9.90 2.76
CA VAL A 132 32.84 10.45 4.10
C VAL A 132 34.27 10.69 4.58
N SER A 133 34.55 11.93 4.98
CA SER A 133 35.86 12.31 5.48
C SER A 133 35.71 12.94 6.86
N VAL A 134 36.50 12.48 7.81
CA VAL A 134 36.53 13.01 9.16
C VAL A 134 37.91 13.58 9.42
N THR A 135 37.96 14.85 9.82
CA THR A 135 39.23 15.55 10.01
C THR A 135 39.40 15.93 11.47
N ASN A 136 40.57 15.63 12.03
CA ASN A 136 40.90 15.96 13.40
C ASN A 136 41.37 17.41 13.46
N GLN A 137 40.48 18.31 13.83
CA GLN A 137 40.79 19.73 13.91
C GLN A 137 41.27 20.17 15.28
N SER A 138 41.37 19.25 16.24
CA SER A 138 41.91 19.59 17.54
C SER A 138 43.43 19.67 17.47
N GLY A 139 44.02 20.23 18.53
CA GLY A 139 45.46 20.36 18.59
C GLY A 139 46.20 19.14 19.10
N GLU A 140 45.49 18.07 19.42
CA GLU A 140 46.11 16.88 19.99
C GLU A 140 45.67 15.65 19.22
N PRO A 141 46.51 14.62 19.18
CA PRO A 141 46.11 13.36 18.52
C PRO A 141 44.91 12.74 19.23
N ILE A 142 44.05 12.10 18.44
CA ILE A 142 42.88 11.42 18.96
C ILE A 142 42.84 10.01 18.41
N GLU A 143 42.25 9.10 19.20
CA GLU A 143 42.03 7.73 18.77
C GLU A 143 40.58 7.62 18.30
N LEU A 144 40.40 7.58 16.99
CA LEU A 144 39.08 7.67 16.38
C LEU A 144 38.60 6.30 15.95
N GLU A 145 37.39 5.94 16.35
CA GLU A 145 36.69 4.78 15.82
C GLU A 145 35.50 5.31 15.03
N LEU A 146 35.55 5.15 13.72
CA LEU A 146 34.53 5.67 12.81
C LEU A 146 33.67 4.55 12.29
N ILE A 147 32.35 4.72 12.36
CA ILE A 147 31.39 3.81 11.76
C ILE A 147 30.38 4.64 11.00
N ASP A 148 30.10 4.25 9.76
CA ASP A 148 29.09 4.93 8.98
C ASP A 148 28.46 3.95 8.00
N GLY A 149 27.28 4.30 7.53
CA GLY A 149 26.59 3.47 6.57
C GLY A 149 25.10 3.71 6.63
N MET A 150 24.35 2.65 6.31
CA MET A 150 22.91 2.72 6.21
C MET A 150 22.29 1.66 7.11
N PRO A 151 21.35 2.03 7.98
CA PRO A 151 20.81 1.06 8.94
C PRO A 151 19.75 0.12 8.38
N ALA A 152 19.22 0.38 7.19
CA ALA A 152 18.16 -0.46 6.65
C ALA A 152 18.31 -0.51 5.14
N VAL A 153 18.95 -1.57 4.65
CA VAL A 153 19.05 -1.83 3.21
C VAL A 153 17.92 -2.77 2.83
N ILE A 154 17.08 -2.33 1.91
CA ILE A 154 15.97 -3.16 1.45
C ILE A 154 16.54 -4.25 0.55
N PRO A 155 16.38 -5.52 0.89
CA PRO A 155 16.89 -6.59 0.02
C PRO A 155 16.16 -6.60 -1.31
N TYR A 156 16.89 -7.01 -2.34
CA TYR A 156 16.30 -7.10 -3.68
C TYR A 156 15.18 -8.13 -3.68
N GLY A 157 14.07 -7.77 -4.30
CA GLY A 157 12.90 -8.62 -4.35
C GLY A 157 11.80 -8.27 -3.38
N VAL A 158 11.99 -7.26 -2.54
CA VAL A 158 10.96 -6.78 -1.63
C VAL A 158 10.34 -5.53 -2.23
N SER A 159 9.06 -5.59 -2.55
CA SER A 159 8.36 -4.44 -3.12
C SER A 159 8.10 -3.40 -2.04
N MET A 160 7.80 -2.17 -2.48
CA MET A 160 7.48 -1.11 -1.54
C MET A 160 6.22 -1.44 -0.75
N ASP A 161 5.20 -1.95 -1.43
CA ASP A 161 3.98 -2.35 -0.75
C ASP A 161 4.26 -3.41 0.30
N SER A 162 5.10 -4.38 -0.04
CA SER A 162 5.47 -5.41 0.91
C SER A 162 6.07 -4.80 2.17
N MET A 163 7.03 -3.89 2.00
CA MET A 163 7.60 -3.20 3.15
C MET A 163 6.50 -2.53 3.96
N LYS A 164 5.85 -1.53 3.35
CA LYS A 164 4.92 -0.66 4.06
C LYS A 164 3.83 -1.43 4.79
N ASN A 165 3.39 -2.56 4.22
CA ASN A 165 2.24 -3.26 4.79
C ASN A 165 2.63 -4.44 5.67
N MET A 166 3.60 -5.25 5.26
CA MET A 166 3.94 -6.46 6.00
C MET A 166 5.46 -6.59 6.10
N GLY A 167 6.14 -5.54 6.57
CA GLY A 167 7.57 -5.66 6.81
C GLY A 167 7.93 -6.79 7.73
N GLN A 168 7.16 -6.97 8.81
CA GLN A 168 7.49 -8.02 9.77
C GLN A 168 7.45 -9.40 9.14
N THR A 169 6.44 -9.67 8.32
CA THR A 169 6.36 -10.96 7.65
C THR A 169 7.41 -11.08 6.55
N ALA A 170 7.65 -9.99 5.83
CA ALA A 170 8.62 -10.02 4.74
C ALA A 170 10.04 -10.22 5.23
N LYS A 171 10.30 -9.94 6.51
CA LYS A 171 11.62 -10.23 7.06
C LYS A 171 11.99 -11.70 6.94
N ALA A 172 11.01 -12.59 6.80
CA ALA A 172 11.29 -14.01 6.69
C ALA A 172 12.02 -14.36 5.40
N TRP A 173 11.89 -13.55 4.35
CA TRP A 173 12.56 -13.81 3.09
C TRP A 173 13.91 -13.12 2.97
N MET A 174 14.17 -12.11 3.79
CA MET A 174 15.36 -11.30 3.64
C MET A 174 16.61 -12.04 4.12
N GLN A 175 17.72 -11.80 3.44
CA GLN A 175 18.99 -12.42 3.81
C GLN A 175 20.14 -11.61 3.20
N VAL A 176 21.34 -11.89 3.68
CA VAL A 176 22.56 -11.29 3.15
C VAL A 176 23.52 -12.41 2.79
N GLU A 177 24.39 -12.14 1.82
CA GLU A 177 25.35 -13.13 1.35
C GLU A 177 26.71 -12.46 1.16
N ASP A 178 27.76 -13.28 1.20
CA ASP A 178 29.12 -12.85 0.87
C ASP A 178 29.63 -11.77 1.82
N LEU A 179 29.50 -12.03 3.13
CA LEU A 179 30.07 -11.12 4.11
C LEU A 179 31.59 -11.22 4.12
N SER A 180 32.12 -12.43 4.02
CA SER A 180 33.58 -12.61 4.07
C SER A 180 34.27 -11.94 2.89
N GLU A 181 33.67 -12.02 1.71
CA GLU A 181 34.27 -11.44 0.52
C GLU A 181 34.33 -9.92 0.55
N GLY A 182 33.59 -9.27 1.45
CA GLY A 182 33.56 -7.83 1.49
C GLY A 182 32.56 -7.19 0.56
N LEU A 183 31.73 -7.98 -0.12
CA LEU A 183 30.70 -7.47 -1.01
C LEU A 183 29.37 -8.08 -0.60
N PRO A 184 28.74 -7.56 0.45
CA PRO A 184 27.45 -8.10 0.87
C PRO A 184 26.42 -8.01 -0.24
N TYR A 185 25.62 -9.06 -0.37
CA TYR A 185 24.63 -9.18 -1.44
C TYR A 185 23.26 -9.29 -0.79
N TYR A 186 22.42 -8.28 -0.98
CA TYR A 186 21.13 -8.19 -0.31
C TYR A 186 20.04 -8.60 -1.28
N ARG A 187 19.43 -9.76 -1.02
CA ARG A 187 18.35 -10.25 -1.87
C ARG A 187 17.48 -11.19 -1.05
N VAL A 188 16.27 -11.43 -1.57
CA VAL A 188 15.38 -12.38 -0.93
C VAL A 188 15.85 -13.80 -1.23
N ARG A 189 15.53 -14.72 -0.32
CA ARG A 189 15.90 -16.11 -0.53
C ARG A 189 15.18 -16.70 -1.73
N ALA A 190 13.91 -16.34 -1.91
CA ALA A 190 13.13 -16.79 -3.04
C ALA A 190 12.10 -15.72 -3.37
N SER A 191 11.46 -15.87 -4.52
CA SER A 191 10.47 -14.89 -4.95
C SER A 191 9.38 -14.76 -3.91
N MET A 192 9.13 -13.53 -3.45
CA MET A 192 8.14 -13.32 -2.42
C MET A 192 6.72 -13.46 -2.96
N ASP A 193 6.52 -13.20 -4.24
CA ASP A 193 5.21 -13.40 -4.87
C ASP A 193 5.07 -14.86 -5.25
N ASP A 194 4.17 -15.57 -4.59
CA ASP A 194 3.97 -16.98 -4.86
C ASP A 194 3.37 -17.16 -6.26
N THR A 195 3.36 -18.42 -6.71
CA THR A 195 2.88 -18.78 -8.04
C THR A 195 3.64 -18.02 -9.13
N ALA A 196 4.94 -17.85 -8.91
CA ALA A 196 5.80 -17.20 -9.88
C ALA A 196 6.50 -18.25 -10.75
N ALA A 197 6.72 -17.88 -12.01
CA ALA A 197 7.34 -18.81 -12.95
C ALA A 197 8.76 -19.17 -12.50
N VAL A 198 9.53 -18.18 -12.07
CA VAL A 198 10.90 -18.39 -11.62
C VAL A 198 10.96 -18.14 -10.12
N ARG A 199 11.29 -19.18 -9.36
CA ARG A 199 11.37 -19.06 -7.91
C ARG A 199 12.65 -18.35 -7.47
N ARG A 200 13.75 -18.59 -8.18
CA ARG A 200 15.03 -18.00 -7.82
C ARG A 200 15.09 -16.53 -8.21
N ILE A 201 15.70 -15.72 -7.35
CA ILE A 201 15.91 -14.30 -7.59
C ILE A 201 17.41 -14.08 -7.79
N ASP A 202 17.78 -13.51 -8.93
CA ASP A 202 19.18 -13.33 -9.28
C ASP A 202 19.71 -11.96 -8.90
N GLY A 203 18.88 -10.92 -9.01
CA GLY A 203 19.32 -9.58 -8.71
C GLY A 203 19.60 -9.40 -7.23
N GLY A 204 20.37 -8.36 -6.92
CA GLY A 204 20.71 -8.09 -5.54
C GLY A 204 21.32 -6.72 -5.31
N ASN A 205 20.99 -6.10 -4.20
CA ASN A 205 21.65 -4.88 -3.78
C ASN A 205 22.99 -5.21 -3.14
N PHE A 206 23.95 -4.30 -3.29
CA PHE A 206 25.29 -4.52 -2.77
C PHE A 206 25.81 -3.23 -2.14
N SER A 207 26.81 -3.39 -1.29
CA SER A 207 27.55 -2.26 -0.74
C SER A 207 29.02 -2.63 -0.67
N ALA A 208 29.88 -1.62 -0.81
CA ALA A 208 31.32 -1.83 -0.73
C ALA A 208 31.97 -0.54 -0.29
N CYS A 209 32.84 -0.62 0.71
CA CYS A 209 33.54 0.53 1.24
C CYS A 209 35.02 0.25 1.32
N CYS A 210 35.82 1.29 1.13
CA CYS A 210 37.28 1.14 1.16
C CYS A 210 37.91 2.49 1.46
N GLU A 211 39.16 2.44 1.91
CA GLU A 211 39.96 3.64 2.09
C GLU A 211 40.60 4.01 0.76
N ALA A 212 41.56 4.93 0.79
CA ALA A 212 42.22 5.36 -0.43
C ALA A 212 42.97 4.23 -1.12
N ASP A 213 43.40 3.22 -0.38
CA ASP A 213 44.13 2.11 -1.00
C ASP A 213 43.24 1.32 -1.95
N GLY A 214 42.00 1.06 -1.56
CA GLY A 214 41.07 0.32 -2.38
C GLY A 214 40.65 -1.03 -1.83
N ARG A 215 41.31 -1.52 -0.77
CA ARG A 215 40.94 -2.80 -0.20
C ARG A 215 39.62 -2.67 0.55
N ARG A 216 38.68 -3.56 0.22
CA ARG A 216 37.36 -3.48 0.83
C ARG A 216 37.41 -3.79 2.31
N LEU A 217 36.59 -3.08 3.08
CA LEU A 217 36.51 -3.27 4.53
C LEU A 217 35.48 -4.34 4.85
N GLN A 218 35.58 -4.88 6.06
CA GLN A 218 34.64 -5.89 6.52
C GLN A 218 33.31 -5.23 6.85
N PRO A 219 32.21 -5.67 6.25
CA PRO A 219 30.93 -5.03 6.49
C PRO A 219 30.29 -5.47 7.80
N ILE A 220 29.35 -4.64 8.27
CA ILE A 220 28.49 -4.97 9.39
C ILE A 220 27.06 -4.98 8.86
N VAL A 221 26.42 -6.14 8.89
CA VAL A 221 25.09 -6.30 8.33
C VAL A 221 24.03 -6.53 9.39
N ASP A 222 24.40 -6.68 10.65
CA ASP A 222 23.44 -6.91 11.71
C ASP A 222 23.32 -5.64 12.54
N PRO A 223 22.22 -4.89 12.44
CA PRO A 223 22.10 -3.63 13.18
C PRO A 223 22.12 -3.80 14.68
N SER A 224 21.81 -4.99 15.19
CA SER A 224 21.83 -5.21 16.63
C SER A 224 23.23 -5.15 17.20
N LEU A 225 24.26 -5.35 16.39
CA LEU A 225 25.62 -5.18 16.87
C LEU A 225 25.89 -3.74 17.27
N ILE A 226 25.38 -2.79 16.50
CA ILE A 226 25.64 -1.39 16.75
C ILE A 226 24.64 -0.80 17.73
N PHE A 227 23.35 -1.06 17.52
CA PHE A 227 22.31 -0.42 18.30
C PHE A 227 21.83 -1.24 19.49
N SER A 228 22.15 -2.54 19.54
CA SER A 228 21.84 -3.40 20.67
C SER A 228 20.33 -3.42 20.88
N TYR A 229 19.82 -3.09 22.06
CA TYR A 229 18.39 -3.18 22.33
C TYR A 229 17.60 -2.01 21.77
N ASP A 230 18.26 -0.97 21.29
CA ASP A 230 17.55 0.24 20.83
C ASP A 230 17.10 0.01 19.39
N LEU A 231 15.88 -0.51 19.25
CA LEU A 231 15.31 -0.71 17.92
C LEU A 231 14.91 0.59 17.24
N SER A 232 14.86 1.69 17.98
CA SER A 232 14.56 2.98 17.39
C SER A 232 15.72 3.53 16.58
N LEU A 233 16.89 2.91 16.66
CA LEU A 233 18.09 3.33 15.92
C LEU A 233 18.47 4.76 16.27
N LYS A 234 18.19 5.17 17.49
CA LYS A 234 18.52 6.52 17.93
C LYS A 234 19.95 6.64 18.44
N ARG A 235 20.38 5.71 19.30
CA ARG A 235 21.72 5.75 19.82
C ARG A 235 22.40 4.40 19.67
N PRO A 236 23.67 4.37 19.29
CA PRO A 236 24.38 3.10 19.10
C PRO A 236 24.88 2.51 20.42
N VAL A 237 23.99 1.83 21.13
CA VAL A 237 24.32 1.32 22.46
C VAL A 237 25.46 0.31 22.37
N GLY A 238 25.36 -0.63 21.41
CA GLY A 238 26.41 -1.62 21.26
C GLY A 238 27.75 -1.01 20.92
N PHE A 239 27.74 0.00 20.03
CA PHE A 239 28.99 0.66 19.65
C PHE A 239 29.60 1.39 20.83
N GLU A 240 28.77 2.03 21.67
CA GLU A 240 29.28 2.68 22.86
C GLU A 240 29.87 1.67 23.83
N GLU A 241 29.20 0.52 24.01
CA GLU A 241 29.62 -0.41 25.03
C GLU A 241 30.87 -1.18 24.64
N ARG A 242 31.10 -1.41 23.34
CA ARG A 242 32.18 -2.27 22.92
C ARG A 242 33.06 -1.58 21.89
N PRO A 243 34.34 -1.90 21.85
CA PRO A 243 35.21 -1.35 20.79
C PRO A 243 34.84 -1.90 19.43
N LEU A 244 35.25 -1.17 18.40
CA LEU A 244 34.91 -1.55 17.04
C LEU A 244 35.53 -2.89 16.67
N LYS A 245 36.75 -3.15 17.14
CA LYS A 245 37.42 -4.40 16.79
C LYS A 245 36.65 -5.61 17.32
N GLU A 246 36.12 -5.52 18.53
CA GLU A 246 35.32 -6.61 19.07
C GLU A 246 34.03 -6.79 18.29
N LEU A 247 33.45 -5.68 17.80
CA LEU A 247 32.22 -5.78 17.03
C LEU A 247 32.44 -6.57 15.75
N LEU A 248 33.56 -6.36 15.08
CA LEU A 248 33.83 -7.04 13.82
C LEU A 248 34.09 -8.53 14.00
N LEU A 249 34.33 -9.00 15.22
CA LEU A 249 34.54 -10.42 15.48
C LEU A 249 33.26 -11.14 15.86
N GLU A 250 32.13 -10.45 15.93
CA GLU A 250 30.88 -11.06 16.33
C GLU A 250 30.26 -11.85 15.18
N GLU A 251 29.40 -12.80 15.54
CA GLU A 251 28.67 -13.58 14.55
C GLU A 251 27.42 -12.82 14.16
N GLN A 252 27.46 -12.17 12.99
CA GLN A 252 26.34 -11.35 12.56
C GLN A 252 25.21 -12.22 12.02
N MET A 253 23.98 -11.86 12.34
CA MET A 253 22.83 -12.54 11.80
C MET A 253 22.58 -12.08 10.37
N THR A 254 22.66 -13.02 9.42
CA THR A 254 22.51 -12.72 8.01
C THR A 254 21.14 -13.11 7.47
N GLN A 255 20.21 -13.51 8.33
CA GLN A 255 18.91 -13.99 7.89
C GLN A 255 17.83 -13.55 8.88
N ASN A 256 16.60 -13.51 8.38
CA ASN A 256 15.43 -13.17 9.18
C ASN A 256 15.56 -11.80 9.83
N LEU A 257 16.04 -10.82 9.06
CA LEU A 257 16.20 -9.47 9.59
C LEU A 257 16.23 -8.50 8.43
N LEU A 258 16.01 -7.22 8.75
CA LEU A 258 16.19 -6.15 7.80
C LEU A 258 17.64 -5.68 7.91
N PRO A 259 18.52 -6.11 7.01
CA PRO A 259 19.95 -5.90 7.21
C PRO A 259 20.35 -4.44 7.08
N CYS A 260 21.46 -4.11 7.73
CA CYS A 260 22.09 -2.80 7.61
C CYS A 260 23.33 -2.93 6.75
N SER A 261 24.03 -1.81 6.56
CA SER A 261 25.29 -1.78 5.81
C SER A 261 26.18 -0.74 6.48
N PHE A 262 27.02 -1.19 7.40
CA PHE A 262 27.92 -0.31 8.12
C PHE A 262 29.36 -0.79 7.96
N TYR A 263 30.28 0.16 7.86
CA TYR A 263 31.70 -0.13 7.77
C TYR A 263 32.44 0.73 8.79
N GLY A 264 33.52 0.19 9.32
CA GLY A 264 34.24 0.85 10.39
C GLY A 264 35.73 0.76 10.22
N ILE A 265 36.42 1.81 10.69
CA ILE A 265 37.87 1.83 10.75
C ILE A 265 38.28 2.31 12.13
N THR A 266 39.48 1.91 12.54
CA THR A 266 40.09 2.37 13.78
C THR A 266 41.41 3.06 13.43
N ARG A 267 41.58 4.28 13.91
CA ARG A 267 42.74 5.07 13.50
C ARG A 267 43.10 6.05 14.60
N THR A 268 44.39 6.36 14.68
CA THR A 268 44.91 7.41 15.53
C THR A 268 45.29 8.59 14.64
N LEU A 269 44.49 9.66 14.72
CA LEU A 269 44.66 10.80 13.82
C LEU A 269 45.57 11.84 14.46
N ALA A 270 46.63 12.21 13.74
CA ALA A 270 47.48 13.29 14.18
C ALA A 270 46.72 14.61 14.07
N PRO A 271 47.15 15.63 14.82
CA PRO A 271 46.51 16.94 14.69
C PRO A 271 46.50 17.45 13.25
N GLY A 272 45.31 17.63 12.69
CA GLY A 272 45.15 18.01 11.31
C GLY A 272 44.99 16.86 10.35
N GLY A 273 45.16 15.62 10.80
CA GLY A 273 44.98 14.48 9.93
C GLY A 273 43.52 14.17 9.67
N SER A 274 43.29 13.28 8.70
CA SER A 274 41.94 12.93 8.31
C SER A 274 41.90 11.52 7.78
N VAL A 275 40.71 10.92 7.82
CA VAL A 275 40.45 9.61 7.25
C VAL A 275 39.25 9.73 6.33
N THR A 276 39.35 9.08 5.16
CA THR A 276 38.31 9.16 4.14
C THR A 276 37.83 7.76 3.81
N LEU A 277 36.51 7.59 3.73
CA LEU A 277 35.89 6.33 3.34
C LEU A 277 35.16 6.53 2.02
N TYR A 278 35.39 5.64 1.06
CA TYR A 278 34.72 5.64 -0.22
C TYR A 278 33.74 4.48 -0.24
N GLU A 279 32.45 4.78 -0.20
CA GLU A 279 31.41 3.79 -0.04
C GLU A 279 30.54 3.76 -1.29
N LEU A 280 30.31 2.55 -1.82
CA LEU A 280 29.47 2.34 -2.98
C LEU A 280 28.25 1.53 -2.58
N ILE A 281 27.07 2.02 -2.91
CA ILE A 281 25.82 1.29 -2.70
C ILE A 281 25.06 1.27 -4.00
N GLY A 282 24.69 0.08 -4.46
CA GLY A 282 24.04 -0.04 -5.75
C GLY A 282 23.27 -1.33 -5.87
N GLN A 283 22.91 -1.66 -7.10
CA GLN A 283 22.10 -2.83 -7.39
C GLN A 283 22.51 -3.41 -8.74
N VAL A 284 22.56 -4.74 -8.82
CA VAL A 284 22.89 -5.43 -10.05
C VAL A 284 21.86 -6.51 -10.30
N GLU A 285 21.82 -7.00 -11.53
CA GLU A 285 20.87 -8.05 -11.90
C GLU A 285 21.39 -9.45 -11.63
N ASN A 286 22.71 -9.62 -11.49
CA ASN A 286 23.28 -10.91 -11.13
C ASN A 286 24.66 -10.69 -10.54
N LYS A 287 25.13 -11.69 -9.80
CA LYS A 287 26.43 -11.58 -9.16
C LYS A 287 27.57 -11.50 -10.17
N GLN A 288 27.36 -12.00 -11.39
CA GLN A 288 28.42 -11.94 -12.39
C GLN A 288 28.78 -10.50 -12.72
N LEU A 289 27.77 -9.63 -12.88
CA LEU A 289 28.05 -8.22 -13.13
C LEU A 289 28.81 -7.58 -11.98
N LEU A 290 28.43 -7.90 -10.75
CA LEU A 290 29.10 -7.34 -9.60
C LEU A 290 30.56 -7.79 -9.54
N LYS A 291 30.81 -9.08 -9.82
CA LYS A 291 32.19 -9.57 -9.81
C LYS A 291 33.00 -8.95 -10.93
N GLU A 292 32.40 -8.77 -12.11
CA GLU A 292 33.11 -8.14 -13.22
C GLU A 292 33.46 -6.69 -12.88
N TYR A 293 32.53 -5.97 -12.25
CA TYR A 293 32.78 -4.56 -11.94
C TYR A 293 33.93 -4.41 -10.94
N PHE A 294 34.00 -5.30 -9.96
CA PHE A 294 35.05 -5.24 -8.95
C PHE A 294 36.25 -6.09 -9.32
N ALA A 295 36.35 -6.56 -10.56
CA ALA A 295 37.56 -7.24 -11.00
C ALA A 295 38.77 -6.34 -10.95
N GLU A 296 38.57 -5.03 -11.03
CA GLU A 296 39.63 -4.05 -10.88
C GLU A 296 39.40 -3.25 -9.61
N LYS A 297 40.48 -3.01 -8.87
CA LYS A 297 40.38 -2.30 -7.60
C LYS A 297 39.91 -0.86 -7.82
N LYS A 298 38.97 -0.43 -6.98
CA LYS A 298 38.44 0.94 -7.04
C LYS A 298 39.11 1.74 -5.94
N ASP A 299 40.12 2.52 -6.31
CA ASP A 299 40.87 3.31 -5.34
C ASP A 299 40.31 4.73 -5.29
N ALA A 300 41.00 5.61 -4.55
CA ALA A 300 40.51 6.97 -4.38
C ALA A 300 40.55 7.73 -5.70
N ALA A 301 41.57 7.50 -6.52
CA ALA A 301 41.66 8.17 -7.81
C ALA A 301 40.45 7.85 -8.68
N TYR A 302 40.00 6.60 -8.63
CA TYR A 302 38.83 6.20 -9.41
C TYR A 302 37.60 7.01 -9.00
N PHE A 303 37.38 7.16 -7.69
CA PHE A 303 36.20 7.88 -7.22
C PHE A 303 36.32 9.37 -7.51
N GLU A 304 37.52 9.93 -7.41
CA GLU A 304 37.70 11.33 -7.78
C GLU A 304 37.41 11.57 -9.26
N ALA A 305 37.90 10.66 -10.11
CA ALA A 305 37.63 10.78 -11.54
C ALA A 305 36.14 10.65 -11.82
N LYS A 306 35.46 9.73 -11.12
CA LYS A 306 34.04 9.57 -11.32
C LYS A 306 33.27 10.81 -10.87
N LYS A 307 33.69 11.43 -9.78
CA LYS A 307 33.04 12.66 -9.34
C LYS A 307 33.22 13.77 -10.37
N ARG A 308 34.44 13.90 -10.91
CA ARG A 308 34.67 14.90 -11.94
C ARG A 308 33.82 14.62 -13.17
N GLU A 309 33.70 13.35 -13.55
CA GLU A 309 32.84 12.98 -14.67
C GLU A 309 31.38 13.33 -14.40
N ALA A 310 30.92 13.08 -13.18
CA ALA A 310 29.55 13.40 -12.84
C ALA A 310 29.29 14.90 -12.92
N ASP A 311 30.23 15.72 -12.46
CA ASP A 311 30.08 17.16 -12.61
C ASP A 311 30.09 17.57 -14.07
N GLU A 312 31.01 17.01 -14.86
CA GLU A 312 31.11 17.39 -16.26
C GLU A 312 29.88 16.97 -17.06
N LEU A 313 29.18 15.92 -16.62
CA LEU A 313 27.95 15.54 -17.30
C LEU A 313 26.94 16.68 -17.29
N ALA A 314 26.64 17.21 -16.10
CA ALA A 314 25.71 18.33 -16.00
C ALA A 314 26.27 19.57 -16.67
N GLU A 315 27.58 19.81 -16.53
CA GLU A 315 28.17 20.99 -17.16
C GLU A 315 27.97 20.96 -18.67
N ALA A 316 28.32 19.85 -19.31
CA ALA A 316 28.17 19.76 -20.76
C ALA A 316 26.71 19.72 -21.18
N LEU A 317 25.84 19.13 -20.35
CA LEU A 317 24.42 19.11 -20.66
C LEU A 317 23.84 20.52 -20.71
N THR A 318 24.25 21.37 -19.77
CA THR A 318 23.68 22.71 -19.66
C THR A 318 24.50 23.78 -20.36
N ASP A 319 25.63 23.41 -20.98
CA ASP A 319 26.44 24.41 -21.68
C ASP A 319 25.69 25.09 -22.82
N GLY A 320 24.60 24.49 -23.30
CA GLY A 320 23.87 25.09 -24.40
C GLY A 320 23.09 26.34 -24.04
N ILE A 321 23.02 26.68 -22.75
CA ILE A 321 22.25 27.84 -22.31
C ILE A 321 23.15 28.74 -21.47
N ARG A 322 24.46 28.58 -21.62
CA ARG A 322 25.40 29.35 -20.82
C ARG A 322 25.20 30.85 -21.04
N THR A 323 25.13 31.59 -19.94
CA THR A 323 24.85 33.02 -19.98
C THR A 323 25.68 33.72 -18.91
N ARG A 324 26.11 34.95 -19.22
CA ARG A 324 26.86 35.77 -18.27
C ARG A 324 26.19 37.13 -18.19
N THR A 325 25.54 37.41 -17.07
CA THR A 325 24.85 38.68 -16.87
C THR A 325 25.31 39.36 -15.61
N ALA A 326 24.60 40.42 -15.20
CA ALA A 326 24.91 41.10 -13.95
C ALA A 326 24.52 40.28 -12.72
N SER A 327 23.75 39.21 -12.90
CA SER A 327 23.28 38.39 -11.79
C SER A 327 23.81 36.97 -11.98
N ALA A 328 24.70 36.55 -11.07
CA ALA A 328 25.17 35.17 -11.10
C ALA A 328 24.04 34.20 -10.82
N ALA A 329 23.13 34.56 -9.92
CA ALA A 329 21.98 33.73 -9.64
C ALA A 329 21.16 33.49 -10.89
N PHE A 330 21.05 34.51 -11.75
CA PHE A 330 20.30 34.34 -13.00
C PHE A 330 20.95 33.29 -13.90
N ASP A 331 22.27 33.31 -14.01
CA ASP A 331 22.95 32.33 -14.86
C ASP A 331 22.84 30.92 -14.30
N ALA A 332 23.04 30.78 -12.98
CA ALA A 332 22.87 29.47 -12.36
C ALA A 332 21.45 28.97 -12.55
N TYR A 333 20.47 29.86 -12.43
CA TYR A 333 19.09 29.47 -12.63
C TYR A 333 18.85 29.05 -14.08
N CYS A 334 19.46 29.74 -15.04
CA CYS A 334 19.31 29.34 -16.43
C CYS A 334 19.80 27.92 -16.64
N ARG A 335 21.01 27.63 -16.15
CA ARG A 335 21.55 26.29 -16.33
C ARG A 335 20.69 25.24 -15.62
N TYR A 336 20.27 25.52 -14.40
CA TYR A 336 19.48 24.55 -13.64
C TYR A 336 18.12 24.32 -14.29
N THR A 337 17.50 25.39 -14.80
CA THR A 337 16.23 25.27 -15.47
C THR A 337 16.35 24.44 -16.74
N TYR A 338 17.43 24.64 -17.49
CA TYR A 338 17.64 23.82 -18.68
C TYR A 338 17.81 22.36 -18.31
N MET A 339 18.55 22.08 -17.23
CA MET A 339 18.72 20.68 -16.82
C MET A 339 17.39 20.06 -16.39
N ASP A 340 16.57 20.81 -15.64
CA ASP A 340 15.28 20.27 -15.21
C ASP A 340 14.37 20.03 -16.41
N ASN A 341 14.37 20.94 -17.37
CA ASN A 341 13.57 20.74 -18.57
C ASN A 341 14.02 19.51 -19.34
N VAL A 342 15.33 19.29 -19.39
CA VAL A 342 15.85 18.07 -20.01
C VAL A 342 15.37 16.83 -19.26
N LEU A 343 15.43 16.88 -17.93
CA LEU A 343 14.98 15.74 -17.14
C LEU A 343 13.53 15.41 -17.43
N ARG A 344 12.68 16.44 -17.54
CA ARG A 344 11.26 16.18 -17.75
C ARG A 344 10.97 15.74 -19.19
N GLY A 345 11.63 16.35 -20.17
CA GLY A 345 11.26 16.11 -21.56
C GLY A 345 12.28 15.41 -22.42
N GLY A 346 13.47 15.15 -21.89
CA GLY A 346 14.50 14.49 -22.65
C GLY A 346 15.44 15.45 -23.35
N TYR A 347 16.64 14.96 -23.63
CA TYR A 347 17.68 15.76 -24.28
C TYR A 347 17.93 15.23 -25.68
N PRO A 348 17.73 16.02 -26.72
CA PRO A 348 17.92 15.52 -28.09
C PRO A 348 19.39 15.21 -28.36
N MET A 349 19.61 14.18 -29.16
CA MET A 349 20.96 13.79 -29.56
C MET A 349 20.87 13.01 -30.86
N GLN A 350 21.98 13.00 -31.59
CA GLN A 350 22.05 12.28 -32.85
C GLN A 350 22.52 10.86 -32.58
N LEU A 351 21.60 9.91 -32.67
CA LEU A 351 21.92 8.50 -32.48
C LEU A 351 22.20 7.89 -33.85
N GLY A 352 23.47 7.57 -34.10
CA GLY A 352 23.83 7.07 -35.41
C GLY A 352 23.94 8.20 -36.41
N ASN A 353 23.40 8.00 -37.60
CA ASN A 353 23.48 8.99 -38.66
C ASN A 353 22.15 9.54 -39.11
N ASN A 354 21.06 8.79 -38.97
CA ASN A 354 19.76 9.23 -39.46
C ASN A 354 18.66 9.02 -38.42
N LYS A 355 19.01 9.09 -37.14
CA LYS A 355 18.04 8.95 -36.07
C LYS A 355 18.22 10.07 -35.06
N ILE A 356 17.11 10.48 -34.47
CA ILE A 356 17.10 11.47 -33.39
C ILE A 356 16.56 10.78 -32.15
N PHE A 357 17.34 10.78 -31.08
CA PHE A 357 17.01 10.09 -29.85
C PHE A 357 16.99 11.07 -28.69
N TYR A 358 16.04 10.87 -27.77
CA TYR A 358 15.92 11.71 -26.59
C TYR A 358 16.35 10.90 -25.37
N VAL A 359 17.39 11.38 -24.70
CA VAL A 359 18.00 10.66 -23.59
C VAL A 359 17.75 11.43 -22.30
N TYR A 360 17.87 10.73 -21.18
CA TYR A 360 17.76 11.22 -19.81
C TYR A 360 16.33 11.48 -19.37
N SER A 361 15.34 11.29 -20.24
CA SER A 361 13.96 11.49 -19.82
C SER A 361 13.51 10.34 -18.92
N ARG A 362 12.48 10.62 -18.12
CA ARG A 362 11.92 9.60 -17.25
C ARG A 362 10.53 10.02 -16.82
N LYS A 363 9.69 9.03 -16.53
CA LYS A 363 8.41 9.29 -15.89
C LYS A 363 8.69 9.73 -14.45
N HIS A 364 8.45 11.00 -14.15
CA HIS A 364 8.98 11.59 -12.93
C HIS A 364 8.07 11.37 -11.73
N GLY A 365 8.70 11.24 -10.57
CA GLY A 365 8.01 11.25 -9.29
C GLY A 365 9.04 11.54 -8.23
N ASP A 366 8.57 12.10 -7.11
CA ASP A 366 9.49 12.48 -6.05
C ASP A 366 8.76 12.37 -4.71
N LEU A 367 9.42 12.86 -3.66
CA LEU A 367 8.85 12.76 -2.31
C LEU A 367 7.58 13.58 -2.16
N GLU A 368 7.39 14.61 -2.97
CA GLU A 368 6.18 15.43 -2.91
C GLU A 368 5.17 15.04 -3.97
N ARG A 369 5.60 14.59 -5.14
CA ARG A 369 4.73 13.97 -6.12
C ARG A 369 4.63 12.47 -5.85
N ASP A 370 4.14 12.17 -4.64
CA ASP A 370 4.14 10.79 -4.15
C ASP A 370 3.11 9.93 -4.85
N TYR A 371 2.07 10.55 -5.41
CA TYR A 371 1.05 9.78 -6.13
C TYR A 371 1.60 9.19 -7.42
N ASN A 372 2.55 9.86 -8.05
CA ASN A 372 3.11 9.37 -9.29
C ASN A 372 3.99 8.15 -9.05
N TYR A 373 3.80 7.12 -9.86
CA TYR A 373 4.64 5.92 -9.79
C TYR A 373 5.75 6.09 -10.82
N PHE A 374 6.86 6.69 -10.39
CA PHE A 374 7.96 6.98 -11.30
C PHE A 374 8.63 5.70 -11.76
N SER A 375 9.27 5.78 -12.92
CA SER A 375 9.95 4.62 -13.51
C SER A 375 11.05 5.13 -14.42
N MET A 376 12.29 5.06 -13.95
CA MET A 376 13.45 5.46 -14.73
C MET A 376 14.15 4.20 -15.24
N LEU A 377 14.36 4.12 -16.54
CA LEU A 377 14.85 2.91 -17.16
C LEU A 377 16.33 2.69 -16.81
N PRO A 378 16.69 1.56 -16.19
CA PRO A 378 18.08 1.31 -15.79
C PRO A 378 18.93 0.65 -16.88
N GLU A 379 19.34 1.45 -17.85
CA GLU A 379 20.15 0.95 -18.97
C GLU A 379 20.84 2.12 -19.63
N PHE A 380 21.71 1.81 -20.59
CA PHE A 380 22.33 2.85 -21.39
C PHE A 380 21.28 3.57 -22.22
N TYR A 381 21.62 4.78 -22.66
CA TYR A 381 20.71 5.61 -23.44
C TYR A 381 19.34 5.70 -22.76
N SER A 382 19.37 6.02 -21.48
CA SER A 382 18.17 5.95 -20.65
C SER A 382 17.09 6.90 -21.17
N GLN A 383 15.85 6.46 -21.07
CA GLN A 383 14.71 7.24 -21.52
C GLN A 383 13.48 6.76 -20.76
N GLY A 384 12.37 7.47 -20.94
CA GLY A 384 11.17 7.13 -20.21
C GLY A 384 9.93 7.62 -20.92
N ASN A 385 8.79 7.09 -20.48
CA ASN A 385 7.51 7.53 -20.98
C ASN A 385 7.16 8.90 -20.41
N GLY A 386 6.10 9.50 -20.94
CA GLY A 386 5.66 10.79 -20.46
C GLY A 386 4.28 11.11 -21.00
N ASN A 387 3.63 12.04 -20.32
CA ASN A 387 2.32 12.49 -20.77
C ASN A 387 2.45 13.35 -22.02
N PHE A 388 1.36 13.42 -22.77
CA PHE A 388 1.37 14.17 -24.03
C PHE A 388 1.65 15.64 -23.78
N ARG A 389 0.98 16.24 -22.80
CA ARG A 389 1.10 17.67 -22.56
C ARG A 389 2.51 18.04 -22.13
N ASP A 390 3.07 17.29 -21.18
CA ASP A 390 4.38 17.65 -20.62
C ASP A 390 5.47 17.50 -21.67
N VAL A 391 5.51 16.37 -22.37
CA VAL A 391 6.53 16.17 -23.39
C VAL A 391 6.34 17.16 -24.55
N ASN A 392 5.07 17.46 -24.89
CA ASN A 392 4.81 18.41 -25.96
C ASN A 392 5.35 19.78 -25.60
N GLN A 393 5.13 20.24 -24.37
CA GLN A 393 5.59 21.57 -23.99
C GLN A 393 7.09 21.62 -23.81
N ASN A 394 7.67 20.61 -23.16
CA ASN A 394 9.09 20.65 -22.83
C ASN A 394 9.99 20.62 -24.05
N ARG A 395 9.47 20.17 -25.21
CA ARG A 395 10.25 20.15 -26.44
C ARG A 395 9.95 21.33 -27.34
N ARG A 396 9.46 22.42 -26.76
CA ARG A 396 9.07 23.58 -27.56
C ARG A 396 10.26 24.20 -28.28
N CYS A 397 11.38 24.35 -27.57
CA CYS A 397 12.54 25.05 -28.11
C CYS A 397 13.68 24.11 -28.46
N ASP A 398 13.38 22.83 -28.72
CA ASP A 398 14.44 21.88 -29.03
C ASP A 398 15.16 22.23 -30.32
N THR A 399 14.41 22.71 -31.32
CA THR A 399 15.04 23.00 -32.60
C THR A 399 16.05 24.13 -32.48
N PHE A 400 15.79 25.11 -31.61
CA PHE A 400 16.75 26.20 -31.42
C PHE A 400 18.06 25.69 -30.84
N PHE A 401 17.99 24.82 -29.82
CA PHE A 401 19.21 24.32 -29.21
C PHE A 401 19.81 23.15 -29.98
N ALA A 402 18.99 22.40 -30.70
CA ALA A 402 19.44 21.25 -31.48
C ALA A 402 18.87 21.37 -32.89
N PRO A 403 19.54 22.11 -33.76
CA PRO A 403 19.01 22.31 -35.11
C PRO A 403 18.82 21.03 -35.89
N PHE A 404 19.59 19.98 -35.59
CA PHE A 404 19.45 18.73 -36.32
C PHE A 404 18.10 18.06 -36.09
N VAL A 405 17.36 18.47 -35.07
CA VAL A 405 16.03 17.91 -34.83
C VAL A 405 15.11 18.22 -36.00
N GLY A 406 15.14 19.47 -36.47
CA GLY A 406 14.32 19.82 -37.62
C GLY A 406 12.85 19.75 -37.30
N ARG A 407 12.10 19.00 -38.10
CA ARG A 407 10.66 18.90 -37.97
C ARG A 407 10.21 17.65 -37.22
N LYS A 408 11.13 16.95 -36.56
CA LYS A 408 10.79 15.66 -35.95
C LYS A 408 9.71 15.81 -34.90
N ASN A 409 9.81 16.83 -34.05
CA ASN A 409 8.80 17.01 -33.00
C ASN A 409 7.44 17.34 -33.59
N ILE A 410 7.40 18.17 -34.63
CA ILE A 410 6.14 18.52 -35.26
C ILE A 410 5.47 17.28 -35.82
N GLN A 411 6.22 16.45 -36.54
CA GLN A 411 5.68 15.21 -37.08
C GLN A 411 5.23 14.27 -35.96
N GLU A 412 6.03 14.17 -34.91
CA GLU A 412 5.71 13.26 -33.81
C GLU A 412 4.42 13.66 -33.12
N PHE A 413 4.22 14.95 -32.88
CA PHE A 413 3.07 15.40 -32.10
C PHE A 413 1.86 15.75 -32.95
N TYR A 414 1.98 15.81 -34.27
CA TYR A 414 0.80 15.88 -35.11
C TYR A 414 0.35 14.51 -35.60
N SER A 415 1.27 13.55 -35.70
CA SER A 415 0.87 12.19 -36.01
C SER A 415 0.12 11.54 -34.86
N LEU A 416 0.18 12.11 -33.67
CA LEU A 416 -0.58 11.61 -32.54
C LEU A 416 -1.99 12.19 -32.45
N ILE A 417 -2.33 13.12 -33.33
CA ILE A 417 -3.67 13.69 -33.36
C ILE A 417 -4.57 12.70 -34.08
N GLN A 418 -5.57 12.18 -33.37
CA GLN A 418 -6.48 11.22 -33.97
C GLN A 418 -7.42 11.93 -34.94
N LEU A 419 -8.15 11.13 -35.71
CA LEU A 419 -9.08 11.68 -36.70
C LEU A 419 -10.18 12.50 -36.04
N ASP A 420 -10.50 12.23 -34.78
CA ASP A 420 -11.52 12.98 -34.06
C ASP A 420 -10.95 14.18 -33.31
N GLY A 421 -9.66 14.47 -33.49
CA GLY A 421 -9.04 15.62 -32.88
C GLY A 421 -8.41 15.39 -31.53
N TYR A 422 -8.64 14.24 -30.91
CA TYR A 422 -8.04 13.95 -29.62
C TYR A 422 -6.72 13.20 -29.83
N ASN A 423 -6.14 12.70 -28.76
CA ASN A 423 -4.79 12.15 -28.82
C ASN A 423 -4.61 11.20 -27.66
N PRO A 424 -3.66 10.26 -27.77
CA PRO A 424 -3.34 9.41 -26.62
C PRO A 424 -2.68 10.21 -25.52
N LEU A 425 -2.86 9.74 -24.29
CA LEU A 425 -2.26 10.42 -23.15
C LEU A 425 -0.76 10.19 -23.08
N GLY A 426 -0.32 8.97 -23.33
CA GLY A 426 1.06 8.57 -23.09
C GLY A 426 1.91 8.59 -24.34
N VAL A 427 3.15 9.01 -24.17
CA VAL A 427 4.15 8.98 -25.23
C VAL A 427 5.19 7.94 -24.81
N GLU A 428 5.28 6.87 -25.59
CA GLU A 428 6.14 5.74 -25.22
C GLU A 428 7.60 6.05 -25.50
N LYS A 429 8.46 5.22 -24.93
CA LYS A 429 9.89 5.31 -25.20
C LYS A 429 10.18 4.96 -26.65
N LEU A 430 11.26 5.53 -27.17
CA LEU A 430 11.66 5.22 -28.54
C LEU A 430 12.17 3.80 -28.63
N THR A 431 11.55 2.99 -29.48
CA THR A 431 11.95 1.62 -29.70
C THR A 431 12.16 1.40 -31.19
N TYR A 432 13.04 0.46 -31.52
CA TYR A 432 13.42 0.21 -32.89
C TYR A 432 13.35 -1.28 -33.20
N ARG A 433 13.07 -1.59 -34.46
CA ARG A 433 12.98 -2.97 -34.92
C ARG A 433 13.68 -3.07 -36.27
N LEU A 434 14.28 -4.24 -36.51
CA LEU A 434 15.02 -4.47 -37.74
C LEU A 434 14.38 -5.64 -38.49
N SER A 435 14.20 -5.46 -39.79
CA SER A 435 13.59 -6.49 -40.61
C SER A 435 14.53 -7.68 -40.77
N LYS A 436 13.96 -8.81 -41.18
CA LYS A 436 14.74 -10.04 -41.29
C LYS A 436 15.86 -9.90 -42.32
N GLU A 437 15.51 -9.46 -43.53
CA GLU A 437 16.49 -9.41 -44.60
C GLU A 437 17.59 -8.39 -44.31
N ARG A 438 17.22 -7.21 -43.83
CA ARG A 438 18.24 -6.20 -43.51
C ARG A 438 19.13 -6.69 -42.37
N ALA A 439 18.55 -7.35 -41.38
CA ALA A 439 19.35 -7.88 -40.29
C ALA A 439 20.33 -8.93 -40.78
N LYS A 440 19.89 -9.80 -41.69
CA LYS A 440 20.79 -10.79 -42.25
C LYS A 440 21.91 -10.13 -43.05
N LYS A 441 21.59 -9.08 -43.81
CA LYS A 441 22.62 -8.39 -44.58
C LYS A 441 23.64 -7.72 -43.65
N LEU A 442 23.18 -7.15 -42.54
CA LEU A 442 24.09 -6.45 -41.64
C LEU A 442 25.04 -7.41 -40.92
N LEU A 443 24.57 -8.61 -40.57
CA LEU A 443 25.31 -9.53 -39.74
C LEU A 443 26.08 -10.57 -40.55
N THR A 444 26.54 -10.21 -41.74
CA THR A 444 27.30 -11.15 -42.57
C THR A 444 28.70 -11.38 -42.01
N ASP A 445 29.30 -10.36 -41.40
CA ASP A 445 30.66 -10.44 -40.88
C ASP A 445 30.69 -10.83 -39.40
N VAL A 446 29.71 -11.60 -38.94
CA VAL A 446 29.61 -11.98 -37.54
C VAL A 446 29.68 -13.50 -37.45
N LYS A 447 30.16 -13.99 -36.31
CA LYS A 447 30.20 -15.42 -36.07
C LYS A 447 28.78 -15.99 -36.04
N GLU A 448 28.66 -17.28 -36.36
CA GLU A 448 27.35 -17.86 -36.66
C GLU A 448 26.41 -17.78 -35.47
N GLU A 449 26.85 -18.24 -34.29
CA GLU A 449 25.98 -18.21 -33.13
C GLU A 449 25.72 -16.78 -32.67
N GLN A 450 26.74 -15.92 -32.75
CA GLN A 450 26.54 -14.50 -32.44
C GLN A 450 25.60 -13.86 -33.46
N ARG A 451 25.73 -14.22 -34.73
CA ARG A 451 24.80 -13.72 -35.73
C ARG A 451 23.38 -14.15 -35.41
N SER A 452 23.18 -15.40 -35.02
CA SER A 452 21.84 -15.88 -34.69
C SER A 452 21.28 -15.15 -33.47
N ALA A 453 22.11 -14.93 -32.45
CA ALA A 453 21.66 -14.23 -31.26
C ALA A 453 21.23 -12.81 -31.60
N LEU A 454 22.05 -12.11 -32.39
CA LEU A 454 21.69 -10.75 -32.78
C LEU A 454 20.47 -10.74 -33.68
N ILE A 455 20.29 -11.76 -34.51
CA ILE A 455 19.10 -11.84 -35.35
C ILE A 455 17.85 -11.96 -34.49
N ASP A 456 17.87 -12.88 -33.54
CA ASP A 456 16.66 -13.09 -32.74
C ASP A 456 16.40 -11.90 -31.81
N PHE A 457 17.46 -11.20 -31.37
CA PHE A 457 17.23 -10.03 -30.53
C PHE A 457 16.72 -8.84 -31.33
N ALA A 458 17.29 -8.58 -32.50
CA ALA A 458 17.07 -7.34 -33.22
C ALA A 458 15.84 -7.35 -34.11
N THR A 459 15.19 -8.49 -34.29
CA THR A 459 13.98 -8.56 -35.09
C THR A 459 12.73 -8.26 -34.28
N LYS A 460 12.85 -8.10 -32.97
CA LYS A 460 11.79 -7.64 -32.11
C LYS A 460 12.10 -6.23 -31.62
N PRO A 461 11.09 -5.45 -31.23
CA PRO A 461 11.35 -4.08 -30.80
C PRO A 461 12.31 -4.04 -29.62
N PHE A 462 13.20 -3.05 -29.64
CA PHE A 462 14.22 -2.91 -28.61
C PHE A 462 14.54 -1.43 -28.44
N THR A 463 15.11 -1.12 -27.29
CA THR A 463 15.66 0.20 -27.03
C THR A 463 17.17 0.18 -27.28
N PRO A 464 17.76 1.33 -27.59
CA PRO A 464 19.21 1.35 -27.82
C PRO A 464 20.02 0.83 -26.64
N GLY A 465 19.58 1.10 -25.42
CA GLY A 465 20.28 0.57 -24.26
C GLY A 465 20.21 -0.95 -24.18
N ALA A 466 19.02 -1.50 -24.48
CA ALA A 466 18.90 -2.95 -24.52
C ALA A 466 19.78 -3.55 -25.60
N LEU A 467 19.87 -2.89 -26.75
CA LEU A 467 20.72 -3.38 -27.82
C LEU A 467 22.19 -3.36 -27.41
N CYS A 468 22.63 -2.28 -26.74
CA CYS A 468 24.02 -2.24 -26.29
C CYS A 468 24.30 -3.30 -25.23
N ARG A 469 23.34 -3.53 -24.33
CA ARG A 469 23.49 -4.59 -23.34
C ARG A 469 23.61 -5.95 -24.02
N LYS A 470 22.77 -6.21 -25.03
CA LYS A 470 22.86 -7.47 -25.75
C LYS A 470 24.19 -7.59 -26.48
N PHE A 471 24.66 -6.51 -27.07
CA PHE A 471 25.97 -6.52 -27.73
C PHE A 471 27.07 -6.90 -26.75
N GLY A 472 27.05 -6.29 -25.57
CA GLY A 472 28.04 -6.63 -24.55
C GLY A 472 27.95 -8.10 -24.16
N GLU A 473 26.73 -8.58 -23.92
CA GLU A 473 26.56 -9.96 -23.48
C GLU A 473 27.05 -10.94 -24.53
N VAL A 474 26.75 -10.68 -25.81
CA VAL A 474 27.08 -11.63 -26.87
C VAL A 474 28.49 -11.47 -27.41
N PHE A 475 29.17 -10.36 -27.12
CA PHE A 475 30.54 -10.16 -27.58
C PHE A 475 31.57 -10.21 -26.47
N GLY A 476 31.16 -10.35 -25.22
CA GLY A 476 32.12 -10.45 -24.13
C GLY A 476 32.49 -9.07 -23.57
N ASP A 477 33.64 -8.56 -23.98
CA ASP A 477 34.13 -7.27 -23.50
C ASP A 477 34.54 -6.32 -24.61
N THR A 478 35.00 -6.83 -25.76
CA THR A 478 35.41 -6.00 -26.88
C THR A 478 34.60 -6.36 -28.11
N TRP A 479 34.19 -5.35 -28.86
CA TRP A 479 33.41 -5.53 -30.08
C TRP A 479 33.59 -4.29 -30.94
N ASP A 480 32.76 -4.18 -31.98
CA ASP A 480 32.86 -3.09 -32.95
C ASP A 480 31.66 -2.17 -32.75
N GLU A 481 31.93 -0.92 -32.32
CA GLU A 481 30.85 0.04 -32.13
C GLU A 481 30.16 0.38 -33.44
N THR A 482 30.89 0.30 -34.56
CA THR A 482 30.29 0.61 -35.86
C THR A 482 29.15 -0.34 -36.19
N LEU A 483 29.23 -1.58 -35.72
CA LEU A 483 28.11 -2.51 -35.91
C LEU A 483 26.86 -2.01 -35.20
N PHE A 484 27.00 -1.53 -33.96
CA PHE A 484 25.88 -0.97 -33.24
C PHE A 484 25.32 0.25 -33.96
N ILE A 485 26.21 1.13 -34.42
CA ILE A 485 25.76 2.34 -35.12
C ILE A 485 25.01 1.97 -36.40
N ARG A 486 25.51 0.97 -37.13
CA ARG A 486 24.88 0.58 -38.39
C ARG A 486 23.52 -0.07 -38.14
N VAL A 487 23.41 -0.89 -37.09
CA VAL A 487 22.13 -1.49 -36.75
C VAL A 487 21.12 -0.41 -36.40
N ILE A 488 21.56 0.60 -35.64
CA ILE A 488 20.66 1.71 -35.32
C ILE A 488 20.26 2.45 -36.60
N ASP A 489 21.22 2.68 -37.49
CA ASP A 489 20.93 3.46 -38.70
C ASP A 489 19.92 2.75 -39.58
N PHE A 490 20.05 1.43 -39.74
CA PHE A 490 19.16 0.69 -40.63
C PHE A 490 17.95 0.12 -39.93
N ALA A 491 17.78 0.38 -38.63
CA ALA A 491 16.60 -0.07 -37.93
C ALA A 491 15.40 0.84 -38.25
N GLU A 492 14.21 0.35 -37.90
CA GLU A 492 12.97 1.08 -38.14
C GLU A 492 12.41 1.55 -36.80
N GLU A 493 12.03 2.83 -36.74
CA GLU A 493 11.52 3.42 -35.52
C GLU A 493 10.05 3.05 -35.35
N MET A 494 9.71 2.45 -34.21
CA MET A 494 8.34 2.04 -33.96
C MET A 494 7.47 3.26 -33.64
N VAL A 495 6.17 3.05 -33.69
CA VAL A 495 5.21 4.07 -33.29
C VAL A 495 5.07 4.06 -31.77
N ASN A 496 4.97 5.25 -31.18
CA ASN A 496 5.13 5.39 -29.74
C ASN A 496 3.93 6.07 -29.09
N GLY A 497 2.72 5.62 -29.41
CA GLY A 497 1.51 6.16 -28.81
C GLY A 497 0.82 5.11 -27.96
N SER A 498 0.53 5.49 -26.72
CA SER A 498 -0.24 4.67 -25.80
C SER A 498 -1.43 5.47 -25.32
N PHE A 499 -2.62 4.85 -25.38
CA PHE A 499 -3.86 5.61 -25.17
C PHE A 499 -3.86 6.34 -23.83
N GLY A 500 -3.83 5.59 -22.74
CA GLY A 500 -3.88 6.22 -21.43
C GLY A 500 -5.21 6.03 -20.75
N GLU A 501 -5.87 7.14 -20.38
CA GLU A 501 -7.09 7.05 -19.58
C GLU A 501 -8.24 7.92 -20.06
N GLY A 502 -8.00 8.99 -20.81
CA GLY A 502 -9.10 9.87 -21.16
C GLY A 502 -8.71 10.87 -22.21
N TYR A 503 -9.62 11.78 -22.49
CA TYR A 503 -9.44 12.81 -23.51
C TYR A 503 -9.55 14.19 -22.86
N TRP A 504 -8.41 14.86 -22.70
CA TRP A 504 -8.42 16.25 -22.28
C TRP A 504 -8.68 17.15 -23.48
N SER A 505 -9.13 18.37 -23.19
CA SER A 505 -9.56 19.30 -24.24
C SER A 505 -8.50 20.33 -24.60
N ASP A 506 -7.30 20.24 -24.02
CA ASP A 506 -6.28 21.26 -24.25
C ASP A 506 -5.00 20.74 -24.87
N HIS A 507 -4.86 19.43 -25.07
CA HIS A 507 -3.59 18.87 -25.51
C HIS A 507 -3.18 19.38 -26.88
N TRP A 508 -4.14 19.56 -27.78
CA TRP A 508 -3.85 19.98 -29.14
C TRP A 508 -3.35 21.41 -29.23
N THR A 509 -3.45 22.19 -28.17
CA THR A 509 -3.14 23.61 -28.24
C THR A 509 -1.65 23.93 -28.17
N TYR A 510 -0.80 22.93 -27.96
CA TYR A 510 0.63 23.17 -27.82
C TYR A 510 1.42 22.85 -29.07
N ASN A 511 0.79 22.35 -30.12
CA ASN A 511 1.49 22.01 -31.35
C ASN A 511 1.83 23.25 -32.18
N LEU A 512 0.96 24.26 -32.14
CA LEU A 512 1.26 25.49 -32.86
C LEU A 512 2.53 26.14 -32.33
N ASP A 513 2.83 25.95 -31.04
CA ASP A 513 4.07 26.48 -30.48
C ASP A 513 5.28 25.80 -31.12
N LEU A 514 5.21 24.48 -31.30
CA LEU A 514 6.29 23.77 -31.98
C LEU A 514 6.46 24.28 -33.40
N ILE A 515 5.34 24.48 -34.11
CA ILE A 515 5.42 24.98 -35.48
C ILE A 515 6.07 26.36 -35.50
N LEU A 516 5.66 27.23 -34.57
CA LEU A 516 6.17 28.60 -34.56
C LEU A 516 7.65 28.64 -34.21
N ASP A 517 8.10 27.79 -33.29
CA ASP A 517 9.53 27.75 -32.97
C ASP A 517 10.34 27.26 -34.17
N TYR A 518 9.85 26.20 -34.84
CA TYR A 518 10.57 25.72 -36.02
C TYR A 518 10.63 26.81 -37.10
N LEU A 519 9.54 27.55 -37.27
CA LEU A 519 9.57 28.63 -38.25
C LEU A 519 10.47 29.77 -37.81
N SER A 520 10.63 29.96 -36.49
CA SER A 520 11.55 30.97 -36.01
C SER A 520 12.99 30.61 -36.32
N VAL A 521 13.33 29.33 -36.27
CA VAL A 521 14.70 28.93 -36.57
C VAL A 521 14.91 28.64 -38.06
N PHE A 522 13.90 28.11 -38.76
CA PHE A 522 14.00 27.82 -40.20
C PHE A 522 12.83 28.46 -40.91
N PRO A 523 12.87 29.77 -41.14
CA PRO A 523 11.70 30.46 -41.70
C PRO A 523 11.46 30.18 -43.18
N GLU A 524 12.48 29.75 -43.92
CA GLU A 524 12.35 29.61 -45.36
C GLU A 524 11.79 28.27 -45.80
N GLN A 525 11.45 27.39 -44.87
CA GLN A 525 10.94 26.06 -45.19
C GLN A 525 9.49 25.88 -44.78
N GLU A 526 8.73 26.98 -44.67
CA GLU A 526 7.35 26.88 -44.21
C GLU A 526 6.49 26.11 -45.19
N LYS A 527 6.64 26.38 -46.48
CA LYS A 527 5.83 25.68 -47.48
C LYS A 527 6.15 24.20 -47.50
N GLU A 528 7.44 23.85 -47.45
CA GLU A 528 7.83 22.45 -47.41
C GLU A 528 7.30 21.75 -46.17
N MET A 529 7.35 22.43 -45.02
CA MET A 529 6.78 21.87 -43.81
C MET A 529 5.29 21.64 -43.95
N LEU A 530 4.57 22.61 -44.52
CA LEU A 530 3.12 22.50 -44.64
C LEU A 530 2.71 21.37 -45.57
N TYR A 531 3.38 21.24 -46.72
CA TYR A 531 2.96 20.29 -47.75
C TYR A 531 3.85 19.05 -47.80
N GLU A 532 4.30 18.59 -46.65
CA GLU A 532 5.08 17.37 -46.53
C GLU A 532 4.18 16.25 -46.03
N GLU A 533 3.98 15.23 -46.86
CA GLU A 533 3.02 14.16 -46.54
C GLU A 533 3.74 13.01 -45.84
N VAL A 534 4.06 13.25 -44.57
CA VAL A 534 4.76 12.24 -43.76
C VAL A 534 4.04 12.08 -42.42
N TYR A 535 2.89 12.72 -42.27
CA TYR A 535 2.16 12.70 -41.02
C TYR A 535 1.19 11.53 -41.00
N THR A 536 1.42 10.59 -40.09
CA THR A 536 0.51 9.47 -39.91
C THR A 536 -0.65 9.92 -39.02
N THR A 537 -1.47 8.96 -38.58
CA THR A 537 -2.58 9.29 -37.70
C THR A 537 -2.78 8.14 -36.72
N PHE A 538 -2.81 8.47 -35.43
CA PHE A 538 -3.00 7.45 -34.41
C PHE A 538 -4.41 6.89 -34.48
N LEU A 539 -4.55 5.59 -34.23
CA LEU A 539 -5.83 4.92 -34.27
C LEU A 539 -6.48 4.99 -32.89
N SER A 540 -7.66 5.62 -32.82
CA SER A 540 -8.32 5.83 -31.55
C SER A 540 -8.67 4.51 -30.89
N ARG A 541 -8.37 4.40 -29.60
CA ARG A 541 -8.75 3.23 -28.82
C ARG A 541 -10.16 3.32 -28.26
N ILE A 542 -10.79 4.51 -28.32
CA ILE A 542 -12.14 4.69 -27.82
C ILE A 542 -12.71 5.93 -28.50
N ASN A 543 -14.03 5.96 -28.64
CA ASN A 543 -14.70 7.04 -29.35
C ASN A 543 -15.54 7.86 -28.39
N VAL A 544 -15.58 9.17 -28.62
CA VAL A 544 -16.42 10.05 -27.81
C VAL A 544 -17.88 9.73 -28.10
N ASN A 545 -18.66 9.57 -27.03
CA ASN A 545 -20.07 9.24 -27.18
C ASN A 545 -20.83 10.39 -27.83
N ARG A 546 -21.95 10.06 -28.46
CA ARG A 546 -22.83 11.08 -28.98
C ARG A 546 -23.38 11.91 -27.83
N ARG A 547 -23.69 13.18 -28.11
CA ARG A 547 -24.05 14.10 -27.04
C ARG A 547 -25.32 13.64 -26.33
N PHE A 548 -26.30 13.11 -27.07
CA PHE A 548 -27.51 12.63 -26.44
C PHE A 548 -27.25 11.43 -25.53
N ARG A 549 -26.12 10.74 -25.71
CA ARG A 549 -25.78 9.62 -24.85
C ARG A 549 -24.90 10.01 -23.68
N ARG A 550 -24.30 11.20 -23.72
CA ARG A 550 -23.42 11.63 -22.64
C ARG A 550 -24.16 12.18 -21.44
N TYR A 551 -25.46 12.44 -21.55
CA TYR A 551 -26.22 13.14 -20.53
C TYR A 551 -27.03 12.13 -19.71
N VAL A 552 -26.94 12.24 -18.40
CA VAL A 552 -27.67 11.38 -17.47
C VAL A 552 -28.46 12.25 -16.51
N GLU A 553 -29.40 11.62 -15.82
CA GLU A 553 -30.27 12.30 -14.87
C GLU A 553 -29.84 11.97 -13.45
N THR A 554 -29.71 12.99 -12.62
CA THR A 554 -29.27 12.85 -11.24
C THR A 554 -30.20 13.64 -10.32
N GLU A 555 -29.91 13.59 -9.02
CA GLU A 555 -30.72 14.32 -8.05
C GLU A 555 -30.57 15.83 -8.21
N ASN A 556 -29.39 16.29 -8.63
CA ASN A 556 -29.12 17.71 -8.77
C ASN A 556 -29.47 18.24 -10.16
N GLY A 557 -29.97 17.40 -11.05
CA GLY A 557 -30.32 17.81 -12.39
C GLY A 557 -29.51 17.05 -13.43
N LEU A 558 -29.59 17.53 -14.66
CA LEU A 558 -28.89 16.89 -15.77
C LEU A 558 -27.39 17.04 -15.62
N ARG A 559 -26.66 15.96 -15.92
CA ARG A 559 -25.22 15.94 -15.82
C ARG A 559 -24.65 15.21 -17.02
N GLN A 560 -23.38 15.47 -17.32
CA GLN A 560 -22.66 14.84 -18.42
C GLN A 560 -21.67 13.86 -17.82
N TYR A 561 -22.10 12.60 -17.65
CA TYR A 561 -21.31 11.60 -16.96
C TYR A 561 -20.90 10.42 -17.83
N ARG A 562 -21.26 10.39 -19.11
CA ARG A 562 -20.99 9.26 -19.99
C ARG A 562 -20.30 9.73 -21.26
N ALA A 563 -19.20 10.47 -21.09
CA ALA A 563 -18.53 11.08 -22.23
C ALA A 563 -18.00 10.05 -23.21
N LEU A 564 -17.42 8.97 -22.70
CA LEU A 564 -16.77 7.97 -23.54
C LEU A 564 -17.71 6.83 -23.85
N ASN A 565 -17.67 6.35 -25.10
CA ASN A 565 -18.48 5.22 -25.55
C ASN A 565 -17.68 3.95 -25.27
N GLU A 566 -18.03 3.26 -24.18
CA GLU A 566 -17.30 2.06 -23.79
C GLU A 566 -17.54 0.89 -24.74
N ALA A 567 -18.63 0.93 -25.51
CA ALA A 567 -18.90 -0.16 -26.45
C ALA A 567 -17.98 -0.12 -27.66
N SER A 568 -17.40 1.03 -27.97
CA SER A 568 -16.51 1.17 -29.12
C SER A 568 -15.04 0.95 -28.77
N ARG A 569 -14.74 0.59 -27.53
CA ARG A 569 -13.35 0.44 -27.11
C ARG A 569 -12.68 -0.69 -27.88
N ARG A 570 -11.43 -0.46 -28.26
CA ARG A 570 -10.62 -1.44 -28.97
C ARG A 570 -9.45 -1.88 -28.10
N ALA A 571 -8.73 -2.88 -28.61
CA ALA A 571 -7.61 -3.44 -27.87
C ALA A 571 -6.49 -2.41 -27.73
N ALA A 572 -5.86 -2.39 -26.55
CA ALA A 572 -4.77 -1.46 -26.31
C ALA A 572 -3.54 -1.84 -27.13
N ALA A 573 -3.15 -3.11 -27.09
CA ALA A 573 -1.94 -3.58 -27.78
C ALA A 573 -2.35 -4.19 -29.12
N ALA A 574 -2.53 -3.32 -30.11
CA ALA A 574 -2.93 -3.73 -31.45
C ALA A 574 -2.36 -2.74 -32.45
N GLU A 575 -2.94 -2.70 -33.65
CA GLU A 575 -2.54 -1.72 -34.64
C GLU A 575 -2.66 -0.31 -34.09
N LYS A 576 -1.64 0.51 -34.33
CA LYS A 576 -1.55 1.84 -33.75
C LYS A 576 -1.69 2.95 -34.77
N LEU A 577 -1.95 2.64 -36.03
CA LEU A 577 -2.04 3.66 -37.07
C LEU A 577 -3.30 3.47 -37.90
N VAL A 578 -3.83 4.58 -38.39
CA VAL A 578 -4.98 4.53 -39.28
C VAL A 578 -4.50 4.08 -40.66
N ARG A 579 -5.13 3.02 -41.19
CA ARG A 579 -4.76 2.47 -42.47
C ARG A 579 -5.88 2.69 -43.47
N THR A 580 -5.50 2.93 -44.72
CA THR A 580 -6.48 3.14 -45.77
C THR A 580 -7.29 1.87 -46.02
N GLU A 581 -8.30 2.00 -46.88
CA GLU A 581 -9.20 0.89 -47.20
C GLU A 581 -9.83 0.32 -45.94
N TYR A 582 -10.24 1.22 -45.03
CA TYR A 582 -10.94 0.85 -43.80
C TYR A 582 -10.11 -0.13 -42.96
N GLY A 583 -8.83 0.19 -42.80
CA GLY A 583 -7.95 -0.59 -41.96
C GLY A 583 -7.27 -1.76 -42.63
N SER A 584 -7.51 -1.99 -43.92
CA SER A 584 -6.89 -3.09 -44.63
C SER A 584 -5.76 -2.66 -45.57
N GLY A 585 -5.73 -1.40 -45.97
CA GLY A 585 -4.75 -0.90 -46.91
C GLY A 585 -3.47 -0.42 -46.24
N ASP A 586 -2.77 0.44 -46.95
CA ASP A 586 -1.53 0.99 -46.44
C ASP A 586 -1.80 2.00 -45.34
N VAL A 587 -0.72 2.43 -44.67
CA VAL A 587 -0.84 3.41 -43.61
C VAL A 587 -1.23 4.75 -44.20
N LEU A 588 -2.29 5.36 -43.66
CA LEU A 588 -2.74 6.65 -44.15
C LEU A 588 -1.72 7.72 -43.85
N THR A 589 -1.40 8.53 -44.85
CA THR A 589 -0.44 9.60 -44.71
C THR A 589 -1.10 10.93 -45.09
N MET A 590 -0.80 11.97 -44.32
CA MET A 590 -1.43 13.26 -44.49
C MET A 590 -0.35 14.34 -44.42
N THR A 591 -0.68 15.51 -44.98
CA THR A 591 0.20 16.66 -44.88
C THR A 591 -0.11 17.45 -43.61
N LEU A 592 0.81 18.35 -43.25
CA LEU A 592 0.61 19.16 -42.06
C LEU A 592 -0.59 20.08 -42.22
N MET A 593 -0.78 20.63 -43.42
CA MET A 593 -1.93 21.51 -43.66
C MET A 593 -3.23 20.76 -43.44
N GLU A 594 -3.29 19.49 -43.87
CA GLU A 594 -4.47 18.69 -43.64
C GLU A 594 -4.72 18.49 -42.15
N LYS A 595 -3.66 18.25 -41.38
CA LYS A 595 -3.82 18.11 -39.93
C LYS A 595 -4.34 19.40 -39.30
N LEU A 596 -3.81 20.54 -39.73
CA LEU A 596 -4.27 21.80 -39.19
C LEU A 596 -5.74 22.04 -39.52
N ILE A 597 -6.14 21.74 -40.75
CA ILE A 597 -7.53 21.94 -41.15
C ILE A 597 -8.44 21.01 -40.36
N LEU A 598 -8.01 19.76 -40.17
CA LEU A 598 -8.82 18.81 -39.40
C LEU A 598 -9.00 19.30 -37.96
N LEU A 599 -7.91 19.76 -37.34
CA LEU A 599 -8.01 20.28 -35.98
C LEU A 599 -8.94 21.47 -35.92
N GLY A 600 -8.80 22.40 -36.86
CA GLY A 600 -9.65 23.57 -36.86
C GLY A 600 -11.12 23.21 -37.01
N ALA A 601 -11.43 22.31 -37.95
CA ALA A 601 -12.81 21.91 -38.17
C ALA A 601 -13.40 21.24 -36.94
N VAL A 602 -12.67 20.29 -36.36
CA VAL A 602 -13.19 19.55 -35.21
C VAL A 602 -13.40 20.48 -34.02
N LYS A 603 -12.42 21.33 -33.75
CA LYS A 603 -12.53 22.20 -32.59
C LYS A 603 -13.61 23.25 -32.78
N PHE A 604 -13.79 23.75 -34.00
CA PHE A 604 -14.92 24.62 -34.27
C PHE A 604 -16.24 23.88 -34.06
N ALA A 605 -16.27 22.61 -34.43
CA ALA A 605 -17.46 21.80 -34.19
C ALA A 605 -17.65 21.48 -32.70
N THR A 606 -16.64 21.71 -31.87
CA THR A 606 -16.75 21.46 -30.44
C THR A 606 -17.16 22.71 -29.66
N LEU A 607 -17.80 23.68 -30.31
CA LEU A 607 -18.28 24.86 -29.61
C LEU A 607 -19.46 24.50 -28.70
N ASP A 608 -19.73 25.37 -27.74
CA ASP A 608 -20.79 25.14 -26.78
C ASP A 608 -22.10 25.71 -27.29
N ALA A 609 -23.15 25.65 -26.46
CA ALA A 609 -24.48 26.08 -26.89
C ALA A 609 -24.50 27.56 -27.22
N TYR A 610 -23.82 28.38 -26.44
CA TYR A 610 -23.76 29.81 -26.68
C TYR A 610 -22.66 30.19 -27.68
N GLY A 611 -21.92 29.21 -28.18
CA GLY A 611 -20.87 29.50 -29.14
C GLY A 611 -19.73 30.32 -28.58
N MET A 612 -19.36 30.10 -27.32
CA MET A 612 -18.28 30.84 -26.68
C MET A 612 -17.09 29.94 -26.36
N GLY A 613 -17.31 28.86 -25.60
CA GLY A 613 -16.23 27.97 -25.21
C GLY A 613 -16.21 26.70 -26.03
N ILE A 614 -15.20 25.87 -25.76
CA ILE A 614 -15.07 24.56 -26.36
C ILE A 614 -15.47 23.53 -25.31
N GLU A 615 -16.49 22.74 -25.61
CA GLU A 615 -17.02 21.82 -24.62
C GLU A 615 -15.99 20.77 -24.23
N MET A 616 -15.97 20.43 -22.95
CA MET A 616 -15.12 19.35 -22.45
C MET A 616 -15.83 18.02 -22.66
N GLU A 617 -16.22 17.72 -23.90
CA GLU A 617 -16.97 16.51 -24.19
C GLU A 617 -16.12 15.25 -24.04
N GLY A 618 -14.81 15.38 -23.89
CA GLY A 618 -13.97 14.23 -23.70
C GLY A 618 -13.97 13.64 -22.31
N GLY A 619 -14.68 14.25 -21.37
CA GLY A 619 -14.72 13.75 -20.02
C GLY A 619 -13.59 14.21 -19.13
N LYS A 620 -12.66 15.02 -19.64
CA LYS A 620 -11.55 15.52 -18.87
C LYS A 620 -11.47 17.03 -19.01
N PRO A 621 -10.98 17.73 -17.99
CA PRO A 621 -10.89 19.19 -18.07
C PRO A 621 -9.76 19.64 -18.97
N GLY A 622 -9.48 20.94 -18.98
CA GLY A 622 -8.40 21.47 -19.77
C GLY A 622 -7.06 21.38 -19.07
N TRP A 623 -6.29 22.46 -19.12
CA TRP A 623 -4.98 22.48 -18.46
C TRP A 623 -5.09 22.37 -16.95
N TYR A 624 -6.24 22.75 -16.38
CA TYR A 624 -6.45 22.74 -14.94
C TYR A 624 -6.98 21.38 -14.53
N ASP A 625 -6.10 20.54 -13.97
CA ASP A 625 -6.50 19.18 -13.61
C ASP A 625 -7.49 19.17 -12.44
N ALA A 626 -7.31 20.08 -11.48
CA ALA A 626 -8.09 20.05 -10.25
C ALA A 626 -9.56 20.37 -10.46
N LEU A 627 -9.99 20.68 -11.68
CA LEU A 627 -11.39 20.93 -12.01
C LEU A 627 -12.02 19.74 -12.71
N ASN A 628 -11.71 18.53 -12.25
CA ASN A 628 -12.17 17.32 -12.92
C ASN A 628 -13.69 17.22 -12.99
N GLY A 629 -14.40 17.93 -12.12
CA GLY A 629 -15.85 17.91 -12.19
C GLY A 629 -16.46 18.85 -13.20
N MET A 630 -15.65 19.71 -13.82
CA MET A 630 -16.20 20.64 -14.82
C MET A 630 -16.84 19.95 -16.01
N PRO A 631 -16.27 18.90 -16.61
CA PRO A 631 -16.98 18.25 -17.73
C PRO A 631 -18.35 17.73 -17.36
N GLY A 632 -18.54 17.28 -16.11
CA GLY A 632 -19.86 16.85 -15.68
C GLY A 632 -20.87 17.97 -15.61
N LEU A 633 -20.42 19.22 -15.47
CA LEU A 633 -21.29 20.38 -15.42
C LEU A 633 -21.38 21.09 -16.76
N PHE A 634 -21.26 20.35 -17.87
CA PHE A 634 -21.32 20.91 -19.22
C PHE A 634 -20.28 22.01 -19.40
N GLY A 635 -19.09 21.79 -18.83
CA GLY A 635 -18.08 22.83 -18.85
C GLY A 635 -17.54 23.09 -20.24
N SER A 636 -17.23 24.34 -20.51
CA SER A 636 -16.57 24.76 -21.74
C SER A 636 -15.44 25.70 -21.38
N SER A 637 -14.37 25.66 -22.16
CA SER A 637 -13.16 26.40 -21.87
C SER A 637 -12.95 27.49 -22.91
N MET A 638 -12.83 28.74 -22.45
CA MET A 638 -12.52 29.85 -23.35
C MET A 638 -11.06 29.84 -23.79
N ALA A 639 -10.18 29.20 -23.02
CA ALA A 639 -8.79 29.09 -23.42
C ALA A 639 -8.66 28.31 -24.71
N GLU A 640 -9.41 27.22 -24.83
CA GLU A 640 -9.42 26.46 -26.07
C GLU A 640 -9.97 27.30 -27.21
N THR A 641 -10.95 28.17 -26.92
CA THR A 641 -11.48 29.05 -27.96
C THR A 641 -10.41 30.03 -28.43
N TYR A 642 -9.65 30.61 -27.51
CA TYR A 642 -8.59 31.52 -27.91
C TYR A 642 -7.53 30.80 -28.74
N GLU A 643 -7.15 29.59 -28.32
CA GLU A 643 -6.16 28.83 -29.08
C GLU A 643 -6.70 28.47 -30.46
N LEU A 644 -7.98 28.14 -30.55
CA LEU A 644 -8.59 27.82 -31.83
C LEU A 644 -8.59 29.04 -32.74
N ALA A 645 -8.89 30.21 -32.19
CA ALA A 645 -8.83 31.43 -33.00
C ALA A 645 -7.43 31.68 -33.51
N ARG A 646 -6.42 31.50 -32.65
CA ARG A 646 -5.04 31.69 -33.08
C ARG A 646 -4.65 30.70 -34.17
N MET A 647 -5.04 29.44 -34.01
CA MET A 647 -4.70 28.43 -35.00
C MET A 647 -5.39 28.70 -36.33
N LEU A 648 -6.66 29.12 -36.28
CA LEU A 648 -7.38 29.46 -37.51
C LEU A 648 -6.73 30.63 -38.21
N SER A 649 -6.32 31.66 -37.46
CA SER A 649 -5.65 32.79 -38.07
C SER A 649 -4.35 32.37 -38.73
N TYR A 650 -3.57 31.54 -38.04
CA TYR A 650 -2.31 31.08 -38.62
C TYR A 650 -2.55 30.26 -39.89
N THR A 651 -3.56 29.38 -39.87
CA THR A 651 -3.85 28.58 -41.05
C THR A 651 -4.32 29.45 -42.20
N ILE A 652 -5.11 30.49 -41.91
CA ILE A 652 -5.54 31.42 -42.95
C ILE A 652 -4.33 32.09 -43.59
N GLU A 653 -3.41 32.57 -42.75
CA GLU A 653 -2.22 33.24 -43.28
C GLU A 653 -1.36 32.29 -44.09
N ALA A 654 -1.24 31.04 -43.64
CA ALA A 654 -0.46 30.05 -44.38
C ALA A 654 -1.11 29.75 -45.72
N LEU A 655 -2.43 29.60 -45.75
CA LEU A 655 -3.12 29.31 -47.01
C LEU A 655 -2.99 30.47 -47.99
N LYS A 656 -3.10 31.70 -47.50
CA LYS A 656 -2.97 32.85 -48.38
C LYS A 656 -1.52 33.05 -48.82
N GLN A 657 -0.56 32.62 -48.00
CA GLN A 657 0.84 32.89 -48.28
C GLN A 657 1.38 31.96 -49.37
N TYR A 658 0.93 30.72 -49.40
CA TYR A 658 1.42 29.72 -50.35
C TYR A 658 0.22 29.11 -51.06
N PRO A 659 -0.32 29.82 -52.06
CA PRO A 659 -1.49 29.30 -52.78
C PRO A 659 -1.16 28.04 -53.56
N GLY A 660 -2.17 27.18 -53.71
CA GLY A 660 -1.98 25.93 -54.42
C GLY A 660 -3.20 25.04 -54.27
N GLU A 661 -2.94 23.74 -54.22
CA GLU A 661 -3.98 22.73 -54.08
C GLU A 661 -3.72 21.91 -52.82
N VAL A 662 -4.78 21.69 -52.05
CA VAL A 662 -4.70 20.94 -50.79
C VAL A 662 -5.63 19.75 -50.89
N ALA A 663 -5.12 18.57 -50.53
CA ALA A 663 -5.90 17.34 -50.57
C ALA A 663 -6.37 16.99 -49.17
N LEU A 664 -7.68 16.86 -48.99
CA LEU A 664 -8.29 16.42 -47.76
C LEU A 664 -8.97 15.08 -47.99
N ILE A 665 -8.96 14.23 -46.96
CA ILE A 665 -9.67 12.96 -47.07
C ILE A 665 -11.15 13.24 -47.28
N GLU A 666 -11.84 12.26 -47.88
CA GLU A 666 -13.22 12.47 -48.30
C GLU A 666 -14.13 12.80 -47.13
N GLU A 667 -13.97 12.08 -46.02
CA GLU A 667 -14.81 12.32 -44.85
C GLU A 667 -14.59 13.73 -44.30
N LEU A 668 -13.32 14.15 -44.19
CA LEU A 668 -13.05 15.50 -43.71
C LEU A 668 -13.56 16.55 -44.68
N GLY A 669 -13.45 16.30 -45.98
CA GLY A 669 -13.97 17.24 -46.95
C GLY A 669 -15.48 17.42 -46.84
N CYS A 670 -16.20 16.30 -46.72
CA CYS A 670 -17.64 16.38 -46.54
C CYS A 670 -18.00 17.10 -45.25
N PHE A 671 -17.28 16.79 -44.17
CA PHE A 671 -17.54 17.44 -42.89
C PHE A 671 -17.30 18.95 -43.00
N LEU A 672 -16.22 19.35 -43.67
CA LEU A 672 -15.92 20.77 -43.81
C LEU A 672 -16.96 21.49 -44.65
N ASP A 673 -17.40 20.85 -45.74
CA ASP A 673 -18.46 21.46 -46.56
C ASP A 673 -19.75 21.61 -45.76
N GLU A 674 -20.10 20.59 -44.97
CA GLU A 674 -21.29 20.68 -44.14
C GLU A 674 -21.17 21.82 -43.13
N LEU A 675 -20.00 21.94 -42.50
CA LEU A 675 -19.80 23.03 -41.55
C LEU A 675 -19.90 24.39 -42.22
N ASN A 676 -19.35 24.52 -43.43
CA ASN A 676 -19.44 25.78 -44.15
C ASN A 676 -20.88 26.14 -44.45
N LEU A 677 -21.67 25.16 -44.89
CA LEU A 677 -23.09 25.39 -45.13
C LEU A 677 -23.80 25.80 -43.85
N ILE A 678 -23.49 25.13 -42.74
CA ILE A 678 -24.13 25.45 -41.47
C ILE A 678 -23.80 26.88 -41.05
N THR A 679 -22.54 27.29 -41.21
CA THR A 679 -22.16 28.65 -40.85
C THR A 679 -22.86 29.68 -41.72
N ARG A 680 -22.92 29.42 -43.03
CA ARG A 680 -23.62 30.36 -43.90
C ARG A 680 -25.10 30.47 -43.56
N LEU A 681 -25.70 29.37 -43.10
CA LEU A 681 -27.12 29.43 -42.73
C LEU A 681 -27.32 30.14 -41.40
N GLU A 682 -26.44 29.89 -40.42
CA GLU A 682 -26.65 30.34 -39.06
C GLU A 682 -25.93 31.65 -38.73
N HIS A 683 -25.29 32.28 -39.71
CA HIS A 683 -24.56 33.52 -39.44
C HIS A 683 -25.46 34.58 -38.84
N ASP A 684 -26.64 34.80 -39.42
CA ASP A 684 -27.52 35.84 -38.92
C ASP A 684 -27.97 35.56 -37.50
N ASN A 685 -28.33 34.31 -37.20
CA ASN A 685 -28.76 33.96 -35.85
C ASN A 685 -27.62 34.15 -34.85
N ILE A 686 -26.39 33.80 -35.24
CA ILE A 686 -25.26 33.92 -34.33
C ILE A 686 -25.00 35.37 -33.98
N MET A 687 -25.13 36.28 -34.95
CA MET A 687 -24.79 37.67 -34.72
C MET A 687 -25.74 38.38 -33.77
N ARG A 688 -26.96 37.88 -33.59
CA ARG A 688 -27.95 38.58 -32.79
C ARG A 688 -28.48 37.78 -31.61
N ASP A 689 -28.66 36.47 -31.76
CA ASP A 689 -29.23 35.69 -30.68
C ASP A 689 -28.23 35.50 -29.54
N GLU A 690 -28.76 35.25 -28.35
CA GLU A 690 -27.94 34.98 -27.18
C GLU A 690 -27.58 33.50 -27.07
N GLU A 691 -28.59 32.64 -27.05
CA GLU A 691 -28.38 31.21 -27.10
C GLU A 691 -28.45 30.73 -28.56
N LEU A 692 -27.63 29.72 -28.87
CA LEU A 692 -27.50 29.26 -30.25
C LEU A 692 -27.79 27.78 -30.35
N LEU A 693 -28.93 27.35 -29.79
CA LEU A 693 -29.22 25.93 -29.69
C LEU A 693 -29.31 25.26 -31.06
N SER A 694 -29.92 25.93 -32.03
CA SER A 694 -30.04 25.35 -33.37
C SER A 694 -28.66 25.18 -34.01
N PHE A 695 -27.83 26.21 -33.94
CA PHE A 695 -26.48 26.12 -34.47
C PHE A 695 -25.69 25.03 -33.76
N TRP A 696 -25.82 24.95 -32.45
CA TRP A 696 -25.15 23.91 -31.68
C TRP A 696 -25.59 22.52 -32.12
N ASN A 697 -26.90 22.34 -32.33
CA ASN A 697 -27.43 21.04 -32.73
C ASN A 697 -26.91 20.64 -34.10
N ARG A 698 -26.97 21.55 -35.08
CA ARG A 698 -26.50 21.22 -36.41
C ARG A 698 -25.01 20.91 -36.40
N ILE A 699 -24.23 21.72 -35.69
CA ILE A 699 -22.79 21.54 -35.61
C ILE A 699 -22.46 20.19 -35.01
N ASN A 700 -23.13 19.84 -33.90
CA ASN A 700 -22.84 18.57 -33.25
C ASN A 700 -23.33 17.38 -34.06
N ASP A 701 -24.42 17.53 -34.80
CA ASP A 701 -24.86 16.44 -35.67
C ASP A 701 -23.83 16.16 -36.74
N ALA A 702 -23.31 17.22 -37.37
CA ALA A 702 -22.26 17.02 -38.37
C ALA A 702 -21.01 16.40 -37.74
N LYS A 703 -20.61 16.89 -36.57
CA LYS A 703 -19.43 16.36 -35.91
C LYS A 703 -19.60 14.90 -35.55
N GLU A 704 -20.77 14.52 -35.05
CA GLU A 704 -21.01 13.13 -34.67
C GLU A 704 -21.02 12.23 -35.89
N ILE A 705 -21.62 12.68 -36.99
CA ILE A 705 -21.57 11.91 -38.22
C ILE A 705 -20.13 11.67 -38.64
N TYR A 706 -19.32 12.74 -38.64
CA TYR A 706 -17.92 12.59 -39.04
C TYR A 706 -17.16 11.66 -38.11
N ARG A 707 -17.35 11.81 -36.79
CA ARG A 707 -16.61 11.00 -35.84
C ARG A 707 -16.97 9.53 -35.98
N ASP A 708 -18.26 9.22 -36.09
CA ASP A 708 -18.66 7.83 -36.17
C ASP A 708 -18.28 7.22 -37.52
N LYS A 709 -18.25 8.03 -38.58
CA LYS A 709 -17.83 7.50 -39.87
C LYS A 709 -16.34 7.21 -39.89
N THR A 710 -15.53 8.13 -39.38
CA THR A 710 -14.08 7.96 -39.42
C THR A 710 -13.58 6.96 -38.39
N TYR A 711 -14.29 6.79 -37.27
CA TYR A 711 -13.83 5.86 -36.24
C TYR A 711 -13.82 4.43 -36.76
N GLN A 712 -14.82 4.06 -37.56
CA GLN A 712 -14.87 2.71 -38.09
C GLN A 712 -13.82 2.48 -39.18
N GLY A 713 -13.31 3.54 -39.78
CA GLY A 713 -12.29 3.43 -40.81
C GLY A 713 -12.52 4.46 -41.90
N VAL A 714 -11.45 4.75 -42.64
CA VAL A 714 -11.49 5.70 -43.74
C VAL A 714 -10.95 5.01 -44.98
N SER A 715 -11.63 5.19 -46.11
CA SER A 715 -11.21 4.56 -47.35
C SER A 715 -9.83 5.04 -47.78
N GLY A 716 -9.59 6.35 -47.68
CA GLY A 716 -8.34 6.94 -48.12
C GLY A 716 -8.48 7.83 -49.33
N LYS A 717 -9.61 7.79 -50.03
CA LYS A 717 -9.84 8.71 -51.13
C LYS A 717 -9.84 10.15 -50.64
N LYS A 718 -9.15 11.02 -51.37
CA LYS A 718 -8.93 12.39 -50.94
C LYS A 718 -9.60 13.37 -51.90
N MET A 719 -10.38 14.29 -51.35
CA MET A 719 -10.88 15.41 -52.12
C MET A 719 -9.80 16.47 -52.29
N VAL A 720 -9.92 17.25 -53.36
CA VAL A 720 -8.94 18.27 -53.69
C VAL A 720 -9.60 19.63 -53.58
N TYR A 721 -8.95 20.54 -52.85
CA TYR A 721 -9.44 21.89 -52.64
C TYR A 721 -8.39 22.90 -53.07
N HIS A 722 -8.85 24.07 -53.50
CA HIS A 722 -7.97 25.21 -53.66
C HIS A 722 -7.77 25.89 -52.32
N THR A 723 -6.63 26.55 -52.16
CA THR A 723 -6.36 27.26 -50.92
C THR A 723 -7.36 28.39 -50.68
N GLU A 724 -7.91 28.95 -51.76
CA GLU A 724 -8.87 30.05 -51.60
C GLU A 724 -10.16 29.57 -50.93
N GLN A 725 -10.67 28.41 -51.33
CA GLN A 725 -11.91 27.91 -50.74
C GLN A 725 -11.73 27.61 -49.26
N LEU A 726 -10.62 26.94 -48.93
CA LEU A 726 -10.34 26.63 -47.53
C LEU A 726 -10.13 27.90 -46.73
N ALA A 727 -9.48 28.90 -47.35
CA ALA A 727 -9.31 30.18 -46.67
C ALA A 727 -10.65 30.83 -46.38
N ALA A 728 -11.58 30.81 -47.33
CA ALA A 728 -12.89 31.38 -47.08
C ALA A 728 -13.62 30.62 -45.97
N ILE A 729 -13.57 29.30 -45.99
CA ILE A 729 -14.26 28.50 -44.98
C ILE A 729 -13.71 28.80 -43.59
N LEU A 730 -12.38 28.79 -43.46
CA LEU A 730 -11.79 29.03 -42.16
C LEU A 730 -11.92 30.48 -41.74
N GLU A 731 -12.03 31.41 -42.69
CA GLU A 731 -12.31 32.79 -42.34
C GLU A 731 -13.71 32.93 -41.75
N GLY A 732 -14.69 32.23 -42.32
CA GLY A 732 -16.01 32.20 -41.71
C GLY A 732 -15.97 31.61 -40.31
N PHE A 733 -15.23 30.51 -40.14
CA PHE A 733 -15.08 29.92 -38.82
C PHE A 733 -14.47 30.91 -37.84
N LEU A 734 -13.42 31.61 -38.27
CA LEU A 734 -12.74 32.55 -37.40
C LEU A 734 -13.63 33.74 -37.06
N GLU A 735 -14.45 34.18 -38.02
CA GLU A 735 -15.40 35.25 -37.72
C GLU A 735 -16.40 34.83 -36.65
N ILE A 736 -16.91 33.60 -36.76
CA ILE A 736 -17.83 33.11 -35.73
C ILE A 736 -17.14 33.01 -34.38
N VAL A 737 -15.90 32.50 -34.37
CA VAL A 737 -15.17 32.37 -33.11
C VAL A 737 -14.89 33.74 -32.51
N THR A 738 -14.55 34.72 -33.35
CA THR A 738 -14.30 36.07 -32.85
C THR A 738 -15.55 36.67 -32.24
N CYS A 739 -16.70 36.47 -32.89
CA CYS A 739 -17.95 36.97 -32.32
C CYS A 739 -18.25 36.28 -30.99
N GLY A 740 -17.97 34.98 -30.89
CA GLY A 740 -18.15 34.29 -29.63
C GLY A 740 -17.25 34.83 -28.53
N ILE A 741 -16.00 35.14 -28.87
CA ILE A 741 -15.07 35.72 -27.90
C ILE A 741 -15.58 37.09 -27.45
N LYS A 742 -16.06 37.90 -28.39
CA LYS A 742 -16.61 39.20 -28.03
C LYS A 742 -17.80 39.06 -27.10
N LYS A 743 -18.69 38.10 -27.38
CA LYS A 743 -19.84 37.87 -26.51
C LYS A 743 -19.41 37.44 -25.12
N ALA A 744 -18.42 36.55 -25.04
CA ALA A 744 -17.95 36.10 -23.73
C ALA A 744 -17.35 37.24 -22.94
N ARG A 745 -16.54 38.08 -23.58
CA ARG A 745 -15.98 39.23 -22.88
C ARG A 745 -17.06 40.21 -22.46
N ARG A 746 -18.08 40.39 -23.29
CA ARG A 746 -19.18 41.27 -22.94
C ARG A 746 -19.91 40.78 -21.70
N ILE A 747 -20.21 39.49 -21.64
CA ILE A 747 -20.99 38.96 -20.52
C ILE A 747 -20.13 38.61 -19.31
N SER A 748 -18.80 38.68 -19.41
CA SER A 748 -17.95 38.29 -18.30
C SER A 748 -17.57 39.48 -17.43
N GLY A 749 -16.96 40.49 -18.01
CA GLY A 749 -16.55 41.66 -17.26
C GLY A 749 -15.27 42.26 -17.83
N GLU A 750 -14.53 42.93 -16.95
CA GLU A 750 -13.31 43.62 -17.36
C GLU A 750 -12.18 42.66 -17.70
N ILE A 751 -12.28 41.40 -17.31
CA ILE A 751 -11.24 40.40 -17.55
C ILE A 751 -11.85 39.27 -18.36
N CYS A 752 -11.15 38.86 -19.41
CA CYS A 752 -11.65 37.79 -20.26
C CYS A 752 -11.81 36.51 -19.43
N PRO A 753 -12.88 35.75 -19.65
CA PRO A 753 -13.12 34.55 -18.86
C PRO A 753 -12.22 33.40 -19.31
N THR A 754 -12.23 32.34 -18.51
CA THR A 754 -11.49 31.12 -18.84
C THR A 754 -12.42 29.93 -19.04
N TYR A 755 -13.40 29.75 -18.16
CA TYR A 755 -14.29 28.61 -18.22
C TYR A 755 -15.73 29.08 -18.17
N PHE A 756 -16.61 28.24 -18.71
CA PHE A 756 -18.05 28.45 -18.61
C PHE A 756 -18.72 27.13 -18.20
N THR A 757 -19.66 27.23 -17.29
CA THR A 757 -20.45 26.09 -16.84
C THR A 757 -21.91 26.33 -17.20
N TYR A 758 -22.55 25.32 -17.76
CA TYR A 758 -23.93 25.43 -18.20
C TYR A 758 -24.82 24.52 -17.37
N GLU A 759 -26.02 25.01 -17.10
CA GLU A 759 -27.05 24.25 -16.40
C GLU A 759 -28.23 24.04 -17.34
N VAL A 760 -28.70 22.81 -17.44
CA VAL A 760 -29.77 22.47 -18.37
C VAL A 760 -31.05 22.23 -17.60
N PRO A 761 -31.93 23.23 -17.51
CA PRO A 761 -33.17 23.05 -16.74
C PRO A 761 -34.26 22.31 -17.51
N GLU A 762 -34.21 22.29 -18.84
CA GLU A 762 -35.26 21.70 -19.65
C GLU A 762 -34.64 20.72 -20.63
N TYR A 763 -35.00 19.45 -20.50
CA TYR A 763 -34.49 18.42 -21.39
C TYR A 763 -35.62 17.47 -21.77
N GLU A 764 -35.44 16.81 -22.91
CA GLU A 764 -36.43 15.91 -23.47
C GLU A 764 -35.83 14.52 -23.62
N LYS A 765 -36.51 13.52 -23.07
CA LYS A 765 -36.08 12.14 -23.24
C LYS A 765 -36.42 11.65 -24.65
N LEU A 766 -35.63 10.71 -25.14
CA LEU A 766 -35.80 10.18 -26.48
C LEU A 766 -36.16 8.70 -26.41
N LYS A 767 -36.69 8.20 -27.53
CA LYS A 767 -37.13 6.81 -27.58
C LYS A 767 -35.96 5.84 -27.42
N ASP A 768 -34.82 6.14 -28.05
CA ASP A 768 -33.66 5.25 -27.96
C ASP A 768 -32.99 5.29 -26.59
N GLY A 769 -33.39 6.20 -25.72
CA GLY A 769 -32.80 6.32 -24.40
C GLY A 769 -31.96 7.55 -24.18
N GLY A 770 -31.59 8.26 -25.23
CA GLY A 770 -30.85 9.49 -25.07
C GLY A 770 -31.71 10.62 -24.55
N ILE A 771 -31.03 11.68 -24.11
CA ILE A 771 -31.68 12.86 -23.56
C ILE A 771 -31.29 14.06 -24.41
N ARG A 772 -32.29 14.82 -24.85
CA ARG A 772 -32.04 15.98 -25.70
C ARG A 772 -32.20 17.25 -24.88
N PRO A 773 -31.14 18.01 -24.65
CA PRO A 773 -31.29 19.28 -23.95
C PRO A 773 -32.12 20.26 -24.76
N LEU A 774 -32.84 21.12 -24.06
CA LEU A 774 -33.69 22.11 -24.71
C LEU A 774 -33.32 23.55 -24.34
N LYS A 775 -32.52 23.76 -23.30
CA LYS A 775 -32.14 25.11 -22.90
C LYS A 775 -30.86 25.03 -22.08
N PHE A 776 -29.93 25.92 -22.37
CA PHE A 776 -28.67 26.02 -21.64
C PHE A 776 -28.62 27.35 -20.89
N VAL A 777 -28.31 27.30 -19.61
CA VAL A 777 -28.20 28.48 -18.77
C VAL A 777 -26.73 28.63 -18.37
N PRO A 778 -26.00 29.58 -18.93
CA PRO A 778 -24.59 29.74 -18.58
C PRO A 778 -24.41 30.18 -17.14
N GLN A 779 -23.32 29.72 -16.54
CA GLN A 779 -22.94 30.10 -15.19
C GLN A 779 -21.56 30.73 -15.22
N ASN A 780 -21.44 31.92 -14.65
CA ASN A 780 -20.14 32.57 -14.57
C ASN A 780 -19.22 31.79 -13.64
N MET A 781 -17.94 31.77 -14.00
CA MET A 781 -16.90 31.07 -13.26
C MET A 781 -15.92 32.07 -12.67
N PRO A 782 -15.22 31.69 -11.60
CA PRO A 782 -14.18 32.57 -11.05
C PRO A 782 -13.10 32.83 -12.08
N TYR A 783 -12.45 33.98 -11.95
CA TYR A 783 -11.38 34.35 -12.88
C TYR A 783 -10.20 33.41 -12.74
N PHE A 784 -9.67 32.95 -13.87
CA PHE A 784 -8.45 32.16 -13.92
C PHE A 784 -7.40 32.92 -14.71
N LEU A 785 -6.14 32.68 -14.38
CA LEU A 785 -5.06 33.38 -15.07
C LEU A 785 -4.90 32.86 -16.49
N GLU A 786 -5.27 31.61 -16.74
CA GLU A 786 -5.06 31.02 -18.07
C GLU A 786 -5.83 31.76 -19.15
N GLY A 787 -7.00 32.32 -18.81
CA GLY A 787 -7.78 33.08 -19.75
C GLY A 787 -7.03 34.21 -20.38
N PRO A 788 -6.58 35.17 -19.57
CA PRO A 788 -5.76 36.26 -20.12
C PRO A 788 -4.48 35.79 -20.79
N VAL A 789 -3.88 34.71 -20.28
CA VAL A 789 -2.65 34.20 -20.90
C VAL A 789 -2.91 33.80 -22.34
N ARG A 790 -3.97 33.02 -22.57
CA ARG A 790 -4.30 32.63 -23.93
C ARG A 790 -4.77 33.82 -24.75
N TYR A 791 -5.47 34.77 -24.11
CA TYR A 791 -6.00 35.91 -24.85
C TYR A 791 -4.87 36.80 -25.37
N LEU A 792 -3.80 36.94 -24.60
CA LEU A 792 -2.69 37.79 -25.04
C LEU A 792 -2.02 37.26 -26.29
N LYS A 793 -2.21 35.99 -26.64
CA LYS A 793 -1.67 35.45 -27.86
C LYS A 793 -2.44 35.91 -29.09
N LEU A 794 -3.69 36.33 -28.93
CA LEU A 794 -4.49 36.74 -30.07
C LEU A 794 -3.99 38.06 -30.63
N PRO A 795 -4.17 38.29 -31.94
CA PRO A 795 -3.74 39.56 -32.56
C PRO A 795 -4.74 40.69 -32.33
N VAL A 796 -4.68 41.26 -31.13
CA VAL A 796 -5.57 42.35 -30.75
C VAL A 796 -4.75 43.64 -30.61
N GLU A 797 -5.46 44.75 -30.43
CA GLU A 797 -4.81 46.04 -30.34
C GLU A 797 -3.93 46.11 -29.09
N GLN A 798 -2.84 46.88 -29.20
CA GLN A 798 -1.90 47.01 -28.10
C GLN A 798 -2.55 47.65 -26.88
N GLY A 799 -3.34 48.70 -27.11
CA GLY A 799 -4.02 49.36 -25.99
C GLY A 799 -4.94 48.43 -25.24
N GLU A 800 -5.62 47.55 -25.97
CA GLU A 800 -6.48 46.56 -25.33
C GLU A 800 -5.65 45.61 -24.47
N LYS A 801 -4.48 45.19 -24.96
CA LYS A 801 -3.61 44.34 -24.16
C LYS A 801 -3.16 45.04 -22.90
N ARG A 802 -2.79 46.31 -23.00
CA ARG A 802 -2.35 47.05 -21.81
C ARG A 802 -3.50 47.22 -20.82
N ALA A 803 -4.71 47.48 -21.33
CA ALA A 803 -5.87 47.59 -20.46
C ALA A 803 -6.15 46.28 -19.75
N LEU A 804 -6.03 45.16 -20.47
CA LEU A 804 -6.21 43.85 -19.85
C LEU A 804 -5.15 43.62 -18.78
N TYR A 805 -3.90 44.01 -19.05
CA TYR A 805 -2.85 43.88 -18.06
C TYR A 805 -3.19 44.66 -16.79
N GLU A 806 -3.64 45.90 -16.96
CA GLU A 806 -4.00 46.71 -15.80
C GLU A 806 -5.16 46.09 -15.03
N ALA A 807 -6.19 45.61 -15.74
CA ALA A 807 -7.32 45.01 -15.08
C ALA A 807 -6.92 43.78 -14.29
N VAL A 808 -6.05 42.95 -14.87
CA VAL A 808 -5.55 41.78 -14.13
C VAL A 808 -4.76 42.22 -12.91
N LYS A 809 -3.90 43.22 -13.07
CA LYS A 809 -3.06 43.64 -11.95
C LYS A 809 -3.88 44.25 -10.82
N GLU A 810 -5.03 44.83 -11.11
CA GLU A 810 -5.88 45.42 -10.09
C GLU A 810 -7.01 44.48 -9.66
N SER A 811 -6.99 43.23 -10.08
CA SER A 811 -8.03 42.29 -9.76
C SER A 811 -7.58 41.32 -8.67
N ASP A 812 -8.41 40.31 -8.41
CA ASP A 812 -8.09 39.29 -7.42
C ASP A 812 -7.05 38.29 -7.91
N LEU A 813 -6.69 38.32 -9.19
CA LEU A 813 -5.66 37.43 -9.70
C LEU A 813 -4.26 37.85 -9.33
N TYR A 814 -4.07 39.06 -8.83
CA TYR A 814 -2.75 39.59 -8.50
C TYR A 814 -2.58 39.60 -6.99
N ASP A 815 -1.53 38.95 -6.51
CA ASP A 815 -1.22 38.92 -5.08
C ASP A 815 -0.35 40.13 -4.78
N GLY A 816 -0.95 41.15 -4.15
CA GLY A 816 -0.22 42.38 -3.89
C GLY A 816 0.93 42.19 -2.91
N GLU A 817 0.72 41.40 -1.87
CA GLU A 817 1.77 41.21 -0.87
C GLU A 817 3.00 40.53 -1.46
N LEU A 818 2.80 39.51 -2.28
CA LEU A 818 3.91 38.80 -2.91
C LEU A 818 4.31 39.39 -4.26
N SER A 819 3.53 40.32 -4.79
CA SER A 819 3.77 40.89 -6.13
C SER A 819 3.87 39.79 -7.18
N MET A 820 2.99 38.80 -7.06
CA MET A 820 2.93 37.68 -8.00
C MET A 820 1.49 37.48 -8.46
N TYR A 821 1.32 36.66 -9.48
CA TYR A 821 0.01 36.41 -10.08
C TYR A 821 -0.49 35.04 -9.67
N LYS A 822 -1.72 35.00 -9.15
CA LYS A 822 -2.31 33.75 -8.69
C LYS A 822 -2.95 33.01 -9.86
N VAL A 823 -3.03 31.69 -9.72
CA VAL A 823 -3.54 30.86 -10.80
C VAL A 823 -5.03 31.10 -11.01
N ASN A 824 -5.78 31.33 -9.94
CA ASN A 824 -7.21 31.58 -10.04
C ASN A 824 -7.66 32.47 -8.91
N ALA A 825 -8.83 33.07 -9.08
CA ALA A 825 -9.45 33.87 -8.03
C ALA A 825 -10.11 32.94 -7.03
N SER A 826 -10.85 33.51 -6.09
CA SER A 826 -11.48 32.71 -5.05
C SER A 826 -12.56 31.81 -5.63
N LEU A 827 -12.55 30.54 -5.23
CA LEU A 827 -13.55 29.57 -5.63
C LEU A 827 -14.59 29.32 -4.55
N ALA A 828 -14.63 30.16 -3.52
CA ALA A 828 -15.44 29.85 -2.34
C ALA A 828 -16.92 29.74 -2.68
N ASP A 829 -17.44 30.65 -3.50
CA ASP A 829 -18.85 30.67 -3.82
C ASP A 829 -19.21 29.84 -5.04
N SER A 830 -18.24 29.15 -5.63
CA SER A 830 -18.53 28.29 -6.77
C SER A 830 -19.12 26.96 -6.30
N SER A 831 -19.50 26.12 -7.24
CA SER A 831 -20.09 24.83 -6.92
C SER A 831 -19.04 23.89 -6.35
N PHE A 832 -19.50 23.00 -5.47
CA PHE A 832 -18.62 21.99 -4.88
C PHE A 832 -18.41 20.78 -5.79
N GLU A 833 -19.09 20.72 -6.93
CA GLU A 833 -18.94 19.61 -7.86
C GLU A 833 -17.78 19.82 -8.83
N LEU A 834 -17.05 20.93 -8.70
CA LEU A 834 -15.97 21.21 -9.65
C LEU A 834 -14.81 20.24 -9.52
N GLY A 835 -14.53 19.75 -8.32
CA GLY A 835 -13.49 18.75 -8.17
C GLY A 835 -12.57 18.95 -7.00
N ARG A 836 -11.31 18.52 -7.14
CA ARG A 836 -10.37 18.57 -6.04
C ARG A 836 -10.07 20.00 -5.59
N ALA A 837 -10.14 20.96 -6.51
CA ALA A 837 -9.81 22.34 -6.16
C ALA A 837 -10.74 22.86 -5.07
N ARG A 838 -11.96 22.35 -5.00
CA ARG A 838 -12.89 22.79 -3.97
C ARG A 838 -12.58 22.17 -2.61
N ALA A 839 -11.78 21.12 -2.56
CA ALA A 839 -11.42 20.47 -1.31
C ALA A 839 -10.10 20.98 -0.73
N PHE A 840 -9.47 21.95 -1.37
CA PHE A 840 -8.20 22.48 -0.91
C PHE A 840 -8.40 23.86 -0.29
N THR A 841 -7.57 24.17 0.69
CA THR A 841 -7.57 25.51 1.25
C THR A 841 -7.06 26.50 0.20
N PRO A 842 -7.51 27.76 0.26
CA PRO A 842 -6.96 28.77 -0.65
C PRO A 842 -5.46 28.91 -0.47
N GLY A 843 -4.77 29.11 -1.58
CA GLY A 843 -3.33 29.25 -1.54
C GLY A 843 -2.57 27.97 -1.30
N TRP A 844 -3.08 26.84 -1.80
CA TRP A 844 -2.38 25.57 -1.67
C TRP A 844 -2.65 24.74 -2.91
N LEU A 845 -1.59 24.14 -3.46
CA LEU A 845 -1.67 23.38 -4.70
C LEU A 845 -2.31 24.22 -5.79
N GLU A 846 -3.22 23.61 -6.57
CA GLU A 846 -3.91 24.34 -7.63
C GLU A 846 -5.19 24.98 -7.10
N ASN A 847 -5.03 25.85 -6.11
CA ASN A 847 -6.19 26.54 -5.55
C ASN A 847 -5.72 27.92 -5.05
N GLU A 848 -5.88 28.92 -5.91
CA GLU A 848 -5.60 30.31 -5.56
C GLU A 848 -4.17 30.49 -5.06
N SER A 849 -3.24 29.74 -5.61
CA SER A 849 -1.84 29.85 -5.26
C SER A 849 -1.05 30.43 -6.42
N ILE A 850 0.23 30.68 -6.19
CA ILE A 850 1.11 31.21 -7.23
C ILE A 850 1.63 29.99 -7.98
N TRP A 851 0.83 29.52 -8.93
CA TRP A 851 1.26 28.41 -9.77
C TRP A 851 2.30 28.91 -10.74
N LEU A 852 3.54 28.41 -10.60
CA LEU A 852 4.67 29.01 -11.30
C LEU A 852 4.53 28.88 -12.81
N HIS A 853 4.00 27.75 -13.27
CA HIS A 853 3.89 27.52 -14.70
C HIS A 853 3.00 28.57 -15.36
N MET A 854 1.82 28.81 -14.80
CA MET A 854 0.90 29.77 -15.39
C MET A 854 1.42 31.19 -15.27
N GLU A 855 2.08 31.50 -14.15
CA GLU A 855 2.66 32.84 -13.99
C GLU A 855 3.75 33.09 -15.02
N TYR A 856 4.59 32.07 -15.27
CA TYR A 856 5.61 32.22 -16.30
C TYR A 856 5.00 32.32 -17.68
N LYS A 857 3.90 31.61 -17.93
CA LYS A 857 3.19 31.77 -19.20
C LYS A 857 2.71 33.21 -19.35
N TYR A 858 2.15 33.79 -18.29
CA TYR A 858 1.66 35.16 -18.34
C TYR A 858 2.81 36.14 -18.60
N LEU A 859 3.94 35.93 -17.93
CA LEU A 859 5.09 36.80 -18.16
C LEU A 859 5.61 36.67 -19.58
N LEU A 860 5.64 35.45 -20.12
CA LEU A 860 6.08 35.25 -21.49
C LEU A 860 5.16 35.96 -22.46
N GLU A 861 3.84 35.90 -22.23
CA GLU A 861 2.93 36.60 -23.11
C GLU A 861 3.09 38.11 -22.99
N LEU A 862 3.37 38.61 -21.80
CA LEU A 862 3.66 40.04 -21.65
C LEU A 862 4.89 40.42 -22.46
N LEU A 863 5.94 39.59 -22.41
CA LEU A 863 7.15 39.87 -23.16
C LEU A 863 6.89 39.83 -24.66
N ARG A 864 6.10 38.87 -25.13
CA ARG A 864 5.89 38.72 -26.56
C ARG A 864 4.99 39.82 -27.12
N SER A 865 4.12 40.39 -26.28
CA SER A 865 3.18 41.40 -26.75
C SER A 865 3.76 42.80 -26.77
N GLY A 866 4.98 42.99 -26.27
CA GLY A 866 5.61 44.29 -26.29
C GLY A 866 5.45 45.11 -25.04
N LEU A 867 4.86 44.56 -23.98
CA LEU A 867 4.75 45.27 -22.71
C LEU A 867 6.07 45.14 -21.96
N TYR A 868 7.08 45.83 -22.49
CA TYR A 868 8.45 45.61 -22.04
C TYR A 868 8.67 46.11 -20.62
N GLU A 869 8.19 47.32 -20.30
CA GLU A 869 8.36 47.84 -18.95
C GLU A 869 7.64 46.97 -17.93
N GLU A 870 6.39 46.62 -18.22
CA GLU A 870 5.62 45.78 -17.31
C GLU A 870 6.26 44.41 -17.18
N PHE A 871 6.74 43.83 -18.30
CA PHE A 871 7.40 42.55 -18.23
C PHE A 871 8.65 42.62 -17.37
N PHE A 872 9.46 43.66 -17.54
CA PHE A 872 10.69 43.78 -16.76
C PHE A 872 10.37 43.88 -15.27
N ALA A 873 9.41 44.75 -14.92
CA ALA A 873 9.08 44.93 -13.51
C ALA A 873 8.54 43.64 -12.90
N ASP A 874 7.60 42.98 -13.59
CA ASP A 874 7.02 41.77 -13.04
C ASP A 874 8.00 40.61 -13.00
N PHE A 875 8.90 40.54 -13.99
CA PHE A 875 9.93 39.51 -13.97
C PHE A 875 10.89 39.71 -12.82
N LYS A 876 11.28 40.95 -12.55
CA LYS A 876 12.12 41.23 -11.40
C LYS A 876 11.40 40.87 -10.10
N LYS A 877 10.11 41.18 -10.01
CA LYS A 877 9.40 40.94 -8.77
C LYS A 877 8.85 39.52 -8.62
N ALA A 878 8.98 38.68 -9.63
CA ALA A 878 8.38 37.35 -9.59
C ALA A 878 9.29 36.19 -9.96
N ALA A 879 10.41 36.44 -10.63
CA ALA A 879 11.26 35.34 -11.07
C ALA A 879 11.92 34.65 -9.87
N ILE A 880 12.12 33.34 -10.01
CA ILE A 880 12.76 32.56 -8.95
C ILE A 880 14.16 33.07 -8.62
N PRO A 881 15.05 33.33 -9.58
CA PRO A 881 16.42 33.72 -9.23
C PRO A 881 16.51 35.02 -8.44
N PHE A 882 15.48 35.86 -8.45
CA PHE A 882 15.49 37.10 -7.69
C PHE A 882 14.77 36.98 -6.36
N GLN A 883 14.34 35.79 -5.98
CA GLN A 883 13.63 35.61 -4.71
C GLN A 883 14.61 35.59 -3.56
N ASN A 884 14.08 35.83 -2.36
CA ASN A 884 14.86 35.74 -1.14
C ASN A 884 14.84 34.31 -0.64
N PRO A 885 15.99 33.63 -0.55
CA PRO A 885 15.97 32.21 -0.15
C PRO A 885 15.37 31.96 1.22
N GLU A 886 15.44 32.94 2.13
CA GLU A 886 14.82 32.76 3.44
C GLU A 886 13.31 32.63 3.31
N ILE A 887 12.70 33.38 2.39
CA ILE A 887 11.27 33.30 2.18
C ILE A 887 10.91 32.18 1.20
N TYR A 888 11.70 32.02 0.14
CA TYR A 888 11.42 30.99 -0.84
C TYR A 888 11.54 29.59 -0.23
N GLY A 889 12.49 29.41 0.68
CA GLY A 889 12.59 28.18 1.44
C GLY A 889 13.48 27.12 0.85
N ARG A 890 13.94 27.28 -0.38
CA ARG A 890 14.85 26.33 -1.01
C ARG A 890 15.86 27.12 -1.83
N SER A 891 16.69 26.40 -2.59
CA SER A 891 17.66 27.06 -3.45
C SER A 891 16.95 27.88 -4.50
N ILE A 892 17.41 29.13 -4.68
CA ILE A 892 16.80 30.01 -5.67
C ILE A 892 17.22 29.67 -7.10
N TYR A 893 18.04 28.65 -7.28
CA TYR A 893 18.35 28.16 -8.62
C TYR A 893 17.35 27.13 -9.11
N GLU A 894 16.41 26.71 -8.27
CA GLU A 894 15.49 25.62 -8.59
C GLU A 894 14.06 26.14 -8.58
N ASN A 895 13.24 25.62 -9.50
CA ASN A 895 11.86 26.04 -9.60
C ASN A 895 10.99 25.25 -8.63
N SER A 896 9.70 25.55 -8.64
CA SER A 896 8.72 24.82 -7.84
C SER A 896 7.40 24.83 -8.60
N SER A 897 6.55 23.86 -8.30
CA SER A 897 5.25 23.81 -8.95
C SER A 897 4.40 25.02 -8.57
N PHE A 898 4.41 25.41 -7.31
CA PHE A 898 3.63 26.54 -6.87
C PHE A 898 4.28 27.21 -5.67
N ILE A 899 3.89 28.45 -5.43
CA ILE A 899 4.28 29.22 -4.26
C ILE A 899 3.03 29.54 -3.48
N ALA A 900 3.04 29.26 -2.18
CA ALA A 900 1.87 29.55 -1.35
C ALA A 900 1.59 31.04 -1.34
N SER A 901 0.36 31.41 -1.71
CA SER A 901 0.00 32.81 -1.88
C SER A 901 -0.33 33.44 -0.54
N SER A 902 -0.70 34.73 -0.58
CA SER A 902 -1.04 35.46 0.63
C SER A 902 -2.33 34.97 1.27
N ARG A 903 -3.15 34.24 0.53
CA ARG A 903 -4.39 33.69 1.08
C ARG A 903 -4.18 32.37 1.78
N ASN A 904 -2.95 31.86 1.81
CA ASN A 904 -2.68 30.63 2.55
C ASN A 904 -2.87 30.89 4.05
N PRO A 905 -3.58 30.00 4.76
CA PRO A 905 -3.82 30.26 6.19
C PRO A 905 -2.57 30.28 7.05
N ASN A 906 -1.46 29.71 6.58
CA ASN A 906 -0.23 29.69 7.36
C ASN A 906 0.61 30.90 6.99
N PRO A 907 0.82 31.86 7.90
CA PRO A 907 1.69 33.00 7.56
C PRO A 907 3.11 32.59 7.23
N SER A 908 3.62 31.54 7.86
CA SER A 908 4.99 31.11 7.58
C SER A 908 5.11 30.53 6.17
N CYS A 909 4.08 29.82 5.71
CA CYS A 909 4.14 29.19 4.40
C CYS A 909 4.03 30.18 3.24
N ARG A 910 3.60 31.42 3.51
CA ARG A 910 3.42 32.38 2.43
C ARG A 910 4.75 32.73 1.79
N GLY A 911 4.75 32.80 0.46
CA GLY A 911 5.95 33.13 -0.28
C GLY A 911 6.96 32.00 -0.40
N ARG A 912 6.54 30.76 -0.15
CA ARG A 912 7.44 29.62 -0.08
C ARG A 912 7.04 28.61 -1.14
N GLY A 913 7.99 28.21 -1.99
CA GLY A 913 7.71 27.19 -2.99
C GLY A 913 7.83 25.80 -2.37
N PHE A 914 6.95 24.89 -2.79
CA PHE A 914 6.82 23.61 -2.13
C PHE A 914 7.21 22.43 -2.99
N VAL A 915 6.51 22.18 -4.10
CA VAL A 915 6.77 20.97 -4.87
C VAL A 915 8.11 21.12 -5.58
N ALA A 916 8.63 20.02 -6.11
CA ALA A 916 10.01 19.97 -6.57
C ALA A 916 10.20 20.82 -7.82
N ARG A 917 11.40 20.74 -8.41
CA ARG A 917 11.86 21.65 -9.43
C ARG A 917 11.51 21.21 -10.84
N LEU A 918 10.50 20.36 -11.01
CA LEU A 918 10.15 19.86 -12.33
C LEU A 918 8.76 20.33 -12.74
N SER A 919 8.46 21.60 -12.47
CA SER A 919 7.22 22.18 -12.95
C SER A 919 7.32 22.44 -14.45
N GLY A 920 6.20 22.84 -15.03
CA GLY A 920 6.18 23.18 -16.44
C GLY A 920 6.73 24.54 -16.76
N SER A 921 7.10 25.31 -15.73
CA SER A 921 7.62 26.66 -15.92
C SER A 921 9.03 26.68 -16.51
N THR A 922 9.71 25.54 -16.56
CA THR A 922 11.08 25.52 -17.08
C THR A 922 11.10 25.91 -18.56
N ILE A 923 10.22 25.32 -19.36
CA ILE A 923 10.21 25.66 -20.78
C ILE A 923 9.73 27.08 -21.00
N GLU A 924 8.82 27.56 -20.15
CA GLU A 924 8.40 28.96 -20.26
C GLU A 924 9.58 29.89 -20.01
N PHE A 925 10.38 29.61 -18.99
CA PHE A 925 11.54 30.43 -18.74
C PHE A 925 12.55 30.33 -19.87
N ILE A 926 12.71 29.13 -20.45
CA ILE A 926 13.63 28.98 -21.57
C ILE A 926 13.19 29.83 -22.74
N SER A 927 11.89 29.82 -23.04
CA SER A 927 11.37 30.67 -24.11
C SER A 927 11.58 32.14 -23.79
N MET A 928 11.35 32.54 -22.54
CA MET A 928 11.56 33.93 -22.16
C MET A 928 13.03 34.32 -22.31
N TRP A 929 13.93 33.44 -21.90
CA TRP A 929 15.36 33.72 -22.02
C TRP A 929 15.77 33.88 -23.47
N LYS A 930 15.29 32.98 -24.33
CA LYS A 930 15.62 33.08 -25.75
C LYS A 930 15.07 34.36 -26.36
N GLU A 931 13.83 34.71 -26.01
CA GLU A 931 13.21 35.93 -26.54
C GLU A 931 13.98 37.16 -26.08
N MET A 932 14.37 37.20 -24.81
CA MET A 932 15.10 38.35 -24.29
C MET A 932 16.48 38.46 -24.93
N MET A 933 17.17 37.34 -25.10
CA MET A 933 18.55 37.40 -25.56
C MET A 933 18.65 37.66 -27.06
N PHE A 934 17.73 37.11 -27.85
CA PHE A 934 17.89 37.18 -29.30
C PHE A 934 16.68 37.73 -30.05
N GLY A 935 15.57 37.99 -29.38
CA GLY A 935 14.39 38.50 -30.05
C GLY A 935 13.47 37.40 -30.53
N ALA A 936 12.33 37.83 -31.08
CA ALA A 936 11.31 36.89 -31.49
C ALA A 936 11.75 36.08 -32.71
N HIS A 937 12.32 36.75 -33.70
CA HIS A 937 12.65 36.12 -34.99
C HIS A 937 14.10 36.44 -35.33
N PRO A 938 15.05 35.66 -34.80
CA PRO A 938 16.45 35.87 -35.19
C PRO A 938 16.70 35.69 -36.67
N PHE A 939 15.96 34.78 -37.33
CA PHE A 939 16.10 34.53 -38.75
C PHE A 939 14.80 34.92 -39.45
N ARG A 940 14.93 35.68 -40.53
CA ARG A 940 13.81 36.09 -41.35
C ARG A 940 14.16 35.88 -42.81
N THR A 941 13.13 35.67 -43.63
CA THR A 941 13.30 35.42 -45.05
C THR A 941 12.81 36.64 -45.81
N GLU A 942 13.76 37.48 -46.23
CA GLU A 942 13.47 38.67 -47.02
C GLU A 942 14.08 38.52 -48.40
N GLN A 943 13.28 38.74 -49.44
CA GLN A 943 13.71 38.60 -50.83
C GLN A 943 14.28 37.19 -51.07
N GLU A 944 13.46 36.19 -50.73
CA GLU A 944 13.75 34.77 -50.88
C GLU A 944 15.18 34.41 -50.53
N GLU A 945 15.70 34.99 -49.45
CA GLU A 945 17.02 34.63 -48.93
C GLU A 945 16.99 34.76 -47.42
N LEU A 946 17.90 34.05 -46.77
CA LEU A 946 17.97 34.04 -45.32
C LEU A 946 18.59 35.34 -44.81
N VAL A 947 17.95 35.96 -43.82
CA VAL A 947 18.42 37.19 -43.21
C VAL A 947 18.49 36.98 -41.70
N PHE A 948 19.60 37.38 -41.10
CA PHE A 948 19.83 37.19 -39.67
C PHE A 948 19.96 38.55 -39.00
N SER A 949 19.23 38.74 -37.90
CA SER A 949 19.31 39.97 -37.13
C SER A 949 18.95 39.67 -35.69
N LEU A 950 19.51 40.46 -34.78
CA LEU A 950 19.32 40.28 -33.34
C LEU A 950 18.58 41.48 -32.78
N ALA A 951 17.53 41.21 -32.00
CA ALA A 951 16.75 42.25 -31.34
C ALA A 951 16.58 41.88 -29.87
N PRO A 952 17.63 42.02 -29.07
CA PRO A 952 17.52 41.69 -27.65
C PRO A 952 16.65 42.67 -26.90
N ALA A 953 16.07 42.19 -25.80
CA ALA A 953 15.28 43.00 -24.87
C ALA A 953 15.83 42.74 -23.47
N ILE A 954 16.84 43.52 -23.09
CA ILE A 954 17.59 43.29 -21.85
C ILE A 954 17.24 44.40 -20.87
N PRO A 955 16.75 44.08 -19.68
CA PRO A 955 16.50 45.11 -18.67
C PRO A 955 17.81 45.63 -18.09
N ALA A 956 17.70 46.74 -17.37
CA ALA A 956 18.89 47.39 -16.82
C ALA A 956 19.57 46.53 -15.77
N TYR A 957 18.81 45.69 -15.05
CA TYR A 957 19.38 44.95 -13.94
C TYR A 957 20.09 43.68 -14.37
N LEU A 958 20.10 43.34 -15.66
CA LEU A 958 20.88 42.23 -16.16
C LEU A 958 22.21 42.64 -16.78
N ILE A 959 22.38 43.92 -17.09
CA ILE A 959 23.59 44.41 -17.74
C ILE A 959 24.71 44.55 -16.70
N PRO A 960 25.86 43.93 -16.92
CA PRO A 960 26.95 44.03 -15.94
C PRO A 960 27.54 45.43 -15.86
N GLU A 961 28.49 45.61 -14.93
CA GLU A 961 29.10 46.92 -14.76
C GLU A 961 29.86 47.35 -16.02
N ASP A 962 30.59 46.42 -16.64
CA ASP A 962 31.33 46.74 -17.85
C ASP A 962 30.45 46.76 -19.09
N GLY A 963 29.18 46.38 -18.98
CA GLY A 963 28.27 46.45 -20.08
C GLY A 963 28.38 45.32 -21.08
N ARG A 964 29.14 44.28 -20.78
CA ARG A 964 29.32 43.14 -21.68
C ARG A 964 28.47 41.99 -21.18
N LEU A 965 27.43 41.65 -21.95
CA LEU A 965 26.54 40.55 -21.64
C LEU A 965 26.69 39.50 -22.73
N SER A 966 26.82 38.23 -22.33
CA SER A 966 27.04 37.15 -23.27
C SER A 966 26.03 36.05 -23.06
N ALA A 967 25.66 35.39 -24.15
CA ALA A 967 24.71 34.29 -24.12
C ALA A 967 25.03 33.33 -25.25
N ALA A 968 24.56 32.09 -25.10
CA ALA A 968 24.81 31.05 -26.09
C ALA A 968 23.69 31.02 -27.11
N PHE A 969 24.05 31.10 -28.38
CA PHE A 969 23.10 31.13 -29.48
C PHE A 969 23.10 29.78 -30.18
N MET A 970 21.97 29.08 -30.11
CA MET A 970 21.82 27.75 -30.69
C MET A 970 22.85 26.78 -30.14
N SER A 971 23.20 26.95 -28.87
CA SER A 971 24.04 26.04 -28.10
C SER A 971 25.46 25.92 -28.65
N LYS A 972 25.79 26.67 -29.68
CA LYS A 972 27.13 26.57 -30.25
C LYS A 972 27.82 27.92 -30.38
N THR A 973 27.08 28.98 -30.70
CA THR A 973 27.66 30.29 -30.95
C THR A 973 27.47 31.17 -29.72
N THR A 974 28.54 31.84 -29.32
CA THR A 974 28.52 32.76 -28.18
C THR A 974 28.32 34.18 -28.69
N VAL A 975 27.26 34.83 -28.23
CA VAL A 975 26.94 36.20 -28.63
C VAL A 975 27.31 37.10 -27.46
N CYS A 976 28.29 37.98 -27.67
CA CYS A 976 28.79 38.87 -26.64
C CYS A 976 28.30 40.28 -26.95
N TYR A 977 27.20 40.67 -26.32
CA TYR A 977 26.68 42.02 -26.48
C TYR A 977 27.54 43.02 -25.73
N GLU A 978 27.54 44.26 -26.20
CA GLU A 978 28.15 45.38 -25.50
C GLU A 978 27.22 46.57 -25.61
N PHE A 979 26.81 47.12 -24.48
CA PHE A 979 25.80 48.17 -24.43
C PHE A 979 26.44 49.50 -24.07
N GLY A 980 25.95 50.57 -24.70
CA GLY A 980 26.52 51.88 -24.47
C GLY A 980 26.38 52.34 -23.03
N GLY A 981 25.21 52.13 -22.43
CA GLY A 981 24.98 52.57 -21.07
C GLY A 981 24.00 51.67 -20.37
N HIS A 982 23.89 51.86 -19.05
CA HIS A 982 23.00 51.05 -18.23
C HIS A 982 21.59 51.60 -18.35
N ARG A 983 20.74 50.86 -19.06
CA ARG A 983 19.34 51.23 -19.27
C ARG A 983 18.62 50.02 -19.83
N ASP A 984 17.30 50.12 -19.90
CA ASP A 984 16.49 49.08 -20.50
C ASP A 984 16.58 49.19 -22.02
N TYR A 985 17.01 48.11 -22.68
CA TYR A 985 17.18 48.10 -24.12
C TYR A 985 15.95 47.48 -24.77
N VAL A 986 14.87 48.27 -24.79
CA VAL A 986 13.64 47.87 -25.47
C VAL A 986 13.86 47.90 -26.98
N PRO A 987 13.42 46.90 -27.73
CA PRO A 987 13.56 46.96 -29.19
C PRO A 987 12.89 48.21 -29.75
N GLY A 988 13.57 48.84 -30.71
CA GLY A 988 13.14 50.12 -31.23
C GLY A 988 13.71 51.31 -30.51
N THR A 989 14.31 51.11 -29.34
CA THR A 989 14.94 52.19 -28.59
C THR A 989 16.45 52.21 -28.75
N TYR A 990 16.99 51.41 -29.66
CA TYR A 990 18.42 51.34 -29.89
C TYR A 990 18.66 50.88 -31.33
N ARG A 991 19.93 50.80 -31.70
CA ARG A 991 20.32 50.30 -33.02
C ARG A 991 21.63 49.54 -32.88
N ILE A 992 21.77 48.47 -33.66
CA ILE A 992 23.00 47.67 -33.64
C ILE A 992 24.03 48.38 -34.51
N ARG A 993 25.11 48.84 -33.88
CA ARG A 993 26.14 49.58 -34.62
C ARG A 993 26.88 48.67 -35.59
N HIS A 994 27.33 47.52 -35.12
CA HIS A 994 28.07 46.57 -35.95
C HIS A 994 28.17 45.25 -35.20
N MET A 995 28.40 44.18 -35.94
CA MET A 995 28.61 42.86 -35.38
C MET A 995 29.82 42.21 -36.03
N VAL A 996 30.64 41.55 -35.22
CA VAL A 996 31.87 40.92 -35.68
C VAL A 996 31.74 39.42 -35.46
N PHE A 997 32.13 38.65 -36.46
CA PHE A 997 32.00 37.20 -36.42
C PHE A 997 33.38 36.55 -36.36
N PHE A 998 33.51 35.56 -35.48
CA PHE A 998 34.74 34.78 -35.35
C PHE A 998 34.42 33.35 -35.76
N TYR A 999 34.94 32.93 -36.90
CA TYR A 999 34.67 31.59 -37.42
C TYR A 999 35.44 30.54 -36.63
N GLU A 1000 34.99 29.29 -36.76
CA GLU A 1000 35.69 28.17 -36.14
C GLU A 1000 37.08 28.00 -36.74
N ASN A 1001 37.20 28.24 -38.05
CA ASN A 1001 38.50 28.10 -38.73
C ASN A 1001 39.46 29.22 -38.37
N GLY A 1002 39.00 30.25 -37.66
CA GLY A 1002 39.85 31.32 -37.20
C GLY A 1002 39.71 32.62 -37.97
N SER A 1003 39.11 32.58 -39.15
CA SER A 1003 38.90 33.79 -39.93
C SER A 1003 37.83 34.66 -39.28
N GLN A 1004 37.99 35.97 -39.42
CA GLN A 1004 37.05 36.93 -38.86
C GLN A 1004 36.32 37.68 -39.97
N ALA A 1005 35.06 38.00 -39.70
CA ALA A 1005 34.26 38.82 -40.59
C ALA A 1005 33.48 39.83 -39.76
N THR A 1006 33.54 41.08 -40.17
CA THR A 1006 32.86 42.17 -39.47
C THR A 1006 31.83 42.82 -40.39
N VAL A 1007 30.64 43.04 -39.86
CA VAL A 1007 29.56 43.67 -40.60
C VAL A 1007 29.16 44.94 -39.89
N GLU A 1008 29.22 46.07 -40.60
CA GLU A 1008 28.86 47.37 -40.04
C GLU A 1008 27.38 47.61 -40.37
N GLY A 1009 26.52 47.18 -39.46
CA GLY A 1009 25.09 47.33 -39.68
C GLY A 1009 24.31 46.61 -38.60
N GLU A 1010 23.08 46.23 -38.95
CA GLU A 1010 22.18 45.56 -38.02
C GLU A 1010 21.72 44.20 -38.54
N LYS A 1011 21.84 43.95 -39.84
CA LYS A 1011 21.34 42.71 -40.42
C LYS A 1011 22.38 42.15 -41.37
N VAL A 1012 22.42 40.82 -41.47
CA VAL A 1012 23.24 40.13 -42.45
C VAL A 1012 22.34 39.18 -43.22
N SER A 1013 22.79 38.80 -44.42
CA SER A 1013 21.98 37.97 -45.29
C SER A 1013 22.88 37.08 -46.13
N GLY A 1014 22.30 35.97 -46.57
CA GLY A 1014 23.00 35.05 -47.46
C GLY A 1014 23.99 34.14 -46.78
N LYS A 1015 25.25 34.22 -47.23
CA LYS A 1015 26.27 33.30 -46.73
C LYS A 1015 26.51 33.49 -45.24
N LEU A 1016 26.57 34.74 -44.78
CA LEU A 1016 26.79 34.99 -43.35
C LEU A 1016 25.67 34.39 -42.51
N ALA A 1017 24.42 34.61 -42.91
CA ALA A 1017 23.30 34.07 -42.14
C ALA A 1017 23.30 32.55 -42.16
N GLU A 1018 23.59 31.95 -43.32
CA GLU A 1018 23.61 30.50 -43.40
C GLU A 1018 24.72 29.93 -42.52
N ASP A 1019 25.88 30.57 -42.50
CA ASP A 1019 26.97 30.12 -41.63
C ASP A 1019 26.58 30.26 -40.16
N ILE A 1020 25.89 31.35 -39.81
CA ILE A 1020 25.43 31.52 -38.43
C ILE A 1020 24.50 30.39 -38.03
N ARG A 1021 23.55 30.06 -38.91
CA ARG A 1021 22.60 29.01 -38.57
C ARG A 1021 23.25 27.63 -38.60
N ALA A 1022 24.28 27.45 -39.43
CA ALA A 1022 24.93 26.15 -39.55
C ALA A 1022 25.96 25.89 -38.46
N GLY A 1023 26.18 26.84 -37.56
CA GLY A 1023 27.10 26.62 -36.47
C GLY A 1023 28.56 26.73 -36.85
N ARG A 1024 28.89 27.49 -37.89
CA ARG A 1024 30.27 27.66 -38.32
C ARG A 1024 30.89 28.95 -37.81
N VAL A 1025 30.22 29.66 -36.91
CA VAL A 1025 30.76 30.87 -36.29
C VAL A 1025 30.89 30.60 -34.79
N ARG A 1026 32.11 30.73 -34.28
CA ARG A 1026 32.35 30.39 -32.87
C ARG A 1026 31.80 31.46 -31.95
N LYS A 1027 32.00 32.74 -32.29
CA LYS A 1027 31.65 33.83 -31.39
C LYS A 1027 31.21 35.04 -32.20
N MET A 1028 30.25 35.78 -31.65
CA MET A 1028 29.77 37.03 -32.23
C MET A 1028 29.93 38.13 -31.20
N GLU A 1029 30.58 39.23 -31.60
CA GLU A 1029 30.69 40.42 -30.77
C GLU A 1029 29.81 41.50 -31.37
N VAL A 1030 28.78 41.90 -30.63
CA VAL A 1030 27.77 42.83 -31.11
C VAL A 1030 27.82 44.08 -30.24
N ALA A 1031 27.92 45.24 -30.88
CA ALA A 1031 27.90 46.53 -30.20
C ALA A 1031 26.52 47.13 -30.33
N VAL A 1032 25.91 47.47 -29.20
CA VAL A 1032 24.52 47.91 -29.15
C VAL A 1032 24.49 49.40 -28.81
N ASP A 1033 23.87 50.18 -29.70
CA ASP A 1033 23.53 51.59 -29.45
C ASP A 1033 24.76 52.48 -29.35
N LEU A 1034 25.95 51.89 -29.38
CA LEU A 1034 27.19 52.65 -29.27
C LEU A 1034 28.34 51.73 -29.69
N GLU A 1035 29.48 52.35 -29.95
CA GLU A 1035 30.67 51.58 -30.30
C GLU A 1035 31.28 50.89 -29.08
N HIS A 1036 31.18 51.50 -27.91
CA HIS A 1036 31.75 50.94 -26.70
C HIS A 1036 30.92 51.39 -25.50
N HIS A 1037 31.03 50.64 -24.41
CA HIS A 1037 30.32 50.98 -23.19
C HIS A 1037 30.86 52.28 -22.60
N HIS A 1038 29.95 53.15 -22.20
CA HIS A 1038 30.29 54.42 -21.56
C HIS A 1038 29.50 54.55 -20.27
N HIS A 1039 30.20 54.78 -19.17
CA HIS A 1039 29.54 54.95 -17.87
C HIS A 1039 28.87 56.30 -17.77
N GLU B 1 -1.81 -12.30 39.25
CA GLU B 1 -2.81 -12.05 38.23
C GLU B 1 -2.27 -11.14 37.14
N THR B 2 -1.23 -10.39 37.46
CA THR B 2 -0.61 -9.44 36.55
C THR B 2 0.85 -9.80 36.34
N PHE B 3 1.34 -9.61 35.13
CA PHE B 3 2.73 -9.86 34.80
C PHE B 3 3.50 -8.56 34.82
N VAL B 4 4.63 -8.56 35.52
CA VAL B 4 5.45 -7.36 35.70
C VAL B 4 6.80 -7.60 35.05
N MET B 5 7.18 -6.71 34.15
CA MET B 5 8.46 -6.79 33.45
C MET B 5 9.25 -5.52 33.75
N ASP B 6 10.37 -5.67 34.44
CA ASP B 6 11.21 -4.54 34.79
C ASP B 6 12.21 -4.25 33.69
N ASP B 7 12.44 -2.97 33.43
CA ASP B 7 13.37 -2.51 32.40
C ASP B 7 13.04 -3.15 31.06
N TYR B 8 11.76 -3.11 30.70
CA TYR B 8 11.30 -3.74 29.47
C TYR B 8 11.93 -3.10 28.23
N GLY B 9 12.41 -1.86 28.34
CA GLY B 9 13.04 -1.23 27.19
C GLY B 9 14.33 -1.91 26.77
N LYS B 10 15.00 -2.58 27.69
CA LYS B 10 16.22 -3.32 27.38
C LYS B 10 15.98 -4.78 27.08
N LYS B 11 14.75 -5.27 27.27
CA LYS B 11 14.47 -6.68 27.05
C LYS B 11 14.20 -6.93 25.56
N SER B 12 14.02 -8.21 25.21
CA SER B 12 13.68 -8.56 23.85
C SER B 12 12.30 -8.01 23.50
N THR B 13 12.15 -7.58 22.24
CA THR B 13 10.91 -6.98 21.80
C THR B 13 9.81 -8.03 21.71
N PHE B 14 8.60 -7.63 22.05
CA PHE B 14 7.42 -8.44 21.81
C PHE B 14 6.25 -7.52 21.52
N ALA B 15 5.32 -8.01 20.70
CA ALA B 15 4.11 -7.28 20.36
C ALA B 15 2.92 -7.92 21.07
N SER B 16 1.97 -7.08 21.44
CA SER B 16 0.77 -7.54 22.13
C SER B 16 -0.35 -6.56 21.84
N PHE B 17 -1.49 -6.75 22.51
CA PHE B 17 -2.64 -5.90 22.26
C PHE B 17 -3.58 -5.98 23.45
N LEU B 18 -4.34 -4.91 23.66
CA LEU B 18 -5.47 -4.98 24.56
C LEU B 18 -6.57 -5.82 23.93
N PRO B 19 -7.33 -6.57 24.72
CA PRO B 19 -8.31 -7.49 24.15
C PRO B 19 -9.40 -6.79 23.35
N GLY B 20 -9.61 -5.50 23.54
CA GLY B 20 -10.66 -4.80 22.85
C GLY B 20 -12.05 -5.24 23.28
N ILE B 21 -12.25 -5.36 24.59
CA ILE B 21 -13.54 -5.71 25.16
C ILE B 21 -14.14 -4.45 25.76
N ALA B 22 -15.27 -4.01 25.21
CA ALA B 22 -15.97 -2.84 25.71
C ALA B 22 -17.26 -3.20 26.42
N GLY B 23 -17.49 -4.48 26.67
CA GLY B 23 -18.72 -4.92 27.29
C GLY B 23 -19.81 -5.20 26.27
N ILE B 24 -20.94 -5.72 26.78
CA ILE B 24 -22.04 -6.07 25.89
C ILE B 24 -22.68 -4.84 25.29
N ARG B 25 -22.60 -3.70 25.98
CA ARG B 25 -23.18 -2.45 25.52
C ARG B 25 -22.11 -1.37 25.36
N GLY B 26 -20.98 -1.75 24.76
CA GLY B 26 -19.90 -0.82 24.52
C GLY B 26 -19.40 -0.93 23.10
N ILE B 27 -18.53 0.00 22.73
CA ILE B 27 -17.95 0.07 21.39
C ILE B 27 -16.49 -0.38 21.50
N PRO B 28 -16.14 -1.58 21.04
CA PRO B 28 -14.76 -2.03 21.14
C PRO B 28 -13.85 -1.30 20.16
N ILE B 29 -12.57 -1.18 20.54
CA ILE B 29 -11.55 -0.62 19.69
C ILE B 29 -10.35 -1.57 19.68
N TRP B 30 -9.54 -1.47 18.63
CA TRP B 30 -8.31 -2.24 18.53
C TRP B 30 -7.14 -1.36 18.95
N CYS B 31 -6.28 -1.90 19.81
CA CYS B 31 -5.14 -1.16 20.33
C CYS B 31 -3.98 -2.14 20.50
N TYR B 32 -2.93 -1.97 19.71
CA TYR B 32 -1.76 -2.83 19.77
C TYR B 32 -0.62 -2.11 20.49
N TYR B 33 0.14 -2.86 21.27
CA TYR B 33 1.22 -2.26 22.04
C TYR B 33 2.46 -3.15 22.02
N VAL B 34 3.62 -2.50 22.17
CA VAL B 34 4.91 -3.17 22.23
C VAL B 34 5.61 -2.72 23.51
N ASN B 35 6.74 -3.35 23.80
CA ASN B 35 7.48 -3.04 25.02
C ASN B 35 8.62 -2.06 24.75
N ARG B 36 8.26 -0.90 24.21
CA ARG B 36 9.21 0.17 23.96
C ARG B 36 8.50 1.51 24.13
N GLY B 37 9.22 2.48 24.70
CA GLY B 37 8.63 3.79 24.89
C GLY B 37 7.43 3.73 25.82
N GLN B 38 6.42 4.54 25.52
CA GLN B 38 5.16 4.51 26.25
C GLN B 38 4.24 3.38 25.79
N CYS B 39 4.78 2.47 25.00
CA CYS B 39 4.31 1.12 24.71
C CYS B 39 3.15 1.04 23.73
N VAL B 40 2.43 2.12 23.44
CA VAL B 40 1.25 2.04 22.58
C VAL B 40 1.62 2.64 21.23
N VAL B 41 1.45 1.84 20.18
CA VAL B 41 1.95 2.22 18.86
C VAL B 41 0.86 2.36 17.82
N SER B 42 -0.30 1.71 17.97
CA SER B 42 -1.36 1.83 16.99
C SER B 42 -2.69 1.52 17.64
N PHE B 43 -3.70 2.34 17.36
CA PHE B 43 -5.05 2.04 17.82
C PHE B 43 -6.05 2.80 16.96
N GLY B 44 -7.17 2.17 16.70
CA GLY B 44 -8.24 2.77 15.90
C GLY B 44 -9.56 2.24 16.38
N VAL B 45 -10.52 2.09 15.46
CA VAL B 45 -11.87 1.70 15.84
C VAL B 45 -12.32 0.46 15.09
N ASP B 46 -12.30 0.52 13.75
CA ASP B 46 -12.87 -0.54 12.94
C ASP B 46 -11.83 -1.41 12.27
N ASN B 47 -10.91 -0.80 11.53
CA ASN B 47 -9.86 -1.53 10.83
C ASN B 47 -8.69 -0.59 10.60
N LYS B 48 -7.75 -1.01 9.75
CA LYS B 48 -6.57 -0.20 9.51
C LYS B 48 -6.90 1.12 8.83
N ASP B 49 -8.05 1.22 8.18
CA ASP B 49 -8.45 2.44 7.49
C ASP B 49 -9.15 3.43 8.41
N HIS B 50 -9.41 3.07 9.65
CA HIS B 50 -10.01 3.96 10.64
C HIS B 50 -9.13 4.06 11.87
N ALA B 51 -7.82 4.16 11.65
CA ALA B 51 -6.88 4.25 12.75
C ALA B 51 -6.79 5.67 13.28
N ILE B 52 -6.68 5.80 14.60
CA ILE B 52 -6.38 7.08 15.20
C ILE B 52 -4.88 7.31 15.28
N MET B 53 -4.15 6.30 15.72
CA MET B 53 -2.70 6.26 15.63
C MET B 53 -2.32 5.28 14.53
N GLU B 54 -1.44 5.70 13.63
CA GLU B 54 -1.19 4.95 12.41
C GLU B 54 -0.72 3.53 12.71
N PHE B 55 -1.29 2.57 11.98
CA PHE B 55 -0.91 1.17 12.14
C PHE B 55 0.44 0.91 11.50
N TYR B 56 1.30 0.18 12.21
CA TYR B 56 2.59 -0.23 11.69
C TYR B 56 2.77 -1.72 11.90
N PRO B 57 3.47 -2.40 11.00
CA PRO B 57 3.90 -3.78 11.29
C PRO B 57 4.86 -3.79 12.47
N ALA B 58 5.16 -5.01 12.94
CA ALA B 58 5.90 -5.15 14.18
C ALA B 58 7.28 -4.48 14.09
N HIS B 59 7.98 -4.66 12.97
CA HIS B 59 9.29 -4.03 12.82
C HIS B 59 9.19 -2.51 12.88
N GLN B 60 8.28 -1.94 12.07
CA GLN B 60 8.09 -0.50 12.10
C GLN B 60 7.52 -0.03 13.43
N ALA B 61 6.71 -0.86 14.08
CA ALA B 61 6.19 -0.50 15.40
C ALA B 61 7.32 -0.37 16.41
N TYR B 62 8.26 -1.33 16.41
CA TYR B 62 9.41 -1.22 17.28
C TYR B 62 10.24 0.01 16.95
N GLN B 63 10.40 0.29 15.66
CA GLN B 63 11.26 1.39 15.24
C GLN B 63 10.64 2.77 15.47
N ASN B 64 9.31 2.88 15.54
CA ASN B 64 8.65 4.17 15.55
C ASN B 64 7.91 4.50 16.84
N VAL B 65 7.76 3.55 17.76
CA VAL B 65 6.92 3.80 18.93
C VAL B 65 7.48 4.94 19.78
N LYS B 66 8.81 5.03 19.86
CA LYS B 66 9.42 6.12 20.62
C LYS B 66 9.22 7.48 19.97
N THR B 67 8.75 7.53 18.73
CA THR B 67 8.50 8.79 18.03
C THR B 67 7.03 9.04 17.77
N THR B 68 6.33 8.11 17.12
CA THR B 68 4.94 8.29 16.76
C THR B 68 3.98 7.83 17.85
N GLY B 69 4.48 7.24 18.93
CA GLY B 69 3.65 6.85 20.04
C GLY B 69 3.40 8.01 20.97
N PHE B 70 2.77 7.70 22.11
CA PHE B 70 2.48 8.74 23.10
C PHE B 70 3.77 9.31 23.67
N ARG B 71 3.77 10.62 23.88
CA ARG B 71 4.94 11.33 24.39
C ARG B 71 4.58 12.08 25.66
N THR B 72 5.58 12.33 26.49
CA THR B 72 5.39 13.11 27.71
C THR B 72 6.66 13.90 27.97
N PHE B 73 6.50 15.20 28.22
CA PHE B 73 7.64 16.07 28.45
C PHE B 73 7.42 16.81 29.76
N LEU B 74 8.38 16.69 30.66
CA LEU B 74 8.33 17.35 31.96
C LEU B 74 9.40 18.43 32.02
N LYS B 75 8.98 19.65 32.35
CA LYS B 75 9.91 20.76 32.51
C LYS B 75 10.05 21.02 34.00
N LYS B 76 11.20 20.68 34.56
CA LYS B 76 11.48 20.86 35.98
C LYS B 76 12.49 21.98 36.13
N ASN B 77 12.01 23.15 36.56
CA ASN B 77 12.87 24.31 36.82
C ASN B 77 13.69 24.68 35.59
N GLY B 78 13.10 24.54 34.41
CA GLY B 78 13.74 24.99 33.20
C GLY B 78 14.18 23.90 32.24
N THR B 79 14.72 22.80 32.77
CA THR B 79 15.18 21.70 31.93
C THR B 79 14.04 20.73 31.65
N VAL B 80 14.10 20.06 30.50
CA VAL B 80 13.04 19.21 30.01
C VAL B 80 13.48 17.76 30.10
N PHE B 81 12.65 16.92 30.70
CA PHE B 81 12.87 15.48 30.79
C PHE B 81 11.77 14.76 30.04
N GLU B 82 12.13 13.68 29.37
CA GLU B 82 11.15 12.85 28.66
C GLU B 82 11.10 11.47 29.28
N PRO B 83 10.05 11.15 30.04
CA PRO B 83 9.94 9.80 30.59
C PRO B 83 9.82 8.75 29.51
N PHE B 84 10.28 7.55 29.82
CA PHE B 84 10.18 6.38 28.94
C PHE B 84 10.94 6.60 27.63
N SER B 85 11.99 7.41 27.67
CA SER B 85 12.85 7.61 26.51
C SER B 85 14.27 7.09 26.72
N ASP B 86 14.73 7.02 27.96
CA ASP B 86 16.06 6.50 28.30
C ASP B 86 15.87 5.17 29.02
N GLU B 87 16.43 4.10 28.45
CA GLU B 87 16.28 2.79 29.06
C GLU B 87 17.12 2.62 30.32
N ASN B 88 18.13 3.48 30.53
CA ASN B 88 18.92 3.40 31.74
C ASN B 88 18.13 3.85 32.97
N ILE B 89 17.04 4.56 32.78
CA ILE B 89 16.17 4.97 33.88
C ILE B 89 15.27 3.79 34.25
N THR B 90 15.12 3.57 35.55
CA THR B 90 14.31 2.45 36.02
C THR B 90 12.87 2.61 35.58
N HIS B 91 12.40 1.67 34.76
CA HIS B 91 11.02 1.66 34.29
C HIS B 91 10.44 0.27 34.48
N ARG B 92 9.12 0.19 34.34
CA ARG B 92 8.40 -1.03 34.68
C ARG B 92 7.11 -1.08 33.88
N MET B 93 6.67 -2.29 33.57
CA MET B 93 5.42 -2.51 32.83
C MET B 93 4.59 -3.56 33.54
N GLN B 94 3.33 -3.25 33.80
CA GLN B 94 2.39 -4.18 34.39
C GLN B 94 1.29 -4.49 33.37
N ILE B 95 1.09 -5.78 33.10
CA ILE B 95 0.14 -6.22 32.08
C ILE B 95 -1.03 -6.88 32.78
N HIS B 96 -2.22 -6.35 32.57
CA HIS B 96 -3.47 -6.97 33.01
C HIS B 96 -4.12 -7.67 31.83
N MET B 97 -5.18 -8.42 32.12
CA MET B 97 -5.92 -9.08 31.05
C MET B 97 -6.57 -8.04 30.14
N ASN B 98 -7.08 -6.96 30.72
CA ASN B 98 -7.74 -5.90 29.96
C ASN B 98 -7.22 -4.54 30.39
N GLY B 99 -5.90 -4.41 30.47
CA GLY B 99 -5.31 -3.14 30.85
C GLY B 99 -3.80 -3.21 30.74
N LEU B 100 -3.18 -2.03 30.83
CA LEU B 100 -1.73 -1.91 30.74
C LEU B 100 -1.29 -0.68 31.51
N ALA B 101 -0.28 -0.86 32.37
CA ALA B 101 0.25 0.24 33.16
C ALA B 101 1.77 0.22 33.09
N ILE B 102 2.37 1.40 32.93
CA ILE B 102 3.81 1.55 32.91
C ILE B 102 4.21 2.60 33.93
N GLU B 103 5.43 2.46 34.44
CA GLU B 103 5.95 3.38 35.45
C GLU B 103 7.41 3.69 35.12
N GLU B 104 7.84 4.86 35.58
CA GLU B 104 9.25 5.24 35.49
C GLU B 104 9.62 5.98 36.76
N GLN B 105 10.74 5.60 37.36
CA GLN B 105 11.23 6.20 38.61
C GLN B 105 12.59 6.83 38.32
N ASN B 106 12.59 8.08 37.90
CA ASN B 106 13.81 8.80 37.59
C ASN B 106 14.33 9.44 38.88
N ARG B 107 15.38 8.86 39.44
CA ARG B 107 15.96 9.41 40.66
C ARG B 107 16.68 10.73 40.39
N SER B 108 17.24 10.90 39.19
CA SER B 108 17.97 12.12 38.88
C SER B 108 17.04 13.33 38.91
N SER B 109 15.91 13.24 38.20
CA SER B 109 14.96 14.34 38.19
C SER B 109 14.02 14.33 39.39
N GLY B 110 13.98 13.24 40.15
CA GLY B 110 13.12 13.18 41.31
C GLY B 110 11.64 13.14 41.00
N MET B 111 11.27 12.70 39.79
CA MET B 111 9.88 12.64 39.38
C MET B 111 9.53 11.24 38.93
N ASP B 112 8.35 10.78 39.30
CA ASP B 112 7.85 9.47 38.91
C ASP B 112 6.66 9.64 37.97
N THR B 113 6.69 8.94 36.85
CA THR B 113 5.65 9.01 35.85
C THR B 113 4.94 7.66 35.77
N LYS B 114 3.61 7.69 35.75
CA LYS B 114 2.81 6.48 35.65
C LYS B 114 1.74 6.69 34.59
N VAL B 115 1.63 5.75 33.66
CA VAL B 115 0.66 5.81 32.58
C VAL B 115 -0.18 4.55 32.62
N VAL B 116 -1.50 4.70 32.58
CA VAL B 116 -2.44 3.60 32.62
C VAL B 116 -3.29 3.65 31.37
N TYR B 117 -3.39 2.52 30.67
CA TYR B 117 -4.22 2.39 29.49
C TYR B 117 -5.35 1.41 29.75
N TYR B 118 -6.51 1.68 29.14
CA TYR B 118 -7.59 0.71 29.07
C TYR B 118 -8.64 1.23 28.09
N THR B 119 -9.23 0.29 27.35
CA THR B 119 -10.31 0.64 26.44
C THR B 119 -11.54 1.08 27.21
N LEU B 120 -12.21 2.11 26.73
CA LEU B 120 -13.38 2.65 27.41
C LEU B 120 -14.53 1.66 27.34
N PRO B 121 -15.04 1.16 28.46
CA PRO B 121 -16.11 0.17 28.41
C PRO B 121 -17.51 0.74 28.54
N GLY B 122 -18.49 0.04 27.97
CA GLY B 122 -19.89 0.33 28.23
C GLY B 122 -20.36 1.71 27.81
N GLU B 123 -19.93 2.18 26.66
CA GLU B 123 -20.37 3.47 26.13
C GLU B 123 -20.62 3.33 24.64
N ASN B 124 -21.46 4.23 24.12
CA ASN B 124 -21.73 4.26 22.68
C ASN B 124 -20.64 4.95 21.89
N VAL B 125 -19.52 5.30 22.53
CA VAL B 125 -18.38 5.89 21.87
C VAL B 125 -17.16 5.02 22.16
N GLY B 126 -16.48 4.58 21.11
CA GLY B 126 -15.27 3.81 21.27
C GLY B 126 -14.08 4.72 21.44
N ALA B 127 -13.33 4.50 22.52
CA ALA B 127 -12.21 5.39 22.83
C ALA B 127 -11.20 4.65 23.68
N LEU B 128 -9.99 5.20 23.71
CA LEU B 128 -8.90 4.72 24.54
C LEU B 128 -8.69 5.70 25.69
N VAL B 129 -8.64 5.20 26.91
CA VAL B 129 -8.44 6.04 28.09
C VAL B 129 -6.98 5.97 28.49
N ARG B 130 -6.36 7.13 28.63
CA ARG B 130 -4.95 7.24 29.00
C ARG B 130 -4.86 8.15 30.20
N VAL B 131 -4.36 7.62 31.32
CA VAL B 131 -4.23 8.36 32.56
C VAL B 131 -2.75 8.51 32.87
N VAL B 132 -2.29 9.76 32.99
CA VAL B 132 -0.89 10.07 33.20
C VAL B 132 -0.77 10.81 34.53
N SER B 133 0.06 10.29 35.43
CA SER B 133 0.29 10.90 36.73
C SER B 133 1.78 11.13 36.91
N VAL B 134 2.15 12.34 37.32
CA VAL B 134 3.52 12.71 37.60
C VAL B 134 3.62 13.08 39.07
N THR B 135 4.53 12.44 39.79
CA THR B 135 4.66 12.62 41.23
C THR B 135 6.01 13.23 41.55
N ASN B 136 6.02 14.28 42.36
CA ASN B 136 7.24 14.94 42.80
C ASN B 136 7.82 14.18 43.97
N GLN B 137 8.80 13.33 43.70
CA GLN B 137 9.44 12.52 44.73
C GLN B 137 10.66 13.18 45.34
N SER B 138 11.01 14.38 44.92
CA SER B 138 12.12 15.09 45.54
C SER B 138 11.67 15.70 46.86
N GLY B 139 12.65 16.16 47.63
CA GLY B 139 12.36 16.77 48.92
C GLY B 139 12.02 18.24 48.88
N GLU B 140 11.99 18.84 47.69
CA GLU B 140 11.75 20.27 47.56
C GLU B 140 10.66 20.51 46.54
N PRO B 141 9.91 21.61 46.69
CA PRO B 141 8.88 21.94 45.68
C PRO B 141 9.53 22.22 44.33
N ILE B 142 8.81 21.83 43.27
CA ILE B 142 9.26 22.05 41.91
C ILE B 142 8.15 22.73 41.13
N GLU B 143 8.56 23.52 40.13
CA GLU B 143 7.63 24.16 39.21
C GLU B 143 7.59 23.31 37.94
N LEU B 144 6.52 22.55 37.79
CA LEU B 144 6.42 21.54 36.73
C LEU B 144 5.55 22.05 35.60
N GLU B 145 6.06 21.96 34.38
CA GLU B 145 5.28 22.16 33.17
C GLU B 145 5.18 20.81 32.47
N LEU B 146 3.99 20.24 32.45
CA LEU B 146 3.76 18.91 31.89
C LEU B 146 3.04 19.02 30.57
N ILE B 147 3.55 18.33 29.55
CA ILE B 147 2.89 18.20 28.26
C ILE B 147 2.91 16.74 27.88
N ASP B 148 1.77 16.21 27.45
CA ASP B 148 1.71 14.85 26.97
C ASP B 148 0.61 14.72 25.94
N GLY B 149 0.70 13.67 25.14
CA GLY B 149 -0.30 13.41 24.13
C GLY B 149 0.29 12.59 23.00
N MET B 150 -0.26 12.81 21.81
CA MET B 150 0.09 12.04 20.63
C MET B 150 0.52 12.99 19.52
N PRO B 151 1.69 12.76 18.91
CA PRO B 151 2.20 13.71 17.92
C PRO B 151 1.59 13.58 16.53
N ALA B 152 0.86 12.51 16.25
CA ALA B 152 0.31 12.32 14.91
C ALA B 152 -1.03 11.61 15.04
N VAL B 153 -2.11 12.38 15.01
CA VAL B 153 -3.46 11.84 14.99
C VAL B 153 -3.91 11.77 13.53
N ILE B 154 -4.24 10.57 13.08
CA ILE B 154 -4.71 10.39 11.71
C ILE B 154 -6.13 10.94 11.61
N PRO B 155 -6.38 11.94 10.78
CA PRO B 155 -7.74 12.46 10.65
C PRO B 155 -8.67 11.41 10.05
N TYR B 156 -9.93 11.48 10.46
CA TYR B 156 -10.93 10.55 9.95
C TYR B 156 -11.10 10.75 8.44
N GLY B 157 -11.14 9.65 7.71
CA GLY B 157 -11.25 9.68 6.27
C GLY B 157 -9.97 9.44 5.52
N VAL B 158 -8.85 9.27 6.21
CA VAL B 158 -7.57 8.95 5.59
C VAL B 158 -7.32 7.47 5.76
N SER B 159 -7.26 6.74 4.65
CA SER B 159 -7.01 5.31 4.69
C SER B 159 -5.55 5.03 5.01
N MET B 160 -5.28 3.80 5.44
CA MET B 160 -3.90 3.41 5.73
C MET B 160 -3.04 3.49 4.47
N ASP B 161 -3.56 3.00 3.34
CA ASP B 161 -2.83 3.08 2.09
C ASP B 161 -2.51 4.53 1.74
N SER B 162 -3.49 5.41 1.93
CA SER B 162 -3.26 6.82 1.66
C SER B 162 -2.10 7.36 2.48
N MET B 163 -2.08 7.07 3.78
CA MET B 163 -0.95 7.47 4.61
C MET B 163 0.35 6.93 4.03
N LYS B 164 0.47 5.59 4.03
CA LYS B 164 1.73 4.93 3.72
C LYS B 164 2.29 5.37 2.37
N ASN B 165 1.42 5.64 1.39
CA ASN B 165 1.88 5.92 0.05
C ASN B 165 1.98 7.40 -0.28
N MET B 166 1.00 8.21 0.09
CA MET B 166 0.96 9.60 -0.28
C MET B 166 0.56 10.46 0.92
N GLY B 167 1.25 10.29 2.05
CA GLY B 167 1.00 11.16 3.19
C GLY B 167 1.15 12.62 2.87
N GLN B 168 2.18 12.98 2.10
CA GLN B 168 2.42 14.38 1.80
C GLN B 168 1.26 14.99 1.03
N THR B 169 0.72 14.27 0.04
CA THR B 169 -0.41 14.78 -0.71
C THR B 169 -1.69 14.75 0.13
N ALA B 170 -1.86 13.71 0.93
CA ALA B 170 -3.06 13.59 1.76
C ALA B 170 -3.13 14.65 2.83
N LYS B 171 -2.00 15.27 3.18
CA LYS B 171 -2.04 16.38 4.13
C LYS B 171 -2.92 17.53 3.65
N ALA B 172 -3.18 17.62 2.34
CA ALA B 172 -4.01 18.69 1.82
C ALA B 172 -5.46 18.58 2.26
N TRP B 173 -5.92 17.38 2.60
CA TRP B 173 -7.30 17.19 3.06
C TRP B 173 -7.46 17.27 4.56
N MET B 174 -6.38 17.11 5.32
CA MET B 174 -6.46 17.02 6.76
C MET B 174 -6.74 18.37 7.39
N GLN B 175 -7.52 18.35 8.47
CA GLN B 175 -7.84 19.57 9.20
C GLN B 175 -8.30 19.21 10.61
N VAL B 176 -8.37 20.22 11.47
CA VAL B 176 -8.88 20.08 12.82
C VAL B 176 -9.97 21.11 13.03
N GLU B 177 -10.90 20.80 13.93
CA GLU B 177 -12.02 21.69 14.22
C GLU B 177 -12.25 21.74 15.72
N ASP B 178 -12.89 22.82 16.16
CA ASP B 178 -13.35 22.97 17.55
C ASP B 178 -12.19 22.96 18.54
N LEU B 179 -11.17 23.80 18.27
CA LEU B 179 -10.09 23.95 19.22
C LEU B 179 -10.55 24.73 20.45
N SER B 180 -11.35 25.77 20.24
CA SER B 180 -11.78 26.60 21.35
C SER B 180 -12.66 25.82 22.32
N GLU B 181 -13.53 24.95 21.80
CA GLU B 181 -14.44 24.18 22.65
C GLU B 181 -13.71 23.15 23.51
N GLY B 182 -12.45 22.85 23.23
CA GLY B 182 -11.74 21.84 23.98
C GLY B 182 -11.95 20.42 23.50
N LEU B 183 -12.66 20.22 22.38
CA LEU B 183 -12.89 18.91 21.81
C LEU B 183 -12.45 18.94 20.36
N PRO B 184 -11.15 18.86 20.09
CA PRO B 184 -10.69 18.87 18.70
C PRO B 184 -11.29 17.72 17.91
N TYR B 185 -11.66 18.02 16.67
CA TYR B 185 -12.35 17.07 15.79
C TYR B 185 -11.46 16.87 14.56
N TYR B 186 -10.92 15.67 14.41
CA TYR B 186 -9.95 15.37 13.36
C TYR B 186 -10.66 14.63 12.24
N ARG B 187 -10.80 15.29 11.10
CA ARG B 187 -11.44 14.68 9.94
C ARG B 187 -10.95 15.38 8.69
N VAL B 188 -11.15 14.71 7.55
CA VAL B 188 -10.81 15.32 6.26
C VAL B 188 -11.84 16.37 5.90
N ARG B 189 -11.42 17.36 5.12
CA ARG B 189 -12.34 18.40 4.68
C ARG B 189 -13.42 17.83 3.78
N ALA B 190 -13.05 16.89 2.91
CA ALA B 190 -14.00 16.23 2.03
C ALA B 190 -13.49 14.83 1.75
N SER B 191 -14.34 14.01 1.15
CA SER B 191 -13.98 12.64 0.85
C SER B 191 -12.74 12.60 -0.02
N MET B 192 -11.72 11.87 0.43
CA MET B 192 -10.47 11.82 -0.31
C MET B 192 -10.59 10.98 -1.56
N ASP B 193 -11.50 10.00 -1.57
CA ASP B 193 -11.75 9.20 -2.76
C ASP B 193 -12.72 9.96 -3.67
N ASP B 194 -12.23 10.39 -4.82
CA ASP B 194 -13.06 11.15 -5.74
C ASP B 194 -14.15 10.24 -6.32
N THR B 195 -15.10 10.88 -7.01
CA THR B 195 -16.26 10.19 -7.58
C THR B 195 -17.04 9.43 -6.51
N ALA B 196 -17.13 10.02 -5.33
CA ALA B 196 -17.89 9.44 -4.23
C ALA B 196 -19.30 10.03 -4.20
N ALA B 197 -20.26 9.19 -3.79
CA ALA B 197 -21.65 9.63 -3.75
C ALA B 197 -21.84 10.77 -2.77
N VAL B 198 -21.23 10.67 -1.59
CA VAL B 198 -21.33 11.70 -0.56
C VAL B 198 -19.97 12.35 -0.40
N ARG B 199 -19.90 13.64 -0.69
CA ARG B 199 -18.65 14.38 -0.59
C ARG B 199 -18.31 14.72 0.87
N ARG B 200 -19.33 15.01 1.67
CA ARG B 200 -19.11 15.38 3.06
C ARG B 200 -18.77 14.17 3.92
N ILE B 201 -17.85 14.35 4.85
CA ILE B 201 -17.46 13.32 5.80
C ILE B 201 -17.93 13.74 7.18
N ASP B 202 -18.73 12.90 7.82
CA ASP B 202 -19.33 13.24 9.10
C ASP B 202 -18.53 12.72 10.28
N GLY B 203 -17.91 11.54 10.14
CA GLY B 203 -17.16 10.97 11.24
C GLY B 203 -15.91 11.77 11.54
N GLY B 204 -15.38 11.56 12.74
CA GLY B 204 -14.19 12.28 13.15
C GLY B 204 -13.54 11.72 14.40
N ASN B 205 -12.22 11.73 14.44
CA ASN B 205 -11.49 11.41 15.65
C ASN B 205 -11.47 12.61 16.59
N PHE B 206 -11.45 12.33 17.89
CA PHE B 206 -11.49 13.38 18.89
C PHE B 206 -10.51 13.06 20.01
N SER B 207 -10.14 14.10 20.75
CA SER B 207 -9.37 13.94 21.97
C SER B 207 -9.89 14.91 23.01
N ALA B 208 -9.77 14.53 24.28
CA ALA B 208 -10.21 15.39 25.37
C ALA B 208 -9.42 15.02 26.62
N CYS B 209 -8.86 16.02 27.28
CA CYS B 209 -8.07 15.81 28.48
C CYS B 209 -8.56 16.74 29.58
N CYS B 210 -8.46 16.28 30.82
CA CYS B 210 -8.91 17.07 31.96
C CYS B 210 -8.21 16.58 33.21
N GLU B 211 -8.20 17.44 34.23
CA GLU B 211 -7.72 17.06 35.55
C GLU B 211 -8.85 16.37 36.31
N ALA B 212 -8.66 16.19 37.62
CA ALA B 212 -9.68 15.53 38.42
C ALA B 212 -10.99 16.30 38.46
N ASP B 213 -10.96 17.61 38.26
CA ASP B 213 -12.19 18.40 38.28
C ASP B 213 -13.11 18.02 37.13
N GLY B 214 -12.55 17.85 35.93
CA GLY B 214 -13.32 17.49 34.76
C GLY B 214 -13.37 18.54 33.68
N ARG B 215 -12.89 19.76 33.96
CA ARG B 215 -12.90 20.80 32.93
C ARG B 215 -11.85 20.51 31.88
N ARG B 216 -12.26 20.52 30.62
CA ARG B 216 -11.35 20.18 29.54
C ARG B 216 -10.26 21.22 29.39
N LEU B 217 -9.06 20.76 29.07
CA LEU B 217 -7.90 21.63 28.87
C LEU B 217 -7.83 22.09 27.42
N GLN B 218 -7.10 23.17 27.19
CA GLN B 218 -6.92 23.69 25.85
C GLN B 218 -5.96 22.79 25.07
N PRO B 219 -6.37 22.26 23.92
CA PRO B 219 -5.51 21.35 23.19
C PRO B 219 -4.43 22.07 22.39
N ILE B 220 -3.40 21.31 22.05
CA ILE B 220 -2.36 21.75 21.12
C ILE B 220 -2.41 20.80 19.93
N VAL B 221 -2.74 21.34 18.75
CA VAL B 221 -2.92 20.54 17.55
C VAL B 221 -1.83 20.77 16.52
N ASP B 222 -0.95 21.73 16.73
CA ASP B 222 0.12 22.03 15.77
C ASP B 222 1.44 21.52 16.35
N PRO B 223 1.99 20.44 15.83
CA PRO B 223 3.23 19.90 16.41
C PRO B 223 4.41 20.84 16.30
N SER B 224 4.38 21.81 15.38
CA SER B 224 5.48 22.74 15.25
C SER B 224 5.60 23.66 16.46
N LEU B 225 4.54 23.83 17.23
CA LEU B 225 4.64 24.61 18.45
C LEU B 225 5.57 23.94 19.46
N ILE B 226 5.50 22.62 19.55
CA ILE B 226 6.29 21.89 20.52
C ILE B 226 7.66 21.54 19.98
N PHE B 227 7.73 21.01 18.76
CA PHE B 227 8.97 20.50 18.22
C PHE B 227 9.73 21.50 17.35
N SER B 228 9.08 22.59 16.92
CA SER B 228 9.72 23.66 16.17
C SER B 228 10.30 23.09 14.88
N TYR B 229 11.59 23.26 14.61
CA TYR B 229 12.18 22.81 13.36
C TYR B 229 12.47 21.32 13.33
N ASP B 230 12.37 20.63 14.47
CA ASP B 230 12.73 19.21 14.53
C ASP B 230 11.54 18.38 14.05
N LEU B 231 11.52 18.10 12.75
CA LEU B 231 10.47 17.26 12.18
C LEU B 231 10.61 15.80 12.56
N SER B 232 11.76 15.40 13.10
CA SER B 232 11.94 14.03 13.55
C SER B 232 11.19 13.75 14.84
N LEU B 233 10.64 14.77 15.49
CA LEU B 233 9.88 14.62 16.74
C LEU B 233 10.72 13.99 17.83
N LYS B 234 12.03 14.23 17.79
CA LYS B 234 12.94 13.66 18.78
C LYS B 234 13.02 14.52 20.04
N ARG B 235 13.18 15.83 19.89
CA ARG B 235 13.27 16.71 21.03
C ARG B 235 12.33 17.89 20.87
N PRO B 236 11.64 18.30 21.93
CA PRO B 236 10.69 19.42 21.85
C PRO B 236 11.39 20.78 21.93
N VAL B 237 11.92 21.23 20.80
CA VAL B 237 12.71 22.45 20.78
C VAL B 237 11.85 23.64 21.19
N GLY B 238 10.64 23.74 20.62
CA GLY B 238 9.76 24.84 20.96
C GLY B 238 9.38 24.85 22.43
N PHE B 239 9.11 23.66 22.99
CA PHE B 239 8.74 23.57 24.39
C PHE B 239 9.90 23.97 25.29
N GLU B 240 11.13 23.59 24.92
CA GLU B 240 12.30 24.02 25.68
C GLU B 240 12.48 25.52 25.61
N GLU B 241 12.29 26.11 24.43
CA GLU B 241 12.59 27.52 24.26
C GLU B 241 11.56 28.42 24.90
N ARG B 242 10.30 27.99 24.99
CA ARG B 242 9.24 28.87 25.45
C ARG B 242 8.45 28.23 26.58
N PRO B 243 7.91 29.02 27.48
CA PRO B 243 7.03 28.47 28.52
C PRO B 243 5.73 27.95 27.94
N LEU B 244 5.10 27.07 28.70
CA LEU B 244 3.87 26.44 28.23
C LEU B 244 2.76 27.47 28.04
N LYS B 245 2.69 28.48 28.91
CA LYS B 245 1.64 29.48 28.81
C LYS B 245 1.73 30.26 27.50
N GLU B 246 2.95 30.60 27.09
CA GLU B 246 3.12 31.29 25.81
C GLU B 246 2.74 30.39 24.64
N LEU B 247 3.00 29.09 24.76
CA LEU B 247 2.65 28.17 23.68
C LEU B 247 1.15 28.13 23.46
N LEU B 248 0.37 28.14 24.54
CA LEU B 248 -1.08 28.07 24.42
C LEU B 248 -1.70 29.33 23.83
N LEU B 249 -0.95 30.43 23.76
CA LEU B 249 -1.45 31.67 23.16
C LEU B 249 -1.10 31.79 21.68
N GLU B 250 -0.40 30.82 21.11
CA GLU B 250 -0.01 30.88 19.72
C GLU B 250 -1.16 30.53 18.79
N GLU B 251 -1.06 30.99 17.55
CA GLU B 251 -2.05 30.68 16.53
C GLU B 251 -1.68 29.34 15.90
N GLN B 252 -2.37 28.28 16.30
CA GLN B 252 -2.04 26.95 15.80
C GLN B 252 -2.59 26.75 14.40
N MET B 253 -1.80 26.10 13.55
CA MET B 253 -2.25 25.75 12.22
C MET B 253 -3.18 24.54 12.29
N THR B 254 -4.43 24.73 11.86
CA THR B 254 -5.43 23.68 11.93
C THR B 254 -5.69 23.04 10.57
N GLN B 255 -4.88 23.35 9.56
CA GLN B 255 -5.12 22.85 8.21
C GLN B 255 -3.78 22.57 7.53
N ASN B 256 -3.84 21.70 6.52
CA ASN B 256 -2.68 21.35 5.70
C ASN B 256 -1.54 20.80 6.55
N LEU B 257 -1.86 19.92 7.49
CA LEU B 257 -0.84 19.33 8.35
C LEU B 257 -1.37 18.03 8.92
N LEU B 258 -0.45 17.21 9.42
CA LEU B 258 -0.81 16.03 10.17
C LEU B 258 -0.90 16.42 11.64
N PRO B 259 -2.10 16.65 12.16
CA PRO B 259 -2.24 17.27 13.47
C PRO B 259 -1.79 16.36 14.60
N CYS B 260 -1.39 16.99 15.70
CA CYS B 260 -1.06 16.30 16.94
C CYS B 260 -2.20 16.50 17.93
N SER B 261 -2.02 15.93 19.12
CA SER B 261 -3.00 16.09 20.21
C SER B 261 -2.20 16.13 21.51
N PHE B 262 -1.88 17.33 21.97
CA PHE B 262 -1.11 17.52 23.18
C PHE B 262 -1.87 18.44 24.13
N TYR B 263 -1.77 18.14 25.42
CA TYR B 263 -2.38 18.96 26.46
C TYR B 263 -1.33 19.24 27.53
N GLY B 264 -1.44 20.41 28.14
CA GLY B 264 -0.42 20.86 29.08
C GLY B 264 -1.03 21.52 30.29
N ILE B 265 -0.35 21.35 31.43
CA ILE B 265 -0.69 22.04 32.67
C ILE B 265 0.58 22.64 33.25
N THR B 266 0.41 23.70 34.03
CA THR B 266 1.49 24.33 34.77
C THR B 266 1.14 24.26 36.25
N ARG B 267 2.06 23.75 37.05
CA ARG B 267 1.76 23.50 38.45
C ARG B 267 3.04 23.58 39.27
N THR B 268 2.89 23.99 40.53
CA THR B 268 3.95 23.96 41.52
C THR B 268 3.64 22.82 42.48
N LEU B 269 4.42 21.75 42.39
CA LEU B 269 4.15 20.54 43.16
C LEU B 269 4.91 20.57 44.48
N ALA B 270 4.19 20.42 45.58
CA ALA B 270 4.81 20.28 46.87
C ALA B 270 5.54 18.94 46.95
N PRO B 271 6.53 18.83 47.85
CA PRO B 271 7.21 17.54 48.02
C PRO B 271 6.23 16.41 48.31
N GLY B 272 6.18 15.43 47.42
CA GLY B 272 5.23 14.34 47.52
C GLY B 272 3.94 14.56 46.78
N GLY B 273 3.70 15.75 46.24
CA GLY B 273 2.49 16.00 45.49
C GLY B 273 2.54 15.40 44.10
N SER B 274 1.37 15.39 43.44
CA SER B 274 1.26 14.80 42.12
C SER B 274 0.17 15.50 41.34
N VAL B 275 0.26 15.38 40.01
CA VAL B 275 -0.75 15.88 39.10
C VAL B 275 -1.14 14.74 38.17
N THR B 276 -2.45 14.61 37.92
CA THR B 276 -2.98 13.53 37.10
C THR B 276 -3.78 14.11 35.95
N LEU B 277 -3.55 13.57 34.76
CA LEU B 277 -4.29 13.96 33.56
C LEU B 277 -5.10 12.77 33.07
N TYR B 278 -6.38 12.99 32.81
CA TYR B 278 -7.27 11.98 32.27
C TYR B 278 -7.55 12.34 30.81
N GLU B 279 -7.02 11.54 29.89
CA GLU B 279 -7.05 11.85 28.47
C GLU B 279 -7.88 10.79 27.75
N LEU B 280 -8.82 11.25 26.91
CA LEU B 280 -9.66 10.38 26.11
C LEU B 280 -9.35 10.61 24.64
N ILE B 281 -9.08 9.53 23.91
CA ILE B 281 -8.89 9.59 22.47
C ILE B 281 -9.78 8.54 21.84
N GLY B 282 -10.62 8.96 20.90
CA GLY B 282 -11.57 8.05 20.30
C GLY B 282 -12.05 8.53 18.97
N GLN B 283 -13.14 7.93 18.51
CA GLN B 283 -13.71 8.22 17.20
C GLN B 283 -15.22 8.09 17.25
N VAL B 284 -15.92 8.99 16.58
CA VAL B 284 -17.36 8.98 16.51
C VAL B 284 -17.78 9.12 15.06
N GLU B 285 -19.04 8.79 14.78
CA GLU B 285 -19.57 8.88 13.42
C GLU B 285 -20.14 10.26 13.10
N ASN B 286 -20.46 11.06 14.11
CA ASN B 286 -20.92 12.43 13.89
C ASN B 286 -20.70 13.23 15.16
N LYS B 287 -20.67 14.55 15.00
CA LYS B 287 -20.45 15.42 16.15
C LYS B 287 -21.58 15.35 17.16
N GLN B 288 -22.77 14.93 16.74
CA GLN B 288 -23.89 14.85 17.68
C GLN B 288 -23.60 13.82 18.77
N LEU B 289 -23.05 12.66 18.39
CA LEU B 289 -22.69 11.67 19.39
C LEU B 289 -21.64 12.19 20.36
N LEU B 290 -20.64 12.90 19.84
CA LEU B 290 -19.60 13.44 20.69
C LEU B 290 -20.17 14.47 21.67
N LYS B 291 -21.07 15.33 21.19
CA LYS B 291 -21.68 16.32 22.08
C LYS B 291 -22.55 15.66 23.13
N GLU B 292 -23.29 14.61 22.74
CA GLU B 292 -24.14 13.90 23.69
C GLU B 292 -23.28 13.22 24.76
N TYR B 293 -22.15 12.63 24.36
CA TYR B 293 -21.31 11.93 25.33
C TYR B 293 -20.73 12.89 26.35
N PHE B 294 -20.33 14.08 25.92
CA PHE B 294 -19.75 15.07 26.82
C PHE B 294 -20.78 16.02 27.38
N ALA B 295 -22.07 15.72 27.23
CA ALA B 295 -23.10 16.53 27.88
C ALA B 295 -22.98 16.48 29.39
N GLU B 296 -22.38 15.42 29.93
CA GLU B 296 -22.10 15.30 31.35
C GLU B 296 -20.59 15.32 31.56
N LYS B 297 -20.16 16.05 32.59
CA LYS B 297 -18.74 16.19 32.86
C LYS B 297 -18.13 14.85 33.25
N LYS B 298 -16.96 14.56 32.68
CA LYS B 298 -16.23 13.33 32.98
C LYS B 298 -15.12 13.66 33.96
N ASP B 299 -15.35 13.39 35.23
CA ASP B 299 -14.38 13.70 36.27
C ASP B 299 -13.52 12.47 36.57
N ALA B 300 -12.68 12.57 37.60
CA ALA B 300 -11.78 11.48 37.93
C ALA B 300 -12.54 10.24 38.39
N ALA B 301 -13.63 10.44 39.14
CA ALA B 301 -14.42 9.31 39.60
C ALA B 301 -14.97 8.51 38.43
N TYR B 302 -15.38 9.20 37.37
CA TYR B 302 -15.89 8.52 36.18
C TYR B 302 -14.83 7.60 35.58
N PHE B 303 -13.60 8.11 35.45
CA PHE B 303 -12.55 7.31 34.84
C PHE B 303 -12.13 6.16 35.75
N GLU B 304 -12.12 6.37 37.07
CA GLU B 304 -11.83 5.27 37.98
C GLU B 304 -12.89 4.18 37.89
N ALA B 305 -14.16 4.58 37.83
CA ALA B 305 -15.23 3.59 37.69
C ALA B 305 -15.11 2.85 36.37
N LYS B 306 -14.76 3.56 35.29
CA LYS B 306 -14.60 2.91 34.01
C LYS B 306 -13.44 1.92 34.02
N LYS B 307 -12.35 2.27 34.69
CA LYS B 307 -11.23 1.34 34.80
C LYS B 307 -11.63 0.09 35.58
N ARG B 308 -12.36 0.27 36.68
CA ARG B 308 -12.83 -0.89 37.43
C ARG B 308 -13.77 -1.74 36.59
N GLU B 309 -14.64 -1.11 35.80
CA GLU B 309 -15.51 -1.85 34.90
C GLU B 309 -14.72 -2.63 33.86
N ALA B 310 -13.68 -2.01 33.32
CA ALA B 310 -12.84 -2.69 32.32
C ALA B 310 -12.16 -3.90 32.92
N ASP B 311 -11.65 -3.79 34.15
CA ASP B 311 -11.07 -4.96 34.80
C ASP B 311 -12.11 -6.03 35.06
N GLU B 312 -13.29 -5.63 35.54
CA GLU B 312 -14.32 -6.61 35.86
C GLU B 312 -14.84 -7.32 34.61
N LEU B 313 -14.77 -6.67 33.45
CA LEU B 313 -15.17 -7.34 32.22
C LEU B 313 -14.35 -8.60 31.99
N ALA B 314 -13.02 -8.47 32.00
CA ALA B 314 -12.17 -9.63 31.82
C ALA B 314 -12.31 -10.61 32.97
N GLU B 315 -12.45 -10.10 34.20
CA GLU B 315 -12.59 -10.99 35.34
C GLU B 315 -13.82 -11.89 35.19
N ALA B 316 -14.98 -11.28 34.89
CA ALA B 316 -16.19 -12.07 34.74
C ALA B 316 -16.16 -12.95 33.49
N LEU B 317 -15.49 -12.48 32.44
CA LEU B 317 -15.37 -13.29 31.24
C LEU B 317 -14.59 -14.58 31.51
N THR B 318 -13.52 -14.48 32.29
CA THR B 318 -12.65 -15.63 32.54
C THR B 318 -12.97 -16.37 33.82
N ASP B 319 -13.98 -15.93 34.58
CA ASP B 319 -14.33 -16.64 35.81
C ASP B 319 -14.77 -18.07 35.57
N GLY B 320 -15.15 -18.42 34.34
CA GLY B 320 -15.59 -19.77 34.07
C GLY B 320 -14.50 -20.81 34.08
N ILE B 321 -13.23 -20.40 34.18
CA ILE B 321 -12.11 -21.33 34.15
C ILE B 321 -11.23 -21.09 35.38
N ARG B 322 -11.80 -20.45 36.40
CA ARG B 322 -11.04 -20.13 37.59
C ARG B 322 -10.47 -21.39 38.23
N THR B 323 -9.19 -21.35 38.56
CA THR B 323 -8.47 -22.50 39.10
C THR B 323 -7.49 -22.04 40.16
N ARG B 324 -7.29 -22.86 41.19
CA ARG B 324 -6.33 -22.58 42.25
C ARG B 324 -5.44 -23.81 42.42
N THR B 325 -4.18 -23.70 41.99
CA THR B 325 -3.24 -24.81 42.10
C THR B 325 -1.99 -24.39 42.83
N ALA B 326 -0.96 -25.24 42.80
CA ALA B 326 0.32 -24.90 43.41
C ALA B 326 1.08 -23.85 42.62
N SER B 327 0.65 -23.54 41.39
CA SER B 327 1.34 -22.58 40.53
C SER B 327 0.38 -21.44 40.21
N ALA B 328 0.70 -20.24 40.71
CA ALA B 328 -0.10 -19.07 40.37
C ALA B 328 -0.01 -18.76 38.89
N ALA B 329 1.19 -18.95 38.31
CA ALA B 329 1.35 -18.75 36.88
C ALA B 329 0.42 -19.63 36.09
N PHE B 330 0.19 -20.87 36.56
CA PHE B 330 -0.72 -21.77 35.86
C PHE B 330 -2.14 -21.21 35.85
N ASP B 331 -2.60 -20.68 36.98
CA ASP B 331 -3.96 -20.13 37.05
C ASP B 331 -4.10 -18.89 36.17
N ALA B 332 -3.12 -17.99 36.24
CA ALA B 332 -3.15 -16.81 35.38
C ALA B 332 -3.15 -17.22 33.92
N TYR B 333 -2.36 -18.23 33.57
CA TYR B 333 -2.33 -18.71 32.20
C TYR B 333 -3.67 -19.31 31.80
N CYS B 334 -4.33 -20.02 32.70
CA CYS B 334 -5.64 -20.57 32.39
C CYS B 334 -6.61 -19.46 32.04
N ARG B 335 -6.67 -18.42 32.89
CA ARG B 335 -7.59 -17.32 32.61
C ARG B 335 -7.25 -16.61 31.31
N TYR B 336 -5.96 -16.34 31.10
CA TYR B 336 -5.56 -15.61 29.89
C TYR B 336 -5.83 -16.43 28.64
N THR B 337 -5.59 -17.74 28.71
CA THR B 337 -5.86 -18.61 27.58
C THR B 337 -7.34 -18.66 27.26
N TYR B 338 -8.18 -18.70 28.29
CA TYR B 338 -9.63 -18.68 28.04
C TYR B 338 -10.03 -17.37 27.38
N MET B 339 -9.47 -16.24 27.84
CA MET B 339 -9.81 -14.96 27.22
C MET B 339 -9.37 -14.91 25.76
N ASP B 340 -8.16 -15.41 25.46
CA ASP B 340 -7.69 -15.40 24.08
C ASP B 340 -8.55 -16.30 23.20
N ASN B 341 -8.94 -17.46 23.71
CA ASN B 341 -9.81 -18.34 22.95
C ASN B 341 -11.16 -17.67 22.68
N VAL B 342 -11.68 -16.94 23.67
CA VAL B 342 -12.91 -16.18 23.45
C VAL B 342 -12.71 -15.13 22.37
N LEU B 343 -11.58 -14.41 22.42
CA LEU B 343 -11.32 -13.39 21.41
C LEU B 343 -11.31 -13.99 20.02
N ARG B 344 -10.70 -15.16 19.86
CA ARG B 344 -10.60 -15.75 18.53
C ARG B 344 -11.92 -16.35 18.07
N GLY B 345 -12.66 -17.00 18.97
CA GLY B 345 -13.83 -17.76 18.55
C GLY B 345 -15.17 -17.26 19.05
N GLY B 346 -15.17 -16.24 19.91
CA GLY B 346 -16.40 -15.71 20.43
C GLY B 346 -16.81 -16.34 21.75
N TYR B 347 -17.60 -15.59 22.50
CA TYR B 347 -18.08 -16.01 23.82
C TYR B 347 -19.57 -16.28 23.77
N PRO B 348 -20.02 -17.50 24.04
CA PRO B 348 -21.46 -17.79 23.96
C PRO B 348 -22.24 -17.04 25.03
N MET B 349 -23.46 -16.65 24.67
CA MET B 349 -24.34 -15.96 25.61
C MET B 349 -25.78 -16.16 25.13
N GLN B 350 -26.71 -16.04 26.08
CA GLN B 350 -28.12 -16.18 25.77
C GLN B 350 -28.68 -14.81 25.39
N LEU B 351 -28.94 -14.62 24.10
CA LEU B 351 -29.52 -13.38 23.61
C LEU B 351 -31.03 -13.56 23.54
N GLY B 352 -31.75 -12.89 24.44
CA GLY B 352 -33.18 -13.07 24.50
C GLY B 352 -33.53 -14.36 25.22
N ASN B 353 -34.48 -15.11 24.67
CA ASN B 353 -34.93 -16.34 25.30
C ASN B 353 -34.67 -17.59 24.48
N ASN B 354 -34.60 -17.49 23.15
CA ASN B 354 -34.45 -18.66 22.31
C ASN B 354 -33.37 -18.46 21.26
N LYS B 355 -32.35 -17.66 21.56
CA LYS B 355 -31.25 -17.43 20.65
C LYS B 355 -29.93 -17.59 21.39
N ILE B 356 -28.92 -18.08 20.66
CA ILE B 356 -27.56 -18.19 21.17
C ILE B 356 -26.69 -17.28 20.33
N PHE B 357 -26.00 -16.34 20.97
CA PHE B 357 -25.20 -15.35 20.29
C PHE B 357 -23.76 -15.43 20.78
N TYR B 358 -22.82 -15.22 19.86
CA TYR B 358 -21.40 -15.23 20.19
C TYR B 358 -20.87 -13.81 20.10
N VAL B 359 -20.38 -13.30 21.22
CA VAL B 359 -19.95 -11.91 21.32
C VAL B 359 -18.43 -11.87 21.51
N TYR B 360 -17.85 -10.72 21.20
CA TYR B 360 -16.44 -10.37 21.36
C TYR B 360 -15.55 -10.98 20.29
N SER B 361 -16.09 -11.77 19.36
CA SER B 361 -15.26 -12.32 18.30
C SER B 361 -14.91 -11.24 17.29
N ARG B 362 -13.82 -11.48 16.56
CA ARG B 362 -13.40 -10.55 15.52
C ARG B 362 -12.46 -11.26 14.57
N LYS B 363 -12.43 -10.79 13.32
CA LYS B 363 -11.41 -11.23 12.37
C LYS B 363 -10.09 -10.62 12.82
N HIS B 364 -9.18 -11.46 13.30
CA HIS B 364 -8.03 -10.98 14.05
C HIS B 364 -6.87 -10.60 13.14
N GLY B 365 -6.12 -9.59 13.58
CA GLY B 365 -4.85 -9.22 12.98
C GLY B 365 -4.11 -8.37 13.98
N ASP B 366 -2.78 -8.38 13.88
CA ASP B 366 -1.97 -7.65 14.83
C ASP B 366 -0.69 -7.19 14.14
N LEU B 367 0.25 -6.66 14.93
CA LEU B 367 1.49 -6.13 14.39
C LEU B 367 2.34 -7.20 13.75
N GLU B 368 2.19 -8.46 14.17
CA GLU B 368 2.96 -9.56 13.59
C GLU B 368 2.18 -10.33 12.54
N ARG B 369 0.86 -10.44 12.69
CA ARG B 369 0.00 -10.94 11.63
C ARG B 369 -0.44 -9.78 10.73
N ASP B 370 0.57 -9.14 10.14
CA ASP B 370 0.34 -7.91 9.39
C ASP B 370 -0.36 -8.17 8.07
N TYR B 371 -0.25 -9.38 7.54
CA TYR B 371 -0.92 -9.70 6.28
C TYR B 371 -2.43 -9.73 6.44
N ASN B 372 -2.92 -10.10 7.62
CA ASN B 372 -4.36 -10.17 7.85
C ASN B 372 -4.96 -8.77 7.92
N TYR B 373 -6.06 -8.57 7.21
CA TYR B 373 -6.79 -7.30 7.27
C TYR B 373 -7.90 -7.47 8.32
N PHE B 374 -7.56 -7.14 9.57
CA PHE B 374 -8.50 -7.33 10.67
C PHE B 374 -9.67 -6.37 10.55
N SER B 375 -10.79 -6.75 11.15
CA SER B 375 -12.00 -5.95 11.10
C SER B 375 -12.85 -6.29 12.33
N MET B 376 -12.82 -5.41 13.32
CA MET B 376 -13.63 -5.57 14.53
C MET B 376 -14.83 -4.64 14.44
N LEU B 377 -16.02 -5.19 14.60
CA LEU B 377 -17.24 -4.44 14.37
C LEU B 377 -17.46 -3.42 15.48
N PRO B 378 -17.56 -2.12 15.17
CA PRO B 378 -17.73 -1.08 16.20
C PRO B 378 -19.19 -0.81 16.58
N GLU B 379 -19.75 -1.72 17.37
CA GLU B 379 -21.15 -1.59 17.80
C GLU B 379 -21.35 -2.45 19.03
N PHE B 380 -22.55 -2.35 19.60
CA PHE B 380 -22.91 -3.22 20.70
C PHE B 380 -22.99 -4.67 20.22
N TYR B 381 -22.89 -5.60 21.18
CA TYR B 381 -22.91 -7.03 20.87
C TYR B 381 -21.92 -7.36 19.76
N SER B 382 -20.69 -6.87 19.93
CA SER B 382 -19.70 -6.93 18.87
C SER B 382 -19.40 -8.38 18.49
N GLN B 383 -19.17 -8.59 17.19
CA GLN B 383 -18.87 -9.91 16.66
C GLN B 383 -18.11 -9.73 15.36
N GLY B 384 -17.61 -10.84 14.82
CA GLY B 384 -16.83 -10.76 13.60
C GLY B 384 -16.84 -12.07 12.83
N ASN B 385 -16.41 -11.98 11.59
CA ASN B 385 -16.27 -13.15 10.75
C ASN B 385 -15.05 -13.97 11.19
N GLY B 386 -14.93 -15.17 10.64
CA GLY B 386 -13.81 -16.02 10.95
C GLY B 386 -13.72 -17.17 9.97
N ASN B 387 -12.53 -17.76 9.92
CA ASN B 387 -12.34 -18.93 9.07
C ASN B 387 -13.03 -20.14 9.66
N PHE B 388 -13.33 -21.11 8.79
CA PHE B 388 -14.04 -22.30 9.23
C PHE B 388 -13.23 -23.08 10.26
N ARG B 389 -11.93 -23.28 9.99
CA ARG B 389 -11.11 -24.10 10.87
C ARG B 389 -10.97 -23.47 12.25
N ASP B 390 -10.68 -22.18 12.30
CA ASP B 390 -10.41 -21.52 13.58
C ASP B 390 -11.66 -21.48 14.44
N VAL B 391 -12.79 -21.05 13.87
CA VAL B 391 -14.02 -20.99 14.64
C VAL B 391 -14.48 -22.39 15.04
N ASN B 392 -14.27 -23.37 14.15
CA ASN B 392 -14.67 -24.74 14.46
C ASN B 392 -13.88 -25.26 15.65
N GLN B 393 -12.57 -25.01 15.68
CA GLN B 393 -11.77 -25.54 16.78
C GLN B 393 -12.01 -24.78 18.07
N ASN B 394 -12.10 -23.45 18.00
CA ASN B 394 -12.20 -22.64 19.21
C ASN B 394 -13.49 -22.86 19.97
N ARG B 395 -14.52 -23.41 19.31
CA ARG B 395 -15.79 -23.70 19.97
C ARG B 395 -15.91 -25.16 20.38
N ARG B 396 -14.78 -25.85 20.55
CA ARG B 396 -14.81 -27.27 20.85
C ARG B 396 -15.46 -27.54 22.20
N CYS B 397 -15.11 -26.75 23.22
CA CYS B 397 -15.56 -26.99 24.58
C CYS B 397 -16.61 -25.99 25.03
N ASP B 398 -17.34 -25.37 24.10
CA ASP B 398 -18.33 -24.38 24.48
C ASP B 398 -19.46 -24.99 25.30
N THR B 399 -19.87 -26.21 24.95
CA THR B 399 -20.99 -26.82 25.66
C THR B 399 -20.65 -27.08 27.12
N PHE B 400 -19.39 -27.42 27.41
CA PHE B 400 -18.99 -27.64 28.80
C PHE B 400 -19.11 -26.36 29.62
N PHE B 401 -18.64 -25.24 29.08
CA PHE B 401 -18.69 -23.98 29.82
C PHE B 401 -20.05 -23.30 29.70
N ALA B 402 -20.77 -23.54 28.61
CA ALA B 402 -22.09 -22.94 28.39
C ALA B 402 -23.05 -24.06 28.00
N PRO B 403 -23.63 -24.73 28.98
CA PRO B 403 -24.53 -25.85 28.67
C PRO B 403 -25.73 -25.46 27.82
N PHE B 404 -26.17 -24.20 27.90
CA PHE B 404 -27.33 -23.79 27.12
C PHE B 404 -27.06 -23.81 25.62
N VAL B 405 -25.81 -23.90 25.21
CA VAL B 405 -25.50 -23.99 23.78
C VAL B 405 -26.08 -25.26 23.20
N GLY B 406 -25.91 -26.38 23.89
CA GLY B 406 -26.49 -27.63 23.42
C GLY B 406 -25.83 -28.09 22.14
N ARG B 407 -26.64 -28.34 21.12
CA ARG B 407 -26.18 -28.87 19.85
C ARG B 407 -26.01 -27.79 18.79
N LYS B 408 -26.03 -26.51 19.17
CA LYS B 408 -26.02 -25.44 18.17
C LYS B 408 -24.76 -25.47 17.33
N ASN B 409 -23.59 -25.69 17.94
CA ASN B 409 -22.35 -25.71 17.18
C ASN B 409 -22.32 -26.90 16.22
N ILE B 410 -22.80 -28.06 16.66
CA ILE B 410 -22.82 -29.23 15.79
C ILE B 410 -23.67 -28.97 14.57
N GLN B 411 -24.87 -28.42 14.77
CA GLN B 411 -25.75 -28.09 13.65
C GLN B 411 -25.12 -27.04 12.75
N GLU B 412 -24.50 -26.03 13.35
CA GLU B 412 -23.91 -24.94 12.57
C GLU B 412 -22.78 -25.45 11.68
N PHE B 413 -21.92 -26.32 12.21
CA PHE B 413 -20.75 -26.74 11.46
C PHE B 413 -20.95 -28.01 10.65
N TYR B 414 -22.07 -28.71 10.81
CA TYR B 414 -22.41 -29.76 9.87
C TYR B 414 -23.34 -29.28 8.77
N SER B 415 -24.12 -28.22 9.02
CA SER B 415 -24.90 -27.62 7.96
C SER B 415 -24.03 -26.89 6.94
N LEU B 416 -22.78 -26.62 7.29
CA LEU B 416 -21.84 -26.00 6.36
C LEU B 416 -21.11 -27.02 5.49
N ILE B 417 -21.32 -28.30 5.72
CA ILE B 417 -20.71 -29.34 4.90
C ILE B 417 -21.52 -29.45 3.62
N GLN B 418 -20.89 -29.17 2.49
CA GLN B 418 -21.57 -29.24 1.21
C GLN B 418 -21.81 -30.69 0.82
N LEU B 419 -22.63 -30.88 -0.21
CA LEU B 419 -22.94 -32.24 -0.67
C LEU B 419 -21.70 -32.97 -1.18
N ASP B 420 -20.67 -32.24 -1.62
CA ASP B 420 -19.44 -32.85 -2.08
C ASP B 420 -18.41 -33.03 -0.97
N GLY B 421 -18.78 -32.73 0.28
CA GLY B 421 -17.91 -32.93 1.40
C GLY B 421 -17.06 -31.74 1.80
N TYR B 422 -17.00 -30.70 0.97
CA TYR B 422 -16.22 -29.53 1.30
C TYR B 422 -17.11 -28.51 2.00
N ASN B 423 -16.61 -27.31 2.21
CA ASN B 423 -17.29 -26.33 3.05
C ASN B 423 -16.81 -24.94 2.66
N PRO B 424 -17.60 -23.91 2.95
CA PRO B 424 -17.12 -22.54 2.75
C PRO B 424 -15.99 -22.20 3.71
N LEU B 425 -15.13 -21.29 3.29
CA LEU B 425 -14.03 -20.88 4.14
C LEU B 425 -14.50 -19.98 5.27
N GLY B 426 -15.39 -19.04 4.98
CA GLY B 426 -15.76 -18.00 5.92
C GLY B 426 -17.04 -18.30 6.67
N VAL B 427 -17.05 -17.93 7.95
CA VAL B 427 -18.23 -18.02 8.79
C VAL B 427 -18.65 -16.58 9.09
N GLU B 428 -19.83 -16.20 8.61
CA GLU B 428 -20.27 -14.82 8.71
C GLU B 428 -20.78 -14.51 10.11
N LYS B 429 -20.92 -13.22 10.38
CA LYS B 429 -21.51 -12.77 11.64
C LYS B 429 -22.97 -13.17 11.71
N LEU B 430 -23.45 -13.35 12.94
CA LEU B 430 -24.86 -13.70 13.13
C LEU B 430 -25.73 -12.50 12.80
N THR B 431 -26.64 -12.69 11.86
CA THR B 431 -27.58 -11.65 11.46
C THR B 431 -28.99 -12.21 11.53
N TYR B 432 -29.95 -11.32 11.78
CA TYR B 432 -31.33 -11.71 11.99
C TYR B 432 -32.25 -10.86 11.13
N ARG B 433 -33.37 -11.44 10.74
CA ARG B 433 -34.38 -10.77 9.93
C ARG B 433 -35.76 -11.10 10.50
N LEU B 434 -36.67 -10.14 10.37
CA LEU B 434 -38.02 -10.29 10.89
C LEU B 434 -39.01 -10.17 9.74
N SER B 435 -39.98 -11.08 9.71
CA SER B 435 -40.97 -11.09 8.65
C SER B 435 -41.91 -9.90 8.80
N LYS B 436 -42.62 -9.58 7.71
CA LYS B 436 -43.50 -8.42 7.71
C LYS B 436 -44.62 -8.56 8.74
N GLU B 437 -45.34 -9.69 8.71
CA GLU B 437 -46.49 -9.85 9.58
C GLU B 437 -46.08 -9.89 11.05
N ARG B 438 -45.02 -10.64 11.37
CA ARG B 438 -44.57 -10.71 12.76
C ARG B 438 -44.09 -9.34 13.24
N ALA B 439 -43.40 -8.60 12.37
CA ALA B 439 -42.94 -7.27 12.73
C ALA B 439 -44.12 -6.34 13.00
N LYS B 440 -45.17 -6.44 12.18
CA LYS B 440 -46.35 -5.62 12.41
C LYS B 440 -47.03 -6.00 13.73
N LYS B 441 -47.09 -7.29 14.03
CA LYS B 441 -47.70 -7.72 15.29
C LYS B 441 -46.90 -7.21 16.49
N LEU B 442 -45.58 -7.23 16.40
CA LEU B 442 -44.76 -6.81 17.53
C LEU B 442 -44.86 -5.31 17.79
N LEU B 443 -44.98 -4.50 16.74
CA LEU B 443 -44.91 -3.06 16.86
C LEU B 443 -46.29 -2.40 16.95
N THR B 444 -47.26 -3.09 17.55
CA THR B 444 -48.59 -2.52 17.70
C THR B 444 -48.63 -1.42 18.74
N ASP B 445 -47.81 -1.52 19.79
CA ASP B 445 -47.80 -0.56 20.88
C ASP B 445 -46.73 0.52 20.67
N VAL B 446 -46.43 0.87 19.42
CA VAL B 446 -45.40 1.84 19.10
C VAL B 446 -46.05 2.99 18.34
N LYS B 447 -45.45 4.18 18.46
CA LYS B 447 -45.92 5.33 17.72
C LYS B 447 -45.76 5.09 16.21
N GLU B 448 -46.59 5.76 15.43
CA GLU B 448 -46.75 5.41 14.02
C GLU B 448 -45.45 5.56 13.25
N GLU B 449 -44.80 6.72 13.35
CA GLU B 449 -43.56 6.92 12.60
C GLU B 449 -42.44 6.05 13.16
N GLN B 450 -42.39 5.87 14.48
CA GLN B 450 -41.42 4.95 15.07
C GLN B 450 -41.71 3.52 14.64
N ARG B 451 -42.99 3.14 14.58
CA ARG B 451 -43.35 1.82 14.09
C ARG B 451 -42.87 1.63 12.66
N SER B 452 -43.06 2.64 11.80
CA SER B 452 -42.64 2.53 10.41
C SER B 452 -41.11 2.42 10.31
N ALA B 453 -40.39 3.20 11.11
CA ALA B 453 -38.94 3.14 11.09
C ALA B 453 -38.44 1.76 11.50
N LEU B 454 -39.01 1.22 12.59
CA LEU B 454 -38.61 -0.12 13.02
C LEU B 454 -39.02 -1.18 12.02
N ILE B 455 -40.14 -0.99 11.33
CA ILE B 455 -40.56 -1.94 10.30
C ILE B 455 -39.54 -1.97 9.17
N ASP B 456 -39.17 -0.79 8.67
CA ASP B 456 -38.25 -0.78 7.53
C ASP B 456 -36.86 -1.23 7.94
N PHE B 457 -36.45 -1.00 9.19
CA PHE B 457 -35.15 -1.47 9.61
C PHE B 457 -35.12 -2.98 9.85
N ALA B 458 -36.15 -3.53 10.49
CA ALA B 458 -36.11 -4.89 10.98
C ALA B 458 -36.53 -5.93 9.96
N THR B 459 -37.02 -5.52 8.80
CA THR B 459 -37.39 -6.47 7.75
C THR B 459 -36.22 -6.82 6.85
N LYS B 460 -35.08 -6.17 7.02
CA LYS B 460 -33.84 -6.52 6.36
C LYS B 460 -32.86 -7.10 7.38
N PRO B 461 -31.90 -7.91 6.94
CA PRO B 461 -30.97 -8.51 7.89
C PRO B 461 -30.23 -7.47 8.70
N PHE B 462 -30.03 -7.76 9.98
CA PHE B 462 -29.38 -6.83 10.90
C PHE B 462 -28.65 -7.63 11.96
N THR B 463 -27.70 -6.97 12.59
CA THR B 463 -27.03 -7.49 13.76
C THR B 463 -27.67 -6.92 15.03
N PRO B 464 -27.55 -7.62 16.15
CA PRO B 464 -28.15 -7.09 17.39
C PRO B 464 -27.62 -5.71 17.76
N GLY B 465 -26.35 -5.45 17.52
CA GLY B 465 -25.81 -4.12 17.80
C GLY B 465 -26.43 -3.05 16.92
N ALA B 466 -26.60 -3.37 15.63
CA ALA B 466 -27.27 -2.42 14.74
C ALA B 466 -28.71 -2.18 15.18
N LEU B 467 -29.39 -3.23 15.63
CA LEU B 467 -30.75 -3.06 16.10
C LEU B 467 -30.82 -2.18 17.34
N CYS B 468 -29.87 -2.37 18.28
CA CYS B 468 -29.86 -1.51 19.47
C CYS B 468 -29.54 -0.07 19.11
N ARG B 469 -28.62 0.13 18.16
CA ARG B 469 -28.33 1.49 17.70
C ARG B 469 -29.56 2.13 17.08
N LYS B 470 -30.30 1.38 16.25
CA LYS B 470 -31.51 1.92 15.65
C LYS B 470 -32.55 2.23 16.72
N PHE B 471 -32.68 1.36 17.72
CA PHE B 471 -33.60 1.62 18.82
C PHE B 471 -33.25 2.92 19.52
N GLY B 472 -31.97 3.12 19.81
CA GLY B 472 -31.56 4.37 20.44
C GLY B 472 -31.88 5.57 19.57
N GLU B 473 -31.56 5.48 18.28
CA GLU B 473 -31.78 6.61 17.38
C GLU B 473 -33.26 6.95 17.28
N VAL B 474 -34.13 5.94 17.20
CA VAL B 474 -35.55 6.19 16.98
C VAL B 474 -36.33 6.44 18.27
N PHE B 475 -35.76 6.13 19.43
CA PHE B 475 -36.44 6.37 20.69
C PHE B 475 -35.81 7.48 21.51
N GLY B 476 -34.72 8.07 21.07
CA GLY B 476 -34.11 9.17 21.81
C GLY B 476 -33.10 8.67 22.85
N ASP B 477 -33.53 8.63 24.11
CA ASP B 477 -32.68 8.21 25.21
C ASP B 477 -33.28 7.13 26.08
N THR B 478 -34.61 7.08 26.21
CA THR B 478 -35.28 6.08 27.02
C THR B 478 -36.26 5.29 26.17
N TRP B 479 -36.31 3.98 26.39
CA TRP B 479 -37.20 3.10 25.66
C TRP B 479 -37.40 1.84 26.49
N ASP B 480 -38.00 0.82 25.88
CA ASP B 480 -38.33 -0.42 26.56
C ASP B 480 -37.40 -1.52 26.04
N GLU B 481 -36.54 -2.04 26.93
CA GLU B 481 -35.64 -3.11 26.55
C GLU B 481 -36.39 -4.38 26.18
N THR B 482 -37.57 -4.59 26.76
CA THR B 482 -38.35 -5.78 26.45
C THR B 482 -38.75 -5.82 24.98
N LEU B 483 -38.95 -4.65 24.37
CA LEU B 483 -39.23 -4.63 22.93
C LEU B 483 -38.05 -5.18 22.13
N PHE B 484 -36.83 -4.78 22.49
CA PHE B 484 -35.64 -5.30 21.84
C PHE B 484 -35.54 -6.81 22.04
N ILE B 485 -35.76 -7.26 23.27
CA ILE B 485 -35.67 -8.70 23.55
C ILE B 485 -36.70 -9.47 22.75
N ARG B 486 -37.92 -8.94 22.65
CA ARG B 486 -38.98 -9.63 21.92
C ARG B 486 -38.69 -9.67 20.43
N VAL B 487 -38.16 -8.58 19.87
CA VAL B 487 -37.80 -8.57 18.47
C VAL B 487 -36.71 -9.60 18.20
N ILE B 488 -35.73 -9.70 19.09
CA ILE B 488 -34.70 -10.72 18.93
C ILE B 488 -35.32 -12.12 19.01
N ASP B 489 -36.23 -12.32 19.97
CA ASP B 489 -36.81 -13.65 20.16
C ASP B 489 -37.60 -14.10 18.94
N PHE B 490 -38.38 -13.20 18.35
CA PHE B 490 -39.22 -13.57 17.22
C PHE B 490 -38.55 -13.35 15.87
N ALA B 491 -37.29 -12.91 15.85
CA ALA B 491 -36.58 -12.76 14.60
C ALA B 491 -36.10 -14.12 14.09
N GLU B 492 -35.69 -14.15 12.82
CA GLU B 492 -35.21 -15.36 12.17
C GLU B 492 -33.71 -15.23 11.93
N GLU B 493 -32.96 -16.27 12.30
CA GLU B 493 -31.52 -16.26 12.16
C GLU B 493 -31.14 -16.59 10.73
N MET B 494 -30.36 -15.72 10.10
CA MET B 494 -29.96 -15.92 8.72
C MET B 494 -28.88 -17.01 8.64
N VAL B 495 -28.65 -17.49 7.42
CA VAL B 495 -27.58 -18.44 7.17
C VAL B 495 -26.27 -17.67 7.03
N ASN B 496 -25.20 -18.23 7.57
CA ASN B 496 -23.96 -17.48 7.75
C ASN B 496 -22.76 -18.15 7.10
N GLY B 497 -22.91 -18.59 5.85
CA GLY B 497 -21.82 -19.19 5.11
C GLY B 497 -21.39 -18.32 3.95
N SER B 498 -20.09 -18.05 3.88
CA SER B 498 -19.49 -17.32 2.78
C SER B 498 -18.37 -18.19 2.20
N PHE B 499 -18.37 -18.33 0.87
CA PHE B 499 -17.51 -19.32 0.23
C PHE B 499 -16.04 -19.11 0.60
N GLY B 500 -15.47 -17.98 0.20
CA GLY B 500 -14.07 -17.75 0.47
C GLY B 500 -13.21 -17.86 -0.76
N GLU B 501 -12.20 -18.74 -0.72
CA GLU B 501 -11.23 -18.82 -1.81
C GLU B 501 -10.91 -20.22 -2.30
N GLY B 502 -11.11 -21.26 -1.50
CA GLY B 502 -10.69 -22.57 -1.95
C GLY B 502 -11.23 -23.67 -1.06
N TYR B 503 -10.78 -24.88 -1.33
CA TYR B 503 -11.21 -26.07 -0.61
C TYR B 503 -10.00 -26.74 0.03
N TRP B 504 -9.88 -26.60 1.35
CA TRP B 504 -8.88 -27.35 2.09
C TRP B 504 -9.39 -28.75 2.37
N SER B 505 -8.46 -29.67 2.65
CA SER B 505 -8.79 -31.08 2.81
C SER B 505 -8.91 -31.51 4.27
N ASP B 506 -8.81 -30.58 5.22
CA ASP B 506 -8.82 -30.95 6.63
C ASP B 506 -9.93 -30.32 7.44
N HIS B 507 -10.75 -29.45 6.85
CA HIS B 507 -11.73 -28.70 7.63
C HIS B 507 -12.76 -29.62 8.27
N TRP B 508 -13.16 -30.67 7.57
CA TRP B 508 -14.20 -31.56 8.07
C TRP B 508 -13.76 -32.39 9.27
N THR B 509 -12.47 -32.41 9.59
CA THR B 509 -11.96 -33.31 10.62
C THR B 509 -12.17 -32.80 12.03
N TYR B 510 -12.69 -31.59 12.21
CA TYR B 510 -12.86 -31.02 13.54
C TYR B 510 -14.29 -31.11 14.05
N ASN B 511 -15.22 -31.62 13.27
CA ASN B 511 -16.61 -31.72 13.70
C ASN B 511 -16.83 -32.88 14.66
N LEU B 512 -16.09 -33.97 14.49
CA LEU B 512 -16.20 -35.08 15.41
C LEU B 512 -15.81 -34.67 16.82
N ASP B 513 -14.90 -33.70 16.95
CA ASP B 513 -14.54 -33.19 18.27
C ASP B 513 -15.72 -32.50 18.93
N LEU B 514 -16.47 -31.70 18.16
CA LEU B 514 -17.67 -31.07 18.70
C LEU B 514 -18.67 -32.12 19.14
N ILE B 515 -18.87 -33.16 18.32
CA ILE B 515 -19.81 -34.22 18.68
C ILE B 515 -19.37 -34.90 19.98
N LEU B 516 -18.07 -35.20 20.09
CA LEU B 516 -17.57 -35.92 21.25
C LEU B 516 -17.67 -35.07 22.52
N ASP B 517 -17.41 -33.77 22.42
CA ASP B 517 -17.56 -32.91 23.59
C ASP B 517 -19.03 -32.83 24.03
N TYR B 518 -19.94 -32.68 23.06
CA TYR B 518 -21.36 -32.65 23.43
C TYR B 518 -21.78 -33.95 24.08
N LEU B 519 -21.28 -35.09 23.57
CA LEU B 519 -21.60 -36.36 24.19
C LEU B 519 -20.96 -36.50 25.56
N SER B 520 -19.81 -35.86 25.77
CA SER B 520 -19.19 -35.89 27.09
C SER B 520 -20.02 -35.12 28.11
N VAL B 521 -20.67 -34.04 27.69
CA VAL B 521 -21.49 -33.29 28.65
C VAL B 521 -22.94 -33.80 28.69
N PHE B 522 -23.50 -34.26 27.57
CA PHE B 522 -24.86 -34.79 27.52
C PHE B 522 -24.84 -36.17 26.89
N PRO B 523 -24.43 -37.20 27.63
CA PRO B 523 -24.27 -38.52 27.04
C PRO B 523 -25.56 -39.24 26.71
N GLU B 524 -26.67 -38.86 27.34
CA GLU B 524 -27.91 -39.61 27.19
C GLU B 524 -28.74 -39.16 26.00
N GLN B 525 -28.28 -38.19 25.22
CA GLN B 525 -29.02 -37.66 24.08
C GLN B 525 -28.35 -37.99 22.75
N GLU B 526 -27.54 -39.05 22.71
CA GLU B 526 -26.81 -39.38 21.49
C GLU B 526 -27.75 -39.76 20.36
N LYS B 527 -28.76 -40.58 20.66
CA LYS B 527 -29.69 -41.00 19.62
C LYS B 527 -30.49 -39.82 19.09
N GLU B 528 -30.96 -38.96 19.98
CA GLU B 528 -31.69 -37.77 19.55
C GLU B 528 -30.82 -36.86 18.71
N MET B 529 -29.55 -36.69 19.10
CA MET B 529 -28.64 -35.90 18.29
C MET B 529 -28.44 -36.51 16.92
N LEU B 530 -28.28 -37.83 16.85
CA LEU B 530 -28.02 -38.49 15.57
C LEU B 530 -29.22 -38.38 14.63
N TYR B 531 -30.42 -38.60 15.15
CA TYR B 531 -31.61 -38.69 14.30
C TYR B 531 -32.48 -37.43 14.38
N GLU B 532 -31.85 -36.28 14.48
CA GLU B 532 -32.53 -35.00 14.48
C GLU B 532 -32.37 -34.35 13.11
N GLU B 533 -33.49 -34.18 12.40
CA GLU B 533 -33.45 -33.70 11.01
C GLU B 533 -33.59 -32.18 10.99
N VAL B 534 -32.51 -31.51 11.36
CA VAL B 534 -32.48 -30.04 11.39
C VAL B 534 -31.23 -29.54 10.68
N TYR B 535 -30.49 -30.44 10.05
CA TYR B 535 -29.24 -30.09 9.40
C TYR B 535 -29.50 -29.70 7.96
N THR B 536 -29.23 -28.45 7.63
CA THR B 536 -29.34 -27.98 6.25
C THR B 536 -28.06 -28.35 5.50
N THR B 537 -27.90 -27.82 4.29
CA THR B 537 -26.70 -28.09 3.51
C THR B 537 -26.36 -26.85 2.71
N PHE B 538 -25.11 -26.39 2.84
CA PHE B 538 -24.67 -25.21 2.11
C PHE B 538 -24.59 -25.51 0.62
N LEU B 539 -24.94 -24.52 -0.20
CA LEU B 539 -24.93 -24.67 -1.65
C LEU B 539 -23.56 -24.27 -2.17
N SER B 540 -22.88 -25.22 -2.83
CA SER B 540 -21.52 -24.99 -3.29
C SER B 540 -21.48 -23.87 -4.31
N ARG B 541 -20.53 -22.95 -4.15
CA ARG B 541 -20.31 -21.89 -5.11
C ARG B 541 -19.39 -22.31 -6.26
N ILE B 542 -18.74 -23.46 -6.14
CA ILE B 542 -17.84 -23.95 -7.18
C ILE B 542 -17.68 -25.44 -6.98
N ASN B 543 -17.42 -26.16 -8.07
CA ASN B 543 -17.34 -27.60 -8.05
C ASN B 543 -15.91 -28.05 -8.33
N VAL B 544 -15.48 -29.12 -7.65
CA VAL B 544 -14.16 -29.69 -7.89
C VAL B 544 -14.15 -30.28 -9.29
N ASN B 545 -13.10 -29.96 -10.05
CA ASN B 545 -12.99 -30.46 -11.41
C ASN B 545 -12.79 -31.97 -11.42
N ARG B 546 -13.16 -32.60 -12.53
CA ARG B 546 -12.88 -34.01 -12.71
C ARG B 546 -11.37 -34.22 -12.74
N ARG B 547 -10.94 -35.41 -12.32
CA ARG B 547 -9.51 -35.64 -12.14
C ARG B 547 -8.77 -35.52 -13.47
N PHE B 548 -9.36 -36.01 -14.56
CA PHE B 548 -8.72 -35.88 -15.86
C PHE B 548 -8.58 -34.43 -16.30
N ARG B 549 -9.37 -33.52 -15.73
CA ARG B 549 -9.26 -32.11 -16.05
C ARG B 549 -8.33 -31.36 -15.13
N ARG B 550 -7.99 -31.93 -13.98
CA ARG B 550 -7.13 -31.24 -13.02
C ARG B 550 -5.65 -31.32 -13.37
N TYR B 551 -5.26 -32.17 -14.32
CA TYR B 551 -3.87 -32.46 -14.60
C TYR B 551 -3.42 -31.68 -15.84
N VAL B 552 -2.29 -31.01 -15.73
CA VAL B 552 -1.70 -30.24 -16.82
C VAL B 552 -0.28 -30.70 -17.04
N GLU B 553 0.28 -30.31 -18.18
CA GLU B 553 1.64 -30.69 -18.56
C GLU B 553 2.56 -29.49 -18.40
N THR B 554 3.69 -29.70 -17.76
CA THR B 554 4.67 -28.65 -17.49
C THR B 554 6.06 -29.14 -17.86
N GLU B 555 7.05 -28.26 -17.66
CA GLU B 555 8.43 -28.63 -17.97
C GLU B 555 8.95 -29.71 -17.02
N ASN B 556 8.48 -29.71 -15.78
CA ASN B 556 8.95 -30.66 -14.78
C ASN B 556 8.13 -31.94 -14.76
N GLY B 557 7.13 -32.07 -15.62
CA GLY B 557 6.28 -33.24 -15.67
C GLY B 557 4.84 -32.89 -15.39
N LEU B 558 4.05 -33.93 -15.16
CA LEU B 558 2.62 -33.76 -14.91
C LEU B 558 2.39 -33.09 -13.57
N ARG B 559 1.44 -32.16 -13.53
CA ARG B 559 1.11 -31.42 -12.33
C ARG B 559 -0.40 -31.29 -12.22
N GLN B 560 -0.88 -31.05 -11.00
CA GLN B 560 -2.30 -30.87 -10.72
C GLN B 560 -2.53 -29.39 -10.43
N TYR B 561 -2.85 -28.62 -11.48
CA TYR B 561 -2.95 -27.17 -11.37
C TYR B 561 -4.34 -26.63 -11.64
N ARG B 562 -5.33 -27.46 -11.93
CA ARG B 562 -6.67 -27.02 -12.30
C ARG B 562 -7.72 -27.71 -11.45
N ALA B 563 -7.54 -27.64 -10.13
CA ALA B 563 -8.39 -28.38 -9.22
C ALA B 563 -9.85 -27.93 -9.30
N LEU B 564 -10.08 -26.62 -9.41
CA LEU B 564 -11.43 -26.08 -9.39
C LEU B 564 -11.96 -25.88 -10.79
N ASN B 565 -13.24 -26.19 -10.99
CA ASN B 565 -13.92 -26.02 -12.27
C ASN B 565 -14.50 -24.61 -12.30
N GLU B 566 -13.80 -23.70 -12.98
CA GLU B 566 -14.23 -22.30 -13.03
C GLU B 566 -15.50 -22.11 -13.84
N ALA B 567 -15.83 -23.05 -14.72
CA ALA B 567 -17.05 -22.92 -15.52
C ALA B 567 -18.31 -23.17 -14.70
N SER B 568 -18.19 -23.88 -13.59
CA SER B 568 -19.34 -24.19 -12.74
C SER B 568 -19.56 -23.17 -11.63
N ARG B 569 -18.77 -22.11 -11.60
CA ARG B 569 -18.87 -21.14 -10.52
C ARG B 569 -20.23 -20.44 -10.55
N ARG B 570 -20.80 -20.23 -9.36
CA ARG B 570 -22.08 -19.55 -9.20
C ARG B 570 -21.88 -18.23 -8.47
N ALA B 571 -22.97 -17.47 -8.40
CA ALA B 571 -22.91 -16.16 -7.77
C ALA B 571 -22.63 -16.28 -6.27
N ALA B 572 -21.80 -15.37 -5.76
CA ALA B 572 -21.48 -15.39 -4.34
C ALA B 572 -22.68 -15.00 -3.49
N ALA B 573 -23.35 -13.91 -3.85
CA ALA B 573 -24.49 -13.39 -3.08
C ALA B 573 -25.78 -13.88 -3.73
N ALA B 574 -26.16 -15.10 -3.39
CA ALA B 574 -27.37 -15.71 -3.93
C ALA B 574 -27.91 -16.70 -2.89
N GLU B 575 -28.74 -17.64 -3.34
CA GLU B 575 -29.24 -18.68 -2.45
C GLU B 575 -28.08 -19.43 -1.80
N LYS B 576 -28.19 -19.66 -0.50
CA LYS B 576 -27.11 -20.24 0.29
C LYS B 576 -27.42 -21.64 0.79
N LEU B 577 -28.55 -22.22 0.43
CA LEU B 577 -28.93 -23.55 0.92
C LEU B 577 -29.36 -24.44 -0.23
N VAL B 578 -29.11 -25.72 -0.07
CA VAL B 578 -29.57 -26.70 -1.05
C VAL B 578 -31.07 -26.91 -0.86
N ARG B 579 -31.82 -26.74 -1.95
CA ARG B 579 -33.27 -26.88 -1.92
C ARG B 579 -33.69 -28.09 -2.72
N THR B 580 -34.74 -28.76 -2.25
CA THR B 580 -35.25 -29.93 -2.94
C THR B 580 -35.82 -29.54 -4.31
N GLU B 581 -36.20 -30.57 -5.07
CA GLU B 581 -36.73 -30.38 -6.42
C GLU B 581 -35.76 -29.59 -7.29
N TYR B 582 -34.47 -29.91 -7.16
CA TYR B 582 -33.41 -29.32 -7.97
C TYR B 582 -33.38 -27.79 -7.81
N GLY B 583 -33.46 -27.34 -6.57
CA GLY B 583 -33.35 -25.93 -6.26
C GLY B 583 -34.65 -25.16 -6.31
N SER B 584 -35.78 -25.80 -6.61
CA SER B 584 -37.06 -25.13 -6.67
C SER B 584 -37.96 -25.41 -5.48
N GLY B 585 -37.73 -26.50 -4.76
CA GLY B 585 -38.56 -26.90 -3.65
C GLY B 585 -38.13 -26.29 -2.33
N ASP B 586 -38.53 -26.95 -1.25
CA ASP B 586 -38.19 -26.49 0.07
C ASP B 586 -36.72 -26.73 0.37
N VAL B 587 -36.26 -26.17 1.50
CA VAL B 587 -34.88 -26.34 1.91
C VAL B 587 -34.65 -27.78 2.31
N LEU B 588 -33.61 -28.41 1.74
CA LEU B 588 -33.30 -29.79 2.06
C LEU B 588 -32.83 -29.91 3.50
N THR B 589 -33.40 -30.87 4.22
CA THR B 589 -33.05 -31.10 5.61
C THR B 589 -32.58 -32.54 5.78
N MET B 590 -31.53 -32.72 6.58
CA MET B 590 -30.90 -34.02 6.75
C MET B 590 -30.64 -34.24 8.24
N THR B 591 -30.48 -35.51 8.60
CA THR B 591 -30.11 -35.86 9.96
C THR B 591 -28.59 -35.88 10.10
N LEU B 592 -28.13 -35.89 11.36
CA LEU B 592 -26.69 -35.91 11.61
C LEU B 592 -26.06 -37.20 11.10
N MET B 593 -26.77 -38.32 11.26
CA MET B 593 -26.24 -39.60 10.77
C MET B 593 -26.04 -39.55 9.26
N GLU B 594 -26.97 -38.92 8.54
CA GLU B 594 -26.82 -38.78 7.11
C GLU B 594 -25.59 -37.95 6.77
N LYS B 595 -25.35 -36.87 7.51
CA LYS B 595 -24.16 -36.06 7.28
C LYS B 595 -22.89 -36.87 7.52
N LEU B 596 -22.87 -37.65 8.59
CA LEU B 596 -21.69 -38.47 8.88
C LEU B 596 -21.45 -39.49 7.78
N ILE B 597 -22.52 -40.14 7.30
CA ILE B 597 -22.37 -41.13 6.25
C ILE B 597 -21.88 -40.48 4.96
N LEU B 598 -22.41 -39.29 4.64
CA LEU B 598 -21.98 -38.58 3.44
C LEU B 598 -20.49 -38.23 3.53
N LEU B 599 -20.07 -37.72 4.68
CA LEU B 599 -18.65 -37.39 4.85
C LEU B 599 -17.79 -38.63 4.71
N GLY B 600 -18.19 -39.73 5.35
CA GLY B 600 -17.41 -40.95 5.27
C GLY B 600 -17.29 -41.45 3.84
N ALA B 601 -18.41 -41.46 3.11
CA ALA B 601 -18.39 -41.95 1.73
C ALA B 601 -17.51 -41.08 0.85
N VAL B 602 -17.67 -39.76 0.95
CA VAL B 602 -16.90 -38.87 0.08
C VAL B 602 -15.42 -38.97 0.39
N LYS B 603 -15.06 -38.97 1.67
CA LYS B 603 -13.65 -39.00 2.02
C LYS B 603 -13.02 -40.35 1.68
N PHE B 604 -13.77 -41.44 1.83
CA PHE B 604 -13.28 -42.72 1.35
C PHE B 604 -13.07 -42.70 -0.16
N ALA B 605 -13.96 -42.02 -0.87
CA ALA B 605 -13.80 -41.87 -2.31
C ALA B 605 -12.65 -40.93 -2.67
N THR B 606 -12.12 -40.18 -1.70
CA THR B 606 -11.00 -39.28 -1.96
C THR B 606 -9.65 -39.93 -1.65
N LEU B 607 -9.58 -41.26 -1.65
CA LEU B 607 -8.30 -41.92 -1.43
C LEU B 607 -7.38 -41.73 -2.63
N ASP B 608 -6.09 -41.95 -2.40
CA ASP B 608 -5.09 -41.75 -3.44
C ASP B 608 -4.89 -43.05 -4.22
N ALA B 609 -3.93 -43.03 -5.15
CA ALA B 609 -3.72 -44.18 -6.03
C ALA B 609 -3.31 -45.42 -5.24
N TYR B 610 -2.46 -45.25 -4.25
CA TYR B 610 -2.02 -46.36 -3.42
C TYR B 610 -2.99 -46.66 -2.27
N GLY B 611 -4.07 -45.90 -2.16
CA GLY B 611 -5.04 -46.13 -1.11
C GLY B 611 -4.51 -45.88 0.29
N MET B 612 -3.65 -44.87 0.45
CA MET B 612 -3.07 -44.54 1.75
C MET B 612 -3.56 -43.19 2.26
N GLY B 613 -3.35 -42.12 1.48
CA GLY B 613 -3.74 -40.79 1.90
C GLY B 613 -5.02 -40.32 1.24
N ILE B 614 -5.45 -39.13 1.64
CA ILE B 614 -6.60 -38.48 1.05
C ILE B 614 -6.09 -37.37 0.14
N GLU B 615 -6.42 -37.45 -1.14
CA GLU B 615 -5.87 -36.51 -2.10
C GLU B 615 -6.31 -35.09 -1.80
N MET B 616 -5.39 -34.15 -1.99
CA MET B 616 -5.71 -32.73 -1.87
C MET B 616 -6.31 -32.23 -3.18
N GLU B 617 -7.38 -32.87 -3.65
CA GLU B 617 -7.98 -32.52 -4.93
C GLU B 617 -8.66 -31.16 -4.90
N GLY B 618 -8.84 -30.57 -3.73
CA GLY B 618 -9.46 -29.27 -3.65
C GLY B 618 -8.56 -28.10 -3.99
N GLY B 619 -7.29 -28.36 -4.27
CA GLY B 619 -6.36 -27.29 -4.60
C GLY B 619 -5.72 -26.60 -3.42
N LYS B 620 -6.04 -27.02 -2.20
CA LYS B 620 -5.47 -26.45 -1.00
C LYS B 620 -4.91 -27.55 -0.11
N PRO B 621 -3.86 -27.26 0.65
CA PRO B 621 -3.29 -28.28 1.52
C PRO B 621 -4.15 -28.57 2.73
N GLY B 622 -3.63 -29.36 3.67
CA GLY B 622 -4.36 -29.66 4.88
C GLY B 622 -4.18 -28.60 5.94
N TRP B 623 -3.94 -29.02 7.18
CA TRP B 623 -3.74 -28.08 8.28
C TRP B 623 -2.49 -27.24 8.10
N TYR B 624 -1.51 -27.72 7.33
CA TYR B 624 -0.24 -27.04 7.12
C TYR B 624 -0.39 -26.10 5.93
N ASP B 625 -0.54 -24.81 6.21
CA ASP B 625 -0.76 -23.84 5.13
C ASP B 625 0.49 -23.66 4.28
N ALA B 626 1.67 -23.70 4.90
CA ALA B 626 2.91 -23.37 4.20
C ALA B 626 3.29 -24.39 3.14
N LEU B 627 2.53 -25.47 2.97
CA LEU B 627 2.77 -26.47 1.94
C LEU B 627 1.80 -26.31 0.77
N ASN B 628 1.53 -25.06 0.38
CA ASN B 628 0.55 -24.78 -0.66
C ASN B 628 0.86 -25.46 -1.98
N GLY B 629 2.12 -25.82 -2.22
CA GLY B 629 2.46 -26.51 -3.44
C GLY B 629 2.22 -28.00 -3.43
N MET B 630 1.87 -28.56 -2.28
CA MET B 630 1.60 -30.01 -2.22
C MET B 630 0.46 -30.46 -3.11
N PRO B 631 -0.69 -29.79 -3.18
CA PRO B 631 -1.73 -30.26 -4.11
C PRO B 631 -1.27 -30.33 -5.55
N GLY B 632 -0.38 -29.43 -5.98
CA GLY B 632 0.15 -29.51 -7.33
C GLY B 632 1.01 -30.72 -7.58
N LEU B 633 1.58 -31.31 -6.53
CA LEU B 633 2.40 -32.51 -6.63
C LEU B 633 1.63 -33.77 -6.30
N PHE B 634 0.32 -33.79 -6.58
CA PHE B 634 -0.54 -34.94 -6.30
C PHE B 634 -0.47 -35.34 -4.83
N GLY B 635 -0.42 -34.33 -3.95
CA GLY B 635 -0.24 -34.60 -2.55
C GLY B 635 -1.44 -35.28 -1.93
N SER B 636 -1.18 -36.16 -0.98
CA SER B 636 -2.20 -36.81 -0.18
C SER B 636 -1.78 -36.76 1.27
N SER B 637 -2.76 -36.65 2.17
CA SER B 637 -2.51 -36.46 3.58
C SER B 637 -2.94 -37.69 4.36
N MET B 638 -2.01 -38.26 5.13
CA MET B 638 -2.34 -39.38 6.00
C MET B 638 -3.12 -38.94 7.23
N ALA B 639 -3.01 -37.67 7.62
CA ALA B 639 -3.79 -37.17 8.74
C ALA B 639 -5.27 -37.25 8.45
N GLU B 640 -5.67 -36.90 7.22
CA GLU B 640 -7.06 -37.04 6.83
C GLU B 640 -7.48 -38.51 6.84
N THR B 641 -6.56 -39.41 6.48
CA THR B 641 -6.87 -40.83 6.53
C THR B 641 -7.12 -41.29 7.96
N TYR B 642 -6.29 -40.84 8.90
CA TYR B 642 -6.50 -41.21 10.30
C TYR B 642 -7.83 -40.66 10.81
N GLU B 643 -8.14 -39.40 10.47
CA GLU B 643 -9.40 -38.82 10.90
C GLU B 643 -10.58 -39.57 10.28
N LEU B 644 -10.45 -39.97 9.02
CA LEU B 644 -11.52 -40.73 8.37
C LEU B 644 -11.71 -42.08 9.03
N ALA B 645 -10.63 -42.74 9.41
CA ALA B 645 -10.75 -44.01 10.13
C ALA B 645 -11.46 -43.81 11.46
N ARG B 646 -11.10 -42.75 12.19
CA ARG B 646 -11.76 -42.48 13.46
C ARG B 646 -13.24 -42.19 13.28
N MET B 647 -13.59 -41.39 12.27
CA MET B 647 -14.99 -41.06 12.02
C MET B 647 -15.78 -42.29 11.61
N LEU B 648 -15.19 -43.15 10.77
CA LEU B 648 -15.88 -44.38 10.37
C LEU B 648 -16.10 -45.29 11.56
N SER B 649 -15.10 -45.41 12.44
CA SER B 649 -15.28 -46.23 13.63
C SER B 649 -16.39 -45.69 14.52
N TYR B 650 -16.41 -44.37 14.71
CA TYR B 650 -17.47 -43.78 15.53
C TYR B 650 -18.85 -44.00 14.90
N THR B 651 -18.96 -43.84 13.58
CA THR B 651 -20.24 -44.05 12.92
C THR B 651 -20.67 -45.50 13.02
N ILE B 652 -19.73 -46.43 12.92
CA ILE B 652 -20.05 -47.85 13.07
C ILE B 652 -20.62 -48.11 14.47
N GLU B 653 -19.94 -47.56 15.48
CA GLU B 653 -20.41 -47.78 16.85
C GLU B 653 -21.78 -47.14 17.07
N ALA B 654 -22.01 -45.96 16.50
CA ALA B 654 -23.30 -45.31 16.63
C ALA B 654 -24.40 -46.12 15.95
N LEU B 655 -24.12 -46.65 14.76
CA LEU B 655 -25.12 -47.44 14.04
C LEU B 655 -25.44 -48.73 14.79
N LYS B 656 -24.43 -49.38 15.35
CA LYS B 656 -24.68 -50.60 16.11
C LYS B 656 -25.35 -50.30 17.44
N GLN B 657 -25.14 -49.12 18.00
CA GLN B 657 -25.64 -48.81 19.33
C GLN B 657 -27.14 -48.50 19.30
N TYR B 658 -27.61 -47.85 18.25
CA TYR B 658 -29.01 -47.43 18.14
C TYR B 658 -29.55 -47.95 16.81
N PRO B 659 -29.91 -49.23 16.76
CA PRO B 659 -30.44 -49.80 15.50
C PRO B 659 -31.77 -49.18 15.12
N GLY B 660 -32.00 -49.12 13.81
CA GLY B 660 -33.23 -48.54 13.30
C GLY B 660 -33.18 -48.40 11.79
N GLU B 661 -33.82 -47.33 11.31
CA GLU B 661 -33.87 -47.03 9.89
C GLU B 661 -33.26 -45.65 9.64
N VAL B 662 -32.42 -45.57 8.62
CA VAL B 662 -31.73 -44.33 8.26
C VAL B 662 -32.11 -43.98 6.83
N ALA B 663 -32.49 -42.72 6.61
CA ALA B 663 -32.88 -42.24 5.29
C ALA B 663 -31.73 -41.45 4.69
N LEU B 664 -31.28 -41.87 3.52
CA LEU B 664 -30.27 -41.17 2.74
C LEU B 664 -30.89 -40.67 1.44
N ILE B 665 -30.43 -39.51 0.98
CA ILE B 665 -30.91 -39.01 -0.30
C ILE B 665 -30.53 -40.01 -1.40
N GLU B 666 -31.30 -39.96 -2.49
CA GLU B 666 -31.18 -40.98 -3.53
C GLU B 666 -29.78 -40.99 -4.14
N GLU B 667 -29.23 -39.81 -4.42
CA GLU B 667 -27.90 -39.74 -5.01
C GLU B 667 -26.84 -40.34 -4.07
N LEU B 668 -26.91 -39.99 -2.79
CA LEU B 668 -25.96 -40.55 -1.83
C LEU B 668 -26.15 -42.05 -1.68
N GLY B 669 -27.39 -42.52 -1.70
CA GLY B 669 -27.62 -43.95 -1.61
C GLY B 669 -27.03 -44.70 -2.78
N CYS B 670 -27.24 -44.19 -4.00
CA CYS B 670 -26.65 -44.82 -5.17
C CYS B 670 -25.13 -44.79 -5.11
N PHE B 671 -24.57 -43.65 -4.69
CA PHE B 671 -23.12 -43.55 -4.58
C PHE B 671 -22.57 -44.55 -3.56
N LEU B 672 -23.25 -44.70 -2.43
CA LEU B 672 -22.80 -45.63 -1.40
C LEU B 672 -22.89 -47.07 -1.87
N ASP B 673 -23.98 -47.42 -2.58
CA ASP B 673 -24.09 -48.77 -3.11
C ASP B 673 -22.99 -49.04 -4.13
N GLU B 674 -22.69 -48.06 -4.99
CA GLU B 674 -21.62 -48.23 -5.96
C GLU B 674 -20.28 -48.43 -5.26
N LEU B 675 -20.02 -47.64 -4.22
CA LEU B 675 -18.77 -47.79 -3.48
C LEU B 675 -18.68 -49.16 -2.82
N ASN B 676 -19.79 -49.65 -2.27
CA ASN B 676 -19.79 -50.97 -1.65
C ASN B 676 -19.47 -52.05 -2.66
N LEU B 677 -20.08 -51.96 -3.85
CA LEU B 677 -19.78 -52.91 -4.91
C LEU B 677 -18.31 -52.84 -5.31
N ILE B 678 -17.77 -51.61 -5.43
CA ILE B 678 -16.37 -51.45 -5.82
C ILE B 678 -15.45 -52.08 -4.78
N THR B 679 -15.75 -51.87 -3.50
CA THR B 679 -14.92 -52.46 -2.44
C THR B 679 -14.98 -53.98 -2.47
N ARG B 680 -16.19 -54.53 -2.63
CA ARG B 680 -16.29 -55.99 -2.69
C ARG B 680 -15.54 -56.56 -3.88
N LEU B 681 -15.49 -55.82 -5.00
CA LEU B 681 -14.76 -56.31 -6.16
C LEU B 681 -13.26 -56.19 -5.97
N GLU B 682 -12.80 -55.08 -5.39
CA GLU B 682 -11.37 -54.76 -5.34
C GLU B 682 -10.70 -55.17 -4.04
N HIS B 683 -11.41 -55.85 -3.14
CA HIS B 683 -10.82 -56.23 -1.86
C HIS B 683 -9.56 -57.06 -2.06
N ASP B 684 -9.63 -58.08 -2.92
CA ASP B 684 -8.47 -58.96 -3.11
C ASP B 684 -7.28 -58.19 -3.66
N ASN B 685 -7.51 -57.32 -4.64
CA ASN B 685 -6.41 -56.54 -5.21
C ASN B 685 -5.81 -55.61 -4.18
N ILE B 686 -6.64 -55.01 -3.32
CA ILE B 686 -6.14 -54.07 -2.33
C ILE B 686 -5.23 -54.79 -1.33
N MET B 687 -5.60 -56.01 -0.93
CA MET B 687 -4.86 -56.70 0.11
C MET B 687 -3.46 -57.13 -0.33
N ARG B 688 -3.21 -57.24 -1.62
CA ARG B 688 -1.92 -57.77 -2.09
C ARG B 688 -1.16 -56.81 -2.99
N ASP B 689 -1.84 -56.05 -3.85
CA ASP B 689 -1.14 -55.18 -4.77
C ASP B 689 -0.55 -53.97 -4.05
N GLU B 690 0.49 -53.39 -4.66
CA GLU B 690 1.12 -52.19 -4.13
C GLU B 690 0.43 -50.93 -4.63
N GLU B 691 0.32 -50.78 -5.95
CA GLU B 691 -0.43 -49.71 -6.54
C GLU B 691 -1.86 -50.19 -6.83
N LEU B 692 -2.82 -49.27 -6.68
CA LEU B 692 -4.23 -49.63 -6.79
C LEU B 692 -4.92 -48.78 -7.84
N LEU B 693 -4.33 -48.71 -9.04
CA LEU B 693 -4.82 -47.78 -10.06
C LEU B 693 -6.26 -48.09 -10.47
N SER B 694 -6.59 -49.38 -10.60
CA SER B 694 -7.96 -49.74 -10.99
C SER B 694 -8.96 -49.33 -9.91
N PHE B 695 -8.65 -49.63 -8.65
CA PHE B 695 -9.52 -49.23 -7.56
C PHE B 695 -9.65 -47.72 -7.49
N TRP B 696 -8.54 -47.01 -7.67
CA TRP B 696 -8.57 -45.55 -7.68
C TRP B 696 -9.46 -45.02 -8.80
N ASN B 697 -9.35 -45.62 -10.00
CA ASN B 697 -10.14 -45.16 -11.13
C ASN B 697 -11.62 -45.37 -10.89
N ARG B 698 -12.01 -46.57 -10.43
CA ARG B 698 -13.41 -46.84 -10.19
C ARG B 698 -13.97 -45.93 -9.10
N ILE B 699 -13.21 -45.76 -8.02
CA ILE B 699 -13.63 -44.93 -6.91
C ILE B 699 -13.84 -43.49 -7.37
N ASN B 700 -12.88 -42.96 -8.14
CA ASN B 700 -13.00 -41.58 -8.60
C ASN B 700 -14.09 -41.41 -9.64
N ASP B 701 -14.35 -42.42 -10.47
CA ASP B 701 -15.46 -42.33 -11.41
C ASP B 701 -16.78 -42.23 -10.67
N ALA B 702 -16.97 -43.08 -9.65
CA ALA B 702 -18.19 -43.00 -8.85
C ALA B 702 -18.30 -41.64 -8.15
N LYS B 703 -17.19 -41.17 -7.58
CA LYS B 703 -17.22 -39.89 -6.87
C LYS B 703 -17.54 -38.74 -7.81
N GLU B 704 -16.97 -38.74 -9.02
CA GLU B 704 -17.22 -37.68 -9.97
C GLU B 704 -18.66 -37.71 -10.44
N ILE B 705 -19.22 -38.90 -10.68
CA ILE B 705 -20.62 -39.00 -11.04
C ILE B 705 -21.49 -38.38 -9.95
N TYR B 706 -21.22 -38.76 -8.69
CA TYR B 706 -22.02 -38.23 -7.58
C TYR B 706 -21.88 -36.72 -7.46
N ARG B 707 -20.65 -36.20 -7.56
CA ARG B 707 -20.42 -34.78 -7.40
C ARG B 707 -21.12 -33.99 -8.49
N ASP B 708 -20.99 -34.43 -9.74
CA ASP B 708 -21.60 -33.68 -10.83
C ASP B 708 -23.12 -33.80 -10.82
N LYS B 709 -23.64 -34.93 -10.33
CA LYS B 709 -25.09 -35.06 -10.25
C LYS B 709 -25.66 -34.18 -9.14
N THR B 710 -25.03 -34.17 -7.98
CA THR B 710 -25.55 -33.41 -6.85
C THR B 710 -25.29 -31.91 -6.99
N TYR B 711 -24.23 -31.52 -7.70
CA TYR B 711 -23.92 -30.10 -7.83
C TYR B 711 -25.02 -29.36 -8.58
N GLN B 712 -25.58 -30.00 -9.61
CA GLN B 712 -26.64 -29.36 -10.37
C GLN B 712 -27.95 -29.30 -9.60
N GLY B 713 -28.11 -30.14 -8.58
CA GLY B 713 -29.32 -30.14 -7.76
C GLY B 713 -29.69 -31.56 -7.38
N VAL B 714 -30.48 -31.67 -6.31
CA VAL B 714 -30.95 -32.95 -5.82
C VAL B 714 -32.47 -32.88 -5.71
N SER B 715 -33.14 -33.94 -6.16
CA SER B 715 -34.60 -33.96 -6.13
C SER B 715 -35.12 -33.91 -4.70
N GLY B 716 -34.50 -34.65 -3.80
CA GLY B 716 -34.94 -34.73 -2.42
C GLY B 716 -35.52 -36.08 -2.03
N LYS B 717 -35.80 -36.95 -2.99
CA LYS B 717 -36.25 -38.29 -2.67
C LYS B 717 -35.17 -39.04 -1.90
N LYS B 718 -35.57 -39.73 -0.83
CA LYS B 718 -34.63 -40.36 0.08
C LYS B 718 -34.81 -41.87 0.07
N MET B 719 -33.70 -42.59 -0.11
CA MET B 719 -33.69 -44.02 0.09
C MET B 719 -33.64 -44.36 1.57
N VAL B 720 -34.14 -45.54 1.91
CA VAL B 720 -34.22 -45.99 3.30
C VAL B 720 -33.32 -47.19 3.48
N TYR B 721 -32.46 -47.13 4.50
CA TYR B 721 -31.52 -48.19 4.81
C TYR B 721 -31.71 -48.64 6.25
N HIS B 722 -31.41 -49.92 6.50
CA HIS B 722 -31.26 -50.39 7.87
C HIS B 722 -29.87 -50.06 8.37
N THR B 723 -29.75 -49.91 9.69
CA THR B 723 -28.45 -49.61 10.27
C THR B 723 -27.45 -50.73 10.04
N GLU B 724 -27.94 -51.97 9.90
CA GLU B 724 -27.03 -53.10 9.68
C GLU B 724 -26.33 -53.00 8.33
N GLN B 725 -27.06 -52.64 7.27
CA GLN B 725 -26.46 -52.54 5.95
C GLN B 725 -25.40 -51.44 5.92
N LEU B 726 -25.73 -50.28 6.48
CA LEU B 726 -24.78 -49.18 6.52
C LEU B 726 -23.58 -49.54 7.38
N ALA B 727 -23.81 -50.28 8.47
CA ALA B 727 -22.70 -50.73 9.30
C ALA B 727 -21.78 -51.65 8.51
N ALA B 728 -22.33 -52.57 7.73
CA ALA B 728 -21.50 -53.46 6.93
C ALA B 728 -20.71 -52.66 5.89
N ILE B 729 -21.35 -51.71 5.23
CA ILE B 729 -20.67 -50.93 4.20
C ILE B 729 -19.52 -50.14 4.80
N LEU B 730 -19.79 -49.44 5.91
CA LEU B 730 -18.74 -48.63 6.50
C LEU B 730 -17.68 -49.48 7.18
N GLU B 731 -18.03 -50.70 7.60
CA GLU B 731 -17.01 -51.62 8.10
C GLU B 731 -16.06 -52.05 7.00
N GLY B 732 -16.59 -52.31 5.80
CA GLY B 732 -15.72 -52.57 4.67
C GLY B 732 -14.83 -51.39 4.35
N PHE B 733 -15.40 -50.18 4.38
CA PHE B 733 -14.60 -48.98 4.16
C PHE B 733 -13.49 -48.87 5.19
N LEU B 734 -13.83 -49.10 6.46
CA LEU B 734 -12.85 -48.98 7.53
C LEU B 734 -11.77 -50.05 7.41
N GLU B 735 -12.13 -51.25 6.97
CA GLU B 735 -11.12 -52.28 6.75
C GLU B 735 -10.14 -51.86 5.66
N ILE B 736 -10.66 -51.30 4.57
CA ILE B 736 -9.76 -50.83 3.52
C ILE B 736 -8.86 -49.70 4.02
N VAL B 737 -9.44 -48.77 4.79
CA VAL B 737 -8.64 -47.66 5.31
C VAL B 737 -7.57 -48.17 6.27
N THR B 738 -7.93 -49.15 7.10
CA THR B 738 -6.95 -49.72 8.03
C THR B 738 -5.81 -50.39 7.30
N CYS B 739 -6.13 -51.13 6.23
CA CYS B 739 -5.07 -51.75 5.44
C CYS B 739 -4.19 -50.69 4.78
N GLY B 740 -4.79 -49.59 4.33
CA GLY B 740 -4.00 -48.50 3.78
C GLY B 740 -3.07 -47.88 4.81
N ILE B 741 -3.57 -47.70 6.03
CA ILE B 741 -2.74 -47.16 7.11
C ILE B 741 -1.59 -48.11 7.42
N LYS B 742 -1.87 -49.41 7.46
CA LYS B 742 -0.81 -50.38 7.70
C LYS B 742 0.24 -50.33 6.60
N LYS B 743 -0.19 -50.22 5.34
CA LYS B 743 0.76 -50.12 4.24
C LYS B 743 1.61 -48.88 4.35
N ALA B 744 0.99 -47.74 4.69
CA ALA B 744 1.75 -46.50 4.82
C ALA B 744 2.78 -46.60 5.93
N ARG B 745 2.40 -47.15 7.07
CA ARG B 745 3.36 -47.32 8.15
C ARG B 745 4.47 -48.29 7.76
N ARG B 746 4.14 -49.34 7.01
CA ARG B 746 5.16 -50.28 6.56
C ARG B 746 6.17 -49.61 5.66
N ILE B 747 5.71 -48.79 4.71
CA ILE B 747 6.62 -48.18 3.75
C ILE B 747 7.24 -46.89 4.26
N SER B 748 6.82 -46.38 5.42
CA SER B 748 7.33 -45.11 5.90
C SER B 748 8.51 -45.30 6.85
N GLY B 749 8.32 -46.04 7.93
CA GLY B 749 9.38 -46.27 8.88
C GLY B 749 8.82 -46.40 10.29
N GLU B 750 9.66 -46.06 11.27
CA GLU B 750 9.30 -46.20 12.67
C GLU B 750 8.25 -45.18 13.11
N ILE B 751 8.03 -44.13 12.34
CA ILE B 751 7.07 -43.08 12.68
C ILE B 751 6.03 -43.01 11.57
N CYS B 752 4.77 -42.96 11.96
CA CYS B 752 3.69 -42.89 10.97
C CYS B 752 3.85 -41.63 10.13
N PRO B 753 3.60 -41.70 8.82
CA PRO B 753 3.78 -40.54 7.96
C PRO B 753 2.61 -39.56 8.11
N THR B 754 2.81 -38.39 7.51
CA THR B 754 1.76 -37.37 7.48
C THR B 754 1.30 -37.07 6.05
N TYR B 755 2.23 -36.92 5.12
CA TYR B 755 1.90 -36.56 3.75
C TYR B 755 2.56 -37.54 2.79
N PHE B 756 1.97 -37.64 1.61
CA PHE B 756 2.55 -38.40 0.51
C PHE B 756 2.47 -37.57 -0.77
N THR B 757 3.54 -37.57 -1.53
CA THR B 757 3.61 -36.90 -2.81
C THR B 757 3.83 -37.93 -3.90
N TYR B 758 3.07 -37.83 -4.98
CA TYR B 758 3.14 -38.78 -6.07
C TYR B 758 3.66 -38.11 -7.33
N GLU B 759 4.46 -38.86 -8.08
CA GLU B 759 4.98 -38.42 -9.37
C GLU B 759 4.42 -39.33 -10.46
N VAL B 760 3.89 -38.74 -11.52
CA VAL B 760 3.25 -39.49 -12.58
C VAL B 760 4.16 -39.50 -13.81
N PRO B 761 4.95 -40.57 -14.01
CA PRO B 761 5.84 -40.59 -15.17
C PRO B 761 5.16 -40.99 -16.46
N GLU B 762 4.02 -41.68 -16.41
CA GLU B 762 3.35 -42.18 -17.59
C GLU B 762 1.90 -41.74 -17.58
N TYR B 763 1.52 -40.94 -18.58
CA TYR B 763 0.16 -40.46 -18.69
C TYR B 763 -0.28 -40.52 -20.15
N GLU B 764 -1.59 -40.59 -20.33
CA GLU B 764 -2.21 -40.72 -21.64
C GLU B 764 -3.14 -39.54 -21.89
N LYS B 765 -2.95 -38.86 -23.01
CA LYS B 765 -3.86 -37.78 -23.38
C LYS B 765 -5.17 -38.36 -23.91
N LEU B 766 -6.24 -37.60 -23.74
CA LEU B 766 -7.57 -38.02 -24.15
C LEU B 766 -8.10 -37.11 -25.26
N LYS B 767 -9.12 -37.61 -25.95
CA LYS B 767 -9.69 -36.86 -27.08
C LYS B 767 -10.32 -35.55 -26.61
N ASP B 768 -11.03 -35.58 -25.49
CA ASP B 768 -11.69 -34.38 -24.98
C ASP B 768 -10.71 -33.35 -24.43
N GLY B 769 -9.44 -33.70 -24.29
CA GLY B 769 -8.44 -32.80 -23.76
C GLY B 769 -7.92 -33.16 -22.39
N GLY B 770 -8.58 -34.05 -21.68
CA GLY B 770 -8.09 -34.49 -20.39
C GLY B 770 -6.88 -35.40 -20.51
N ILE B 771 -6.21 -35.60 -19.37
CA ILE B 771 -5.03 -36.42 -19.29
C ILE B 771 -5.29 -37.55 -18.30
N ARG B 772 -5.03 -38.78 -18.72
CA ARG B 772 -5.28 -39.94 -17.87
C ARG B 772 -3.95 -40.46 -17.33
N PRO B 773 -3.71 -40.38 -16.03
CA PRO B 773 -2.48 -40.97 -15.49
C PRO B 773 -2.49 -42.48 -15.64
N LEU B 774 -1.29 -43.04 -15.80
CA LEU B 774 -1.15 -44.49 -15.96
C LEU B 774 -0.27 -45.12 -14.89
N LYS B 775 0.47 -44.34 -14.11
CA LYS B 775 1.33 -44.89 -13.07
C LYS B 775 1.62 -43.80 -12.06
N PHE B 776 1.53 -44.16 -10.78
CA PHE B 776 1.84 -43.25 -9.68
C PHE B 776 3.06 -43.75 -8.93
N VAL B 777 4.04 -42.88 -8.72
CA VAL B 777 5.27 -43.21 -8.01
C VAL B 777 5.25 -42.42 -6.70
N PRO B 778 5.02 -43.06 -5.56
CA PRO B 778 4.99 -42.32 -4.30
C PRO B 778 6.35 -41.77 -3.93
N GLN B 779 6.35 -40.61 -3.27
CA GLN B 779 7.56 -39.98 -2.77
C GLN B 779 7.44 -39.80 -1.27
N ASN B 780 8.43 -40.27 -0.54
CA ASN B 780 8.44 -40.08 0.91
C ASN B 780 8.60 -38.61 1.25
N MET B 781 7.93 -38.20 2.32
CA MET B 781 7.94 -36.82 2.79
C MET B 781 8.63 -36.75 4.15
N PRO B 782 9.15 -35.59 4.52
CA PRO B 782 9.74 -35.43 5.86
C PRO B 782 8.69 -35.66 6.93
N TYR B 783 9.14 -36.10 8.09
CA TYR B 783 8.23 -36.37 9.20
C TYR B 783 7.59 -35.08 9.69
N PHE B 784 6.28 -35.12 9.91
CA PHE B 784 5.53 -34.04 10.51
C PHE B 784 4.92 -34.51 11.81
N LEU B 785 4.74 -33.58 12.75
CA LEU B 785 4.18 -33.94 14.04
C LEU B 785 2.69 -34.27 13.92
N GLU B 786 2.00 -33.70 12.94
CA GLU B 786 0.57 -33.91 12.82
C GLU B 786 0.21 -35.38 12.60
N GLY B 787 1.08 -36.12 11.91
CA GLY B 787 0.87 -37.52 11.66
C GLY B 787 0.65 -38.31 12.93
N PRO B 788 1.64 -38.34 13.81
CA PRO B 788 1.45 -39.02 15.10
C PRO B 788 0.32 -38.46 15.93
N VAL B 789 0.08 -37.15 15.85
CA VAL B 789 -1.02 -36.56 16.61
C VAL B 789 -2.35 -37.17 16.21
N ARG B 790 -2.60 -37.24 14.90
CA ARG B 790 -3.84 -37.85 14.43
C ARG B 790 -3.84 -39.35 14.69
N TYR B 791 -2.67 -40.00 14.60
CA TYR B 791 -2.61 -41.44 14.78
C TYR B 791 -2.96 -41.83 16.23
N LEU B 792 -2.54 -41.02 17.19
CA LEU B 792 -2.83 -41.34 18.59
C LEU B 792 -4.32 -41.33 18.90
N LYS B 793 -5.13 -40.72 18.05
CA LYS B 793 -6.58 -40.75 18.24
C LYS B 793 -7.19 -42.09 17.87
N LEU B 794 -6.50 -42.87 17.04
CA LEU B 794 -7.04 -44.15 16.60
C LEU B 794 -7.05 -45.15 17.75
N PRO B 795 -7.99 -46.09 17.74
CA PRO B 795 -8.04 -47.13 18.80
C PRO B 795 -7.05 -48.26 18.57
N VAL B 796 -5.79 -48.00 18.91
CA VAL B 796 -4.72 -48.96 18.73
C VAL B 796 -4.24 -49.41 20.12
N GLU B 797 -3.37 -50.42 20.12
CA GLU B 797 -2.88 -50.98 21.36
C GLU B 797 -2.04 -49.95 22.12
N GLN B 798 -2.09 -50.05 23.45
CA GLN B 798 -1.36 -49.10 24.29
C GLN B 798 0.15 -49.20 24.07
N GLY B 799 0.66 -50.43 23.98
CA GLY B 799 2.09 -50.60 23.74
C GLY B 799 2.55 -49.97 22.45
N GLU B 800 1.72 -50.06 21.41
CA GLU B 800 2.04 -49.41 20.15
C GLU B 800 2.09 -47.89 20.31
N LYS B 801 1.16 -47.32 21.08
CA LYS B 801 1.19 -45.89 21.34
C LYS B 801 2.45 -45.49 22.08
N ARG B 802 2.85 -46.27 23.08
CA ARG B 802 4.07 -45.94 23.82
C ARG B 802 5.31 -46.06 22.93
N ALA B 803 5.34 -47.08 22.07
CA ALA B 803 6.45 -47.22 21.13
C ALA B 803 6.52 -46.04 20.17
N LEU B 804 5.35 -45.60 19.68
CA LEU B 804 5.33 -44.42 18.82
C LEU B 804 5.82 -43.19 19.56
N TYR B 805 5.42 -43.03 20.83
CA TYR B 805 5.91 -41.92 21.62
C TYR B 805 7.43 -41.94 21.73
N GLU B 806 7.98 -43.12 22.03
CA GLU B 806 9.43 -43.23 22.15
C GLU B 806 10.12 -42.91 20.83
N ALA B 807 9.59 -43.43 19.71
CA ALA B 807 10.19 -43.17 18.42
C ALA B 807 10.16 -41.69 18.08
N VAL B 808 9.05 -41.02 18.38
CA VAL B 808 8.99 -39.57 18.15
C VAL B 808 10.00 -38.85 19.03
N LYS B 809 10.09 -39.25 20.29
CA LYS B 809 10.99 -38.55 21.21
C LYS B 809 12.45 -38.74 20.83
N GLU B 810 12.79 -39.84 20.18
CA GLU B 810 14.17 -40.10 19.77
C GLU B 810 14.41 -39.73 18.30
N SER B 811 13.48 -39.06 17.65
CA SER B 811 13.59 -38.71 16.26
C SER B 811 13.94 -37.24 16.09
N ASP B 812 13.92 -36.77 14.85
CA ASP B 812 14.20 -35.37 14.54
C ASP B 812 13.03 -34.45 14.89
N LEU B 813 11.87 -34.99 15.23
CA LEU B 813 10.73 -34.17 15.62
C LEU B 813 10.85 -33.61 17.03
N TYR B 814 11.78 -34.11 17.83
CA TYR B 814 11.93 -33.69 19.22
C TYR B 814 13.17 -32.81 19.34
N ASP B 815 12.97 -31.60 19.86
CA ASP B 815 14.07 -30.67 20.09
C ASP B 815 14.64 -30.96 21.47
N GLY B 816 15.81 -31.61 21.50
CA GLY B 816 16.40 -31.99 22.77
C GLY B 816 16.81 -30.80 23.62
N GLU B 817 17.38 -29.78 23.00
CA GLU B 817 17.84 -28.62 23.76
C GLU B 817 16.68 -27.89 24.44
N LEU B 818 15.58 -27.72 23.74
CA LEU B 818 14.42 -27.04 24.30
C LEU B 818 13.44 -28.00 24.98
N SER B 819 13.64 -29.30 24.83
CA SER B 819 12.71 -30.31 25.37
C SER B 819 11.29 -30.06 24.88
N MET B 820 11.17 -29.71 23.60
CA MET B 820 9.89 -29.45 22.96
C MET B 820 9.81 -30.23 21.65
N TYR B 821 8.61 -30.29 21.09
CA TYR B 821 8.36 -31.04 19.86
C TYR B 821 8.22 -30.08 18.69
N LYS B 822 8.97 -30.34 17.62
CA LYS B 822 8.95 -29.49 16.44
C LYS B 822 7.80 -29.89 15.52
N VAL B 823 7.33 -28.92 14.74
CA VAL B 823 6.18 -29.17 13.88
C VAL B 823 6.53 -30.14 12.76
N ASN B 824 7.75 -30.07 12.24
CA ASN B 824 8.17 -30.96 11.17
C ASN B 824 9.67 -31.18 11.26
N ALA B 825 10.13 -32.24 10.60
CA ALA B 825 11.55 -32.52 10.49
C ALA B 825 12.15 -31.64 9.41
N SER B 826 13.41 -31.87 9.08
CA SER B 826 14.09 -31.04 8.10
C SER B 826 13.49 -31.22 6.72
N LEU B 827 13.24 -30.10 6.03
CA LEU B 827 12.73 -30.10 4.67
C LEU B 827 13.81 -29.82 3.64
N ALA B 828 15.08 -29.87 4.04
CA ALA B 828 16.16 -29.40 3.17
C ALA B 828 16.23 -30.18 1.87
N ASP B 829 16.11 -31.51 1.95
CA ASP B 829 16.24 -32.35 0.77
C ASP B 829 14.93 -32.59 0.04
N SER B 830 13.84 -31.98 0.50
CA SER B 830 12.57 -32.12 -0.19
C SER B 830 12.52 -31.20 -1.41
N SER B 831 11.44 -31.30 -2.17
CA SER B 831 11.29 -30.49 -3.37
C SER B 831 11.03 -29.02 -3.01
N PHE B 832 11.48 -28.14 -3.89
CA PHE B 832 11.27 -26.71 -3.71
C PHE B 832 9.89 -26.25 -4.16
N GLU B 833 9.09 -27.14 -4.74
CA GLU B 833 7.75 -26.79 -5.20
C GLU B 833 6.71 -26.93 -4.09
N LEU B 834 7.12 -27.30 -2.88
CA LEU B 834 6.16 -27.52 -1.81
C LEU B 834 5.49 -26.22 -1.36
N GLY B 835 6.19 -25.10 -1.41
CA GLY B 835 5.57 -23.84 -1.07
C GLY B 835 6.39 -22.91 -0.22
N ARG B 836 5.72 -22.11 0.62
CA ARG B 836 6.41 -21.11 1.42
C ARG B 836 7.37 -21.73 2.43
N ALA B 837 7.05 -22.94 2.91
CA ALA B 837 7.89 -23.57 3.92
C ALA B 837 9.31 -23.78 3.41
N ARG B 838 9.48 -23.94 2.10
CA ARG B 838 10.80 -24.13 1.54
C ARG B 838 11.58 -22.82 1.44
N ALA B 839 10.91 -21.68 1.55
CA ALA B 839 11.56 -20.38 1.47
C ALA B 839 11.91 -19.82 2.84
N PHE B 840 11.65 -20.55 3.92
CA PHE B 840 11.92 -20.09 5.26
C PHE B 840 13.14 -20.82 5.82
N THR B 841 13.88 -20.12 6.68
CA THR B 841 14.97 -20.76 7.39
C THR B 841 14.40 -21.79 8.37
N PRO B 842 15.16 -22.85 8.67
CA PRO B 842 14.71 -23.79 9.69
C PRO B 842 14.50 -23.10 11.03
N GLY B 843 13.47 -23.52 11.74
CA GLY B 843 13.17 -22.94 13.03
C GLY B 843 12.56 -21.56 12.97
N TRP B 844 11.77 -21.27 11.94
CA TRP B 844 11.09 -19.98 11.84
C TRP B 844 9.74 -20.19 11.19
N LEU B 845 8.70 -19.57 11.76
CA LEU B 845 7.33 -19.75 11.31
C LEU B 845 6.98 -21.22 11.24
N GLU B 846 6.30 -21.64 10.16
CA GLU B 846 5.93 -23.04 9.99
C GLU B 846 7.03 -23.80 9.25
N ASN B 847 8.23 -23.79 9.84
CA ASN B 847 9.34 -24.52 9.23
C ASN B 847 10.27 -25.00 10.35
N GLU B 848 10.05 -26.24 10.78
CA GLU B 848 10.91 -26.90 11.76
C GLU B 848 11.02 -26.10 13.05
N SER B 849 9.94 -25.43 13.44
CA SER B 849 9.90 -24.66 14.67
C SER B 849 8.97 -25.35 15.67
N ILE B 850 8.93 -24.80 16.87
CA ILE B 850 8.04 -25.33 17.92
C ILE B 850 6.70 -24.64 17.72
N TRP B 851 5.91 -25.19 16.80
CA TRP B 851 4.57 -24.66 16.58
C TRP B 851 3.69 -25.06 17.74
N LEU B 852 3.24 -24.06 18.51
CA LEU B 852 2.62 -24.34 19.80
C LEU B 852 1.32 -25.11 19.63
N HIS B 853 0.57 -24.82 18.58
CA HIS B 853 -0.72 -25.50 18.39
C HIS B 853 -0.54 -27.00 18.23
N MET B 854 0.38 -27.41 17.35
CA MET B 854 0.57 -28.83 17.11
C MET B 854 1.19 -29.51 18.31
N GLU B 855 2.10 -28.83 19.01
CA GLU B 855 2.68 -29.41 20.22
C GLU B 855 1.62 -29.63 21.29
N TYR B 856 0.71 -28.67 21.46
CA TYR B 856 -0.37 -28.86 22.42
C TYR B 856 -1.32 -29.96 21.98
N LYS B 857 -1.55 -30.10 20.67
CA LYS B 857 -2.33 -31.23 20.19
C LYS B 857 -1.67 -32.54 20.56
N TYR B 858 -0.35 -32.63 20.38
CA TYR B 858 0.37 -33.86 20.72
C TYR B 858 0.29 -34.15 22.21
N LEU B 859 0.44 -33.12 23.04
CA LEU B 859 0.33 -33.32 24.49
C LEU B 859 -1.08 -33.76 24.87
N LEU B 860 -2.10 -33.18 24.25
CA LEU B 860 -3.46 -33.57 24.53
C LEU B 860 -3.71 -35.02 24.17
N GLU B 861 -3.16 -35.46 23.02
CA GLU B 861 -3.33 -36.86 22.64
C GLU B 861 -2.58 -37.78 23.59
N LEU B 862 -1.42 -37.36 24.08
CA LEU B 862 -0.72 -38.14 25.09
C LEU B 862 -1.56 -38.28 26.35
N LEU B 863 -2.20 -37.19 26.78
CA LEU B 863 -3.03 -37.23 27.96
C LEU B 863 -4.24 -38.13 27.75
N ARG B 864 -4.86 -38.07 26.58
CA ARG B 864 -6.07 -38.84 26.34
C ARG B 864 -5.78 -40.33 26.18
N SER B 865 -4.58 -40.68 25.74
CA SER B 865 -4.24 -42.08 25.51
C SER B 865 -3.77 -42.81 26.76
N GLY B 866 -3.60 -42.10 27.87
CA GLY B 866 -3.19 -42.74 29.11
C GLY B 866 -1.71 -42.71 29.40
N LEU B 867 -0.92 -42.03 28.58
CA LEU B 867 0.51 -41.89 28.85
C LEU B 867 0.71 -40.78 29.88
N TYR B 868 0.31 -41.09 31.12
CA TYR B 868 0.20 -40.06 32.14
C TYR B 868 1.57 -39.54 32.57
N GLU B 869 2.53 -40.44 32.81
CA GLU B 869 3.86 -39.99 33.21
C GLU B 869 4.52 -39.16 32.11
N GLU B 870 4.46 -39.66 30.88
CA GLU B 870 5.05 -38.93 29.77
C GLU B 870 4.34 -37.60 29.56
N PHE B 871 3.01 -37.59 29.67
CA PHE B 871 2.28 -36.33 29.54
C PHE B 871 2.69 -35.34 30.61
N PHE B 872 2.80 -35.79 31.86
CA PHE B 872 3.17 -34.89 32.94
C PHE B 872 4.56 -34.30 32.70
N ALA B 873 5.52 -35.16 32.35
CA ALA B 873 6.89 -34.68 32.14
C ALA B 873 6.95 -33.70 30.99
N ASP B 874 6.33 -34.04 29.85
CA ASP B 874 6.40 -33.16 28.70
C ASP B 874 5.62 -31.87 28.90
N PHE B 875 4.50 -31.93 29.64
CA PHE B 875 3.75 -30.73 29.94
C PHE B 875 4.55 -29.80 30.84
N LYS B 876 5.24 -30.35 31.83
CA LYS B 876 6.10 -29.53 32.67
C LYS B 876 7.23 -28.90 31.84
N LYS B 877 7.80 -29.67 30.93
CA LYS B 877 8.94 -29.17 30.18
C LYS B 877 8.56 -28.34 28.95
N ALA B 878 7.28 -28.23 28.62
CA ALA B 878 6.88 -27.56 27.39
C ALA B 878 5.77 -26.53 27.55
N ALA B 879 5.01 -26.54 28.63
CA ALA B 879 3.89 -25.61 28.76
C ALA B 879 4.40 -24.17 28.93
N ILE B 880 3.61 -23.24 28.38
CA ILE B 880 3.97 -21.82 28.48
C ILE B 880 4.09 -21.35 29.93
N PRO B 881 3.16 -21.65 30.84
CA PRO B 881 3.26 -21.09 32.19
C PRO B 881 4.49 -21.54 32.96
N PHE B 882 5.16 -22.60 32.55
CA PHE B 882 6.36 -23.06 33.21
C PHE B 882 7.64 -22.60 32.52
N GLN B 883 7.52 -21.76 31.50
CA GLN B 883 8.69 -21.26 30.79
C GLN B 883 9.39 -20.18 31.58
N ASN B 884 10.66 -19.95 31.24
CA ASN B 884 11.42 -18.87 31.83
C ASN B 884 11.19 -17.59 31.03
N PRO B 885 10.64 -16.54 31.63
CA PRO B 885 10.32 -15.33 30.84
C PRO B 885 11.52 -14.70 30.18
N GLU B 886 12.72 -14.86 30.74
CA GLU B 886 13.91 -14.31 30.11
C GLU B 886 14.16 -14.99 28.76
N ILE B 887 13.91 -16.29 28.68
CA ILE B 887 14.09 -17.02 27.43
C ILE B 887 12.85 -16.92 26.54
N TYR B 888 11.67 -17.02 27.14
CA TYR B 888 10.44 -16.95 26.36
C TYR B 888 10.28 -15.58 25.70
N GLY B 889 10.68 -14.53 26.38
CA GLY B 889 10.74 -13.20 25.80
C GLY B 889 9.50 -12.37 25.98
N ARG B 890 8.40 -12.94 26.48
CA ARG B 890 7.18 -12.18 26.74
C ARG B 890 6.57 -12.72 28.02
N SER B 891 5.38 -12.23 28.35
CA SER B 891 4.69 -12.71 29.54
C SER B 891 4.38 -14.19 29.40
N ILE B 892 4.67 -14.95 30.47
CA ILE B 892 4.42 -16.38 30.45
C ILE B 892 2.95 -16.72 30.64
N TYR B 893 2.09 -15.73 30.78
CA TYR B 893 0.65 -15.96 30.80
C TYR B 893 0.04 -15.96 29.41
N GLU B 894 0.81 -15.65 28.38
CA GLU B 894 0.30 -15.48 27.03
C GLU B 894 0.94 -16.51 26.10
N ASN B 895 0.16 -17.02 25.15
CA ASN B 895 0.66 -18.01 24.22
C ASN B 895 1.35 -17.32 23.04
N SER B 896 1.85 -18.14 22.11
CA SER B 896 2.45 -17.65 20.88
C SER B 896 2.18 -18.67 19.79
N SER B 897 2.23 -18.22 18.55
CA SER B 897 2.02 -19.14 17.44
C SER B 897 3.13 -20.18 17.37
N PHE B 898 4.37 -19.76 17.58
CA PHE B 898 5.49 -20.69 17.51
C PHE B 898 6.62 -20.21 18.40
N ILE B 899 7.51 -21.14 18.74
CA ILE B 899 8.74 -20.86 19.46
C ILE B 899 9.91 -21.25 18.56
N ALA B 900 10.86 -20.34 18.40
CA ALA B 900 12.02 -20.63 17.56
C ALA B 900 12.80 -21.81 18.13
N SER B 901 12.99 -22.83 17.30
CA SER B 901 13.60 -24.08 17.76
C SER B 901 15.11 -23.95 17.80
N SER B 902 15.77 -25.05 18.18
CA SER B 902 17.23 -25.06 18.27
C SER B 902 17.89 -24.97 16.91
N ARG B 903 17.17 -25.24 15.83
CA ARG B 903 17.72 -25.13 14.49
C ARG B 903 17.64 -23.71 13.93
N ASN B 904 17.09 -22.78 14.69
CA ASN B 904 17.07 -21.40 14.25
C ASN B 904 18.50 -20.86 14.20
N PRO B 905 18.89 -20.17 13.11
CA PRO B 905 20.28 -19.69 13.02
C PRO B 905 20.66 -18.67 14.07
N ASN B 906 19.69 -18.01 14.70
CA ASN B 906 20.00 -17.00 15.71
C ASN B 906 20.00 -17.66 17.09
N PRO B 907 21.16 -17.75 17.76
CA PRO B 907 21.16 -18.33 19.12
C PRO B 907 20.29 -17.56 20.09
N SER B 908 20.19 -16.25 19.94
CA SER B 908 19.38 -15.46 20.86
C SER B 908 17.90 -15.77 20.67
N CYS B 909 17.46 -15.99 19.44
CA CYS B 909 16.05 -16.23 19.17
C CYS B 909 15.58 -17.60 19.63
N ARG B 910 16.48 -18.52 19.93
CA ARG B 910 16.07 -19.87 20.32
C ARG B 910 15.32 -19.84 21.64
N GLY B 911 14.24 -20.61 21.70
CA GLY B 911 13.43 -20.67 22.90
C GLY B 911 12.52 -19.49 23.14
N ARG B 912 12.28 -18.68 22.12
CA ARG B 912 11.56 -17.42 22.26
C ARG B 912 10.31 -17.47 21.40
N GLY B 913 9.15 -17.22 22.00
CA GLY B 913 7.91 -17.16 21.23
C GLY B 913 7.76 -15.79 20.57
N PHE B 914 7.23 -15.80 19.35
CA PHE B 914 7.23 -14.59 18.53
C PHE B 914 5.84 -14.05 18.24
N VAL B 915 5.00 -14.79 17.53
CA VAL B 915 3.71 -14.24 17.11
C VAL B 915 2.81 -14.11 18.33
N ALA B 916 1.71 -13.38 18.19
CA ALA B 916 0.92 -12.95 19.34
C ALA B 916 0.20 -14.14 19.97
N ARG B 917 -0.66 -13.84 20.94
CA ARG B 917 -1.23 -14.82 21.84
C ARG B 917 -2.52 -15.43 21.33
N LEU B 918 -2.77 -15.40 20.04
CA LEU B 918 -4.02 -15.92 19.48
C LEU B 918 -3.76 -17.12 18.58
N SER B 919 -2.86 -17.99 19.00
CA SER B 919 -2.66 -19.24 18.30
C SER B 919 -3.82 -20.19 18.55
N GLY B 920 -3.83 -21.29 17.80
CA GLY B 920 -4.85 -22.29 18.01
C GLY B 920 -4.64 -23.18 19.20
N SER B 921 -3.53 -23.00 19.91
CA SER B 921 -3.21 -23.83 21.07
C SER B 921 -4.08 -23.51 22.27
N THR B 922 -4.83 -22.42 22.25
CA THR B 922 -5.65 -22.05 23.41
C THR B 922 -6.73 -23.10 23.67
N ILE B 923 -7.43 -23.53 22.62
CA ILE B 923 -8.47 -24.53 22.82
C ILE B 923 -7.86 -25.87 23.19
N GLU B 924 -6.66 -26.18 22.67
CA GLU B 924 -5.99 -27.40 23.07
C GLU B 924 -5.67 -27.38 24.56
N PHE B 925 -5.17 -26.26 25.07
CA PHE B 925 -4.91 -26.18 26.50
C PHE B 925 -6.20 -26.24 27.31
N ILE B 926 -7.28 -25.64 26.79
CA ILE B 926 -8.56 -25.71 27.51
C ILE B 926 -9.02 -27.15 27.61
N SER B 927 -8.91 -27.91 26.52
CA SER B 927 -9.27 -29.32 26.56
C SER B 927 -8.38 -30.09 27.53
N MET B 928 -7.08 -29.80 27.52
CA MET B 928 -6.17 -30.47 28.45
C MET B 928 -6.53 -30.15 29.90
N TRP B 929 -6.84 -28.89 30.18
CA TRP B 929 -7.22 -28.49 31.53
C TRP B 929 -8.48 -29.20 31.99
N LYS B 930 -9.49 -29.25 31.11
CA LYS B 930 -10.72 -29.94 31.46
C LYS B 930 -10.49 -31.42 31.70
N GLU B 931 -9.69 -32.05 30.84
CA GLU B 931 -9.40 -33.47 30.99
C GLU B 931 -8.65 -33.74 32.29
N MET B 932 -7.67 -32.91 32.62
CA MET B 932 -6.91 -33.09 33.85
C MET B 932 -7.78 -32.88 35.08
N MET B 933 -8.64 -31.86 35.06
CA MET B 933 -9.38 -31.52 36.26
C MET B 933 -10.55 -32.46 36.51
N PHE B 934 -11.22 -32.92 35.46
CA PHE B 934 -12.45 -33.69 35.65
C PHE B 934 -12.48 -35.04 34.95
N GLY B 935 -11.49 -35.38 34.14
CA GLY B 935 -11.49 -36.64 33.44
C GLY B 935 -12.14 -36.55 32.08
N ALA B 936 -12.09 -37.67 31.36
CA ALA B 936 -12.59 -37.71 30.00
C ALA B 936 -14.11 -37.60 29.95
N HIS B 937 -14.80 -38.34 30.81
CA HIS B 937 -16.26 -38.44 30.78
C HIS B 937 -16.81 -38.18 32.17
N PRO B 938 -16.99 -36.90 32.54
CA PRO B 938 -17.61 -36.61 33.84
C PRO B 938 -19.01 -37.17 33.97
N PHE B 939 -19.77 -37.23 32.88
CA PHE B 939 -21.12 -37.76 32.88
C PHE B 939 -21.17 -39.01 32.02
N ARG B 940 -21.76 -40.07 32.56
CA ARG B 940 -21.95 -41.32 31.84
C ARG B 940 -23.37 -41.80 32.05
N THR B 941 -23.87 -42.56 31.09
CA THR B 941 -25.23 -43.08 31.12
C THR B 941 -25.17 -44.57 31.38
N GLU B 942 -25.40 -44.95 32.64
CA GLU B 942 -25.42 -46.36 33.05
C GLU B 942 -26.84 -46.71 33.51
N GLN B 943 -27.38 -47.80 32.98
CA GLN B 943 -28.74 -48.24 33.28
C GLN B 943 -29.75 -47.13 33.01
N GLU B 944 -29.70 -46.62 31.78
CA GLU B 944 -30.57 -45.56 31.25
C GLU B 944 -30.83 -44.45 32.26
N GLU B 945 -29.80 -44.04 32.99
CA GLU B 945 -29.90 -42.90 33.89
C GLU B 945 -28.56 -42.19 33.92
N LEU B 946 -28.59 -40.92 34.28
CA LEU B 946 -27.39 -40.10 34.30
C LEU B 946 -26.54 -40.45 35.52
N VAL B 947 -25.24 -40.64 35.30
CA VAL B 947 -24.30 -40.96 36.35
C VAL B 947 -23.14 -39.97 36.27
N PHE B 948 -22.76 -39.40 37.40
CA PHE B 948 -21.71 -38.40 37.48
C PHE B 948 -20.55 -38.93 38.31
N SER B 949 -19.34 -38.81 37.78
CA SER B 949 -18.14 -39.22 38.50
C SER B 949 -16.97 -38.39 38.01
N LEU B 950 -15.99 -38.20 38.89
CA LEU B 950 -14.81 -37.39 38.61
C LEU B 950 -13.58 -38.27 38.62
N ALA B 951 -12.75 -38.14 37.58
CA ALA B 951 -11.50 -38.88 37.47
C ALA B 951 -10.39 -37.91 37.10
N PRO B 952 -9.94 -37.09 38.05
CA PRO B 952 -8.87 -36.14 37.75
C PRO B 952 -7.53 -36.83 37.53
N ALA B 953 -6.67 -36.16 36.77
CA ALA B 953 -5.30 -36.59 36.53
C ALA B 953 -4.40 -35.40 36.83
N ILE B 954 -4.00 -35.27 38.08
CA ILE B 954 -3.27 -34.10 38.57
C ILE B 954 -1.83 -34.51 38.86
N PRO B 955 -0.84 -33.86 38.25
CA PRO B 955 0.55 -34.16 38.58
C PRO B 955 0.92 -33.60 39.95
N ALA B 956 2.07 -34.05 40.45
CA ALA B 956 2.50 -33.66 41.79
C ALA B 956 2.79 -32.17 41.87
N TYR B 957 3.23 -31.55 40.77
CA TYR B 957 3.65 -30.16 40.83
C TYR B 957 2.50 -29.16 40.76
N LEU B 958 1.26 -29.64 40.61
CA LEU B 958 0.11 -28.75 40.66
C LEU B 958 -0.59 -28.76 42.01
N ILE B 959 -0.31 -29.75 42.86
CA ILE B 959 -0.96 -29.89 44.15
C ILE B 959 -0.34 -28.91 45.15
N PRO B 960 -1.13 -28.06 45.79
CA PRO B 960 -0.57 -27.09 46.74
C PRO B 960 -0.02 -27.76 47.99
N GLU B 961 0.58 -26.95 48.87
CA GLU B 961 1.16 -27.49 50.09
C GLU B 961 0.09 -28.13 50.98
N ASP B 962 -1.07 -27.47 51.11
CA ASP B 962 -2.14 -28.00 51.93
C ASP B 962 -2.93 -29.09 51.22
N GLY B 963 -2.66 -29.35 49.95
CA GLY B 963 -3.30 -30.42 49.23
C GLY B 963 -4.70 -30.11 48.73
N ARG B 964 -5.14 -28.87 48.81
CA ARG B 964 -6.47 -28.47 48.36
C ARG B 964 -6.35 -27.79 47.01
N LEU B 965 -6.85 -28.45 45.96
CA LEU B 965 -6.86 -27.91 44.62
C LEU B 965 -8.30 -27.69 44.19
N SER B 966 -8.59 -26.53 43.62
CA SER B 966 -9.94 -26.17 43.23
C SER B 966 -9.98 -25.76 41.77
N ALA B 967 -11.12 -26.05 41.13
CA ALA B 967 -11.33 -25.70 39.74
C ALA B 967 -12.82 -25.48 39.51
N ALA B 968 -13.13 -24.75 38.45
CA ALA B 968 -14.51 -24.44 38.10
C ALA B 968 -15.07 -25.49 37.16
N PHE B 969 -16.21 -26.07 37.54
CA PHE B 969 -16.85 -27.12 36.77
C PHE B 969 -18.07 -26.55 36.06
N MET B 970 -18.02 -26.54 34.73
CA MET B 970 -19.08 -25.99 33.89
C MET B 970 -19.35 -24.53 34.22
N SER B 971 -18.30 -23.81 34.59
CA SER B 971 -18.31 -22.36 34.79
C SER B 971 -19.23 -21.91 35.93
N LYS B 972 -19.84 -22.85 36.63
CA LYS B 972 -20.74 -22.47 37.72
C LYS B 972 -20.42 -23.17 39.02
N THR B 973 -19.99 -24.43 38.98
CA THR B 973 -19.75 -25.21 40.18
C THR B 973 -18.26 -25.25 40.48
N THR B 974 -17.91 -25.02 41.73
CA THR B 974 -16.52 -25.05 42.19
C THR B 974 -16.24 -26.42 42.80
N VAL B 975 -15.25 -27.12 42.26
CA VAL B 975 -14.87 -28.45 42.72
C VAL B 975 -13.57 -28.28 43.50
N CYS B 976 -13.61 -28.55 44.81
CA CYS B 976 -12.47 -28.39 45.69
C CYS B 976 -11.94 -29.78 46.05
N TYR B 977 -10.93 -30.22 45.32
CA TYR B 977 -10.29 -31.50 45.62
C TYR B 977 -9.43 -31.39 46.87
N GLU B 978 -9.26 -32.53 47.54
CA GLU B 978 -8.32 -32.65 48.65
C GLU B 978 -7.61 -33.98 48.51
N PHE B 979 -6.28 -33.94 48.44
CA PHE B 979 -5.47 -35.12 48.15
C PHE B 979 -4.74 -35.57 49.41
N GLY B 980 -4.63 -36.89 49.59
CA GLY B 980 -3.99 -37.41 50.77
C GLY B 980 -2.53 -37.03 50.88
N GLY B 981 -1.79 -37.09 49.77
CA GLY B 981 -0.39 -36.78 49.79
C GLY B 981 0.06 -36.21 48.46
N HIS B 982 1.29 -35.69 48.45
CA HIS B 982 1.85 -35.09 47.25
C HIS B 982 2.41 -36.19 46.36
N ARG B 983 1.71 -36.45 45.26
CA ARG B 983 2.09 -37.47 44.29
C ARG B 983 1.26 -37.26 43.04
N ASP B 984 1.62 -37.98 41.98
CA ASP B 984 0.85 -37.95 40.75
C ASP B 984 -0.40 -38.80 40.91
N TYR B 985 -1.57 -38.20 40.70
CA TYR B 985 -2.84 -38.90 40.87
C TYR B 985 -3.32 -39.37 39.50
N VAL B 986 -2.68 -40.44 39.02
CA VAL B 986 -3.09 -41.10 37.79
C VAL B 986 -4.41 -41.83 38.02
N PRO B 987 -5.38 -41.74 37.11
CA PRO B 987 -6.62 -42.51 37.29
C PRO B 987 -6.33 -44.00 37.41
N GLY B 988 -7.03 -44.65 38.34
CA GLY B 988 -6.76 -46.02 38.68
C GLY B 988 -5.76 -46.21 39.79
N THR B 989 -5.03 -45.16 40.17
CA THR B 989 -4.08 -45.22 41.27
C THR B 989 -4.63 -44.62 42.55
N TYR B 990 -5.91 -44.30 42.59
CA TYR B 990 -6.54 -43.71 43.76
C TYR B 990 -8.03 -44.06 43.74
N ARG B 991 -8.74 -43.61 44.77
CA ARG B 991 -10.18 -43.79 44.85
C ARG B 991 -10.78 -42.58 45.54
N ILE B 992 -11.97 -42.18 45.10
CA ILE B 992 -12.67 -41.04 45.70
C ILE B 992 -13.36 -41.54 46.96
N ARG B 993 -12.93 -41.01 48.12
CA ARG B 993 -13.49 -41.46 49.39
C ARG B 993 -14.94 -41.01 49.53
N HIS B 994 -15.19 -39.73 49.28
CA HIS B 994 -16.54 -39.17 49.41
C HIS B 994 -16.55 -37.79 48.77
N MET B 995 -17.73 -37.34 48.40
CA MET B 995 -17.93 -36.00 47.85
C MET B 995 -19.12 -35.34 48.53
N VAL B 996 -18.97 -34.06 48.85
CA VAL B 996 -19.99 -33.29 49.55
C VAL B 996 -20.46 -32.17 48.63
N PHE B 997 -21.77 -32.00 48.55
CA PHE B 997 -22.37 -31.02 47.66
C PHE B 997 -23.00 -29.89 48.47
N PHE B 998 -22.76 -28.66 48.03
CA PHE B 998 -23.35 -27.47 48.64
C PHE B 998 -24.27 -26.83 47.61
N TYR B 999 -25.57 -26.91 47.84
CA TYR B 999 -26.55 -26.38 46.90
C TYR B 999 -26.59 -24.86 46.96
N GLU B 1000 -27.15 -24.26 45.91
CA GLU B 1000 -27.34 -22.81 45.89
C GLU B 1000 -28.32 -22.38 46.97
N ASN B 1001 -29.34 -23.19 47.23
CA ASN B 1001 -30.33 -22.86 48.25
C ASN B 1001 -29.79 -23.01 49.66
N GLY B 1002 -28.58 -23.56 49.82
CA GLY B 1002 -27.94 -23.67 51.11
C GLY B 1002 -27.95 -25.07 51.70
N SER B 1003 -28.79 -25.95 51.20
CA SER B 1003 -28.83 -27.32 51.69
C SER B 1003 -27.58 -28.08 51.24
N GLN B 1004 -27.13 -29.01 52.08
CA GLN B 1004 -25.96 -29.81 51.81
C GLN B 1004 -26.34 -31.27 51.62
N ALA B 1005 -25.62 -31.93 50.72
CA ALA B 1005 -25.76 -33.36 50.51
C ALA B 1005 -24.38 -33.98 50.39
N THR B 1006 -24.16 -35.06 51.12
CA THR B 1006 -22.88 -35.76 51.12
C THR B 1006 -23.06 -37.18 50.63
N VAL B 1007 -22.18 -37.61 49.73
CA VAL B 1007 -22.22 -38.95 49.17
C VAL B 1007 -20.91 -39.65 49.51
N GLU B 1008 -21.01 -40.79 50.19
CA GLU B 1008 -19.83 -41.57 50.57
C GLU B 1008 -19.58 -42.60 49.47
N GLY B 1009 -18.78 -42.21 48.50
CA GLY B 1009 -18.49 -43.09 47.38
C GLY B 1009 -17.70 -42.36 46.31
N GLU B 1010 -17.83 -42.86 45.08
CA GLU B 1010 -17.10 -42.30 43.94
C GLU B 1010 -18.04 -41.84 42.84
N LYS B 1011 -19.29 -42.31 42.82
CA LYS B 1011 -20.21 -41.98 41.74
C LYS B 1011 -21.56 -41.62 42.33
N VAL B 1012 -22.27 -40.72 41.64
CA VAL B 1012 -23.64 -40.38 41.98
C VAL B 1012 -24.48 -40.55 40.72
N SER B 1013 -25.78 -40.73 40.92
CA SER B 1013 -26.68 -41.00 39.81
C SER B 1013 -28.05 -40.39 40.09
N GLY B 1014 -28.77 -40.12 39.02
CA GLY B 1014 -30.14 -39.64 39.13
C GLY B 1014 -30.27 -38.16 39.46
N LYS B 1015 -30.96 -37.88 40.56
CA LYS B 1015 -31.24 -36.50 40.92
C LYS B 1015 -29.98 -35.71 41.20
N LEU B 1016 -29.02 -36.31 41.91
CA LEU B 1016 -27.77 -35.62 42.21
C LEU B 1016 -27.02 -35.26 40.93
N ALA B 1017 -26.91 -36.20 40.00
CA ALA B 1017 -26.20 -35.94 38.76
C ALA B 1017 -26.92 -34.87 37.94
N GLU B 1018 -28.25 -34.95 37.87
CA GLU B 1018 -29.00 -33.96 37.11
C GLU B 1018 -28.83 -32.57 37.72
N ASP B 1019 -28.84 -32.47 39.04
CA ASP B 1019 -28.62 -31.18 39.70
C ASP B 1019 -27.21 -30.67 39.42
N ILE B 1020 -26.22 -31.56 39.42
CA ILE B 1020 -24.85 -31.15 39.11
C ILE B 1020 -24.78 -30.57 37.71
N ARG B 1021 -25.40 -31.26 36.74
CA ARG B 1021 -25.35 -30.77 35.37
C ARG B 1021 -26.19 -29.51 35.17
N ALA B 1022 -27.25 -29.36 35.96
CA ALA B 1022 -28.14 -28.21 35.80
C ALA B 1022 -27.63 -26.96 36.51
N GLY B 1023 -26.50 -27.04 37.19
CA GLY B 1023 -25.93 -25.87 37.83
C GLY B 1023 -26.61 -25.48 39.13
N ARG B 1024 -27.23 -26.43 39.83
CA ARG B 1024 -27.90 -26.14 41.09
C ARG B 1024 -27.04 -26.48 42.30
N VAL B 1025 -25.77 -26.81 42.10
CA VAL B 1025 -24.84 -27.07 43.19
C VAL B 1025 -23.74 -26.01 43.14
N ARG B 1026 -23.59 -25.26 44.22
CA ARG B 1026 -22.64 -24.15 44.22
C ARG B 1026 -21.20 -24.66 44.32
N LYS B 1027 -20.96 -25.65 45.18
CA LYS B 1027 -19.60 -26.10 45.46
C LYS B 1027 -19.60 -27.58 45.76
N MET B 1028 -18.52 -28.25 45.34
CA MET B 1028 -18.30 -29.66 45.62
C MET B 1028 -16.97 -29.81 46.33
N GLU B 1029 -16.98 -30.50 47.47
CA GLU B 1029 -15.77 -30.83 48.20
C GLU B 1029 -15.52 -32.33 48.06
N VAL B 1030 -14.43 -32.68 47.39
CA VAL B 1030 -14.12 -34.07 47.06
C VAL B 1030 -12.82 -34.45 47.75
N ALA B 1031 -12.84 -35.56 48.47
CA ALA B 1031 -11.68 -36.11 49.14
C ALA B 1031 -11.12 -37.25 48.31
N VAL B 1032 -9.84 -37.15 47.96
CA VAL B 1032 -9.21 -38.08 47.03
C VAL B 1032 -8.23 -38.96 47.80
N ASP B 1033 -8.44 -40.28 47.72
CA ASP B 1033 -7.49 -41.29 48.19
C ASP B 1033 -7.33 -41.29 49.70
N LEU B 1034 -7.96 -40.34 50.38
CA LEU B 1034 -7.86 -40.24 51.83
C LEU B 1034 -8.96 -39.29 52.31
N GLU B 1035 -9.21 -39.33 53.61
CA GLU B 1035 -10.19 -38.43 54.20
C GLU B 1035 -9.66 -37.01 54.32
N HIS B 1036 -8.36 -36.85 54.54
CA HIS B 1036 -7.77 -35.54 54.70
C HIS B 1036 -6.31 -35.59 54.22
N HIS B 1037 -5.78 -34.43 53.89
CA HIS B 1037 -4.39 -34.33 53.46
C HIS B 1037 -3.44 -34.68 54.60
N HIS B 1038 -2.44 -35.50 54.30
CA HIS B 1038 -1.42 -35.89 55.26
C HIS B 1038 -0.05 -35.65 54.65
N HIS B 1039 0.78 -34.89 55.34
CA HIS B 1039 2.14 -34.61 54.85
C HIS B 1039 3.04 -35.82 55.01
#